data_2E7S
#
_entry.id   2E7S
#
_cell.length_a   101.937
_cell.length_b   176.569
_cell.length_c   181.453
_cell.angle_alpha   90.00
_cell.angle_beta   90.00
_cell.angle_gamma   90.00
#
_symmetry.space_group_name_H-M   'P 1 21 1'
#
loop_
_entity.id
_entity.type
_entity.pdbx_description
1 polymer 'Rab guanine nucleotide exchange factor SEC2'
2 water water
#
_entity_poly.entity_id   1
_entity_poly.type   'polypeptide(L)'
_entity_poly.pdbx_seq_one_letter_code
;GPLGSLEEQLNKSLKTIASQKAAIENYNQLKEDYNTLKRELSDRDDEVKRLREDIAKENELRTKAEEEADKLNKEVEDLT
ASLFDEANNLVADAR(MSE)EKYAIEILNKRLTEQLREKD(MSE)LLDTLTLQLKNLKKVMHS
;
_entity_poly.pdbx_strand_id   A,B,C,D,E,F,G,H,I,J,K,L,M,N,O,P,Q,R,S,T
#
# COMPACT_ATOMS: atom_id res chain seq x y z
N LEU A 6 38.15 -23.66 84.32
CA LEU A 6 38.52 -23.74 82.88
C LEU A 6 37.31 -24.08 82.01
N GLU A 7 36.17 -23.45 82.31
CA GLU A 7 34.93 -23.67 81.53
C GLU A 7 34.95 -22.75 80.31
N GLU A 8 35.65 -21.63 80.47
CA GLU A 8 35.79 -20.67 79.40
C GLU A 8 36.70 -21.32 78.37
N GLN A 9 37.85 -21.81 78.84
CA GLN A 9 38.85 -22.47 77.99
C GLN A 9 38.32 -23.83 77.51
N LEU A 10 37.26 -24.31 78.15
CA LEU A 10 36.65 -25.58 77.80
C LEU A 10 35.62 -25.41 76.70
N ASN A 11 35.20 -24.17 76.46
CA ASN A 11 34.22 -23.92 75.43
C ASN A 11 34.85 -23.53 74.09
N LYS A 12 35.41 -22.33 74.00
CA LYS A 12 36.03 -21.85 72.77
C LYS A 12 36.87 -22.91 72.09
N SER A 13 37.71 -23.59 72.87
CA SER A 13 38.57 -24.64 72.32
C SER A 13 37.72 -25.72 71.63
N LEU A 14 36.60 -26.10 72.24
CA LEU A 14 35.70 -27.12 71.68
C LEU A 14 34.98 -26.60 70.44
N LYS A 15 34.72 -25.30 70.41
CA LYS A 15 34.05 -24.68 69.27
C LYS A 15 35.08 -24.47 68.15
N THR A 16 36.27 -24.02 68.53
CA THR A 16 37.36 -23.79 67.59
C THR A 16 37.68 -25.11 66.90
N ILE A 17 37.63 -26.18 67.67
CA ILE A 17 37.88 -27.49 67.15
C ILE A 17 36.70 -27.95 66.33
N ALA A 18 35.50 -27.68 66.84
CA ALA A 18 34.27 -28.08 66.14
C ALA A 18 34.26 -27.56 64.72
N SER A 19 34.63 -26.29 64.55
CA SER A 19 34.67 -25.66 63.24
C SER A 19 35.89 -26.11 62.44
N GLN A 20 36.90 -26.62 63.11
CA GLN A 20 38.06 -27.11 62.41
C GLN A 20 37.61 -28.38 61.68
N LYS A 21 36.99 -29.31 62.42
CA LYS A 21 36.49 -30.56 61.84
C LYS A 21 35.63 -30.21 60.63
N ALA A 22 34.50 -29.55 60.87
CA ALA A 22 33.58 -29.13 59.81
C ALA A 22 34.33 -28.47 58.66
N ALA A 23 35.43 -27.79 59.00
CA ALA A 23 36.23 -27.15 57.98
C ALA A 23 36.84 -28.23 57.09
N ILE A 24 37.51 -29.19 57.70
CA ILE A 24 38.13 -30.28 56.95
C ILE A 24 37.03 -31.08 56.26
N GLU A 25 36.11 -31.63 57.06
CA GLU A 25 35.00 -32.43 56.57
C GLU A 25 34.58 -31.94 55.19
N ASN A 26 34.47 -30.62 55.01
CA ASN A 26 34.10 -30.04 53.72
C ASN A 26 34.99 -30.56 52.59
N TYR A 27 36.26 -30.20 52.67
CA TYR A 27 37.24 -30.61 51.66
C TYR A 27 37.24 -32.13 51.44
N ASN A 28 37.13 -32.92 52.50
CA ASN A 28 37.16 -34.37 52.32
C ASN A 28 35.97 -34.98 51.63
N GLN A 29 34.76 -34.54 51.98
CA GLN A 29 33.60 -35.08 51.31
C GLN A 29 33.43 -34.36 49.96
N LEU A 30 34.29 -33.37 49.67
CA LEU A 30 34.23 -32.66 48.39
C LEU A 30 35.26 -33.25 47.42
N LYS A 31 36.48 -33.44 47.89
CA LYS A 31 37.54 -34.01 47.06
C LYS A 31 37.01 -35.40 46.74
N GLU A 32 36.36 -36.00 47.72
CA GLU A 32 35.78 -37.32 47.57
C GLU A 32 34.76 -37.31 46.42
N ASP A 33 33.99 -36.23 46.30
CA ASP A 33 32.99 -36.10 45.23
C ASP A 33 33.64 -35.59 43.95
N TYR A 34 34.93 -35.30 44.00
CA TYR A 34 35.63 -34.83 42.83
C TYR A 34 36.21 -36.00 42.10
N ASN A 35 36.96 -36.81 42.83
CA ASN A 35 37.58 -38.00 42.27
C ASN A 35 36.51 -38.84 41.60
N THR A 36 35.27 -38.66 42.06
CA THR A 36 34.11 -39.37 41.52
C THR A 36 33.73 -38.81 40.15
N LEU A 37 33.62 -37.49 40.04
CA LEU A 37 33.28 -36.86 38.78
C LEU A 37 34.35 -37.16 37.74
N LYS A 38 35.61 -36.97 38.13
CA LYS A 38 36.70 -37.24 37.22
C LYS A 38 36.71 -38.69 36.75
N ARG A 39 36.04 -39.58 37.50
CA ARG A 39 35.96 -41.02 37.15
C ARG A 39 34.91 -41.24 36.09
N GLU A 40 33.68 -40.83 36.38
CA GLU A 40 32.61 -40.98 35.42
C GLU A 40 32.97 -40.23 34.15
N LEU A 41 33.49 -39.03 34.26
CA LEU A 41 33.84 -38.29 33.06
C LEU A 41 34.84 -39.10 32.29
N SER A 42 35.44 -40.09 32.92
CA SER A 42 36.41 -40.94 32.23
C SER A 42 35.82 -42.30 31.96
N ASP A 43 34.56 -42.48 32.36
CA ASP A 43 33.83 -43.72 32.13
C ASP A 43 32.85 -43.43 30.98
N ARG A 44 32.66 -42.16 30.65
CA ARG A 44 31.79 -41.78 29.55
C ARG A 44 32.67 -41.53 28.34
N ASP A 45 33.94 -41.27 28.56
CA ASP A 45 34.83 -41.08 27.42
C ASP A 45 34.91 -42.44 26.78
N ASP A 46 34.76 -43.48 27.59
CA ASP A 46 34.80 -44.85 27.11
C ASP A 46 33.50 -45.20 26.39
N GLU A 47 32.38 -44.87 27.01
CA GLU A 47 31.06 -45.12 26.45
C GLU A 47 30.82 -44.29 25.19
N VAL A 48 31.69 -43.35 24.88
CA VAL A 48 31.54 -42.54 23.67
C VAL A 48 32.58 -42.96 22.65
N LYS A 49 33.69 -43.51 23.12
CA LYS A 49 34.74 -43.98 22.22
C LYS A 49 34.31 -45.35 21.72
N ARG A 50 33.38 -45.97 22.45
CA ARG A 50 32.86 -47.28 22.07
C ARG A 50 31.80 -47.05 21.00
N LEU A 51 30.95 -46.06 21.23
CA LEU A 51 29.88 -45.73 20.27
C LEU A 51 30.50 -45.34 18.94
N ARG A 52 31.42 -44.39 18.97
CA ARG A 52 32.08 -43.95 17.75
C ARG A 52 32.98 -45.04 17.17
N GLU A 53 33.05 -46.19 17.85
CA GLU A 53 33.86 -47.31 17.37
C GLU A 53 32.98 -48.26 16.60
N ASP A 54 31.69 -48.25 16.92
CA ASP A 54 30.72 -49.10 16.26
C ASP A 54 30.19 -48.46 15.00
N ILE A 55 29.78 -47.20 15.09
CA ILE A 55 29.27 -46.49 13.93
C ILE A 55 30.36 -46.44 12.86
N ALA A 56 31.53 -46.98 13.17
CA ALA A 56 32.65 -47.02 12.24
C ALA A 56 32.65 -48.34 11.48
N LYS A 57 32.68 -49.44 12.24
CA LYS A 57 32.70 -50.78 11.66
C LYS A 57 31.31 -51.08 11.16
N GLU A 58 30.32 -50.45 11.76
CA GLU A 58 28.92 -50.66 11.36
C GLU A 58 28.63 -49.91 10.09
N ASN A 59 29.31 -48.81 9.85
CA ASN A 59 29.09 -48.06 8.62
C ASN A 59 30.06 -48.53 7.55
N GLU A 60 31.08 -49.25 7.97
CA GLU A 60 32.06 -49.79 7.02
C GLU A 60 31.56 -51.17 6.56
N LEU A 61 30.52 -51.65 7.23
CA LEU A 61 29.92 -52.93 6.90
C LEU A 61 28.68 -52.69 6.07
N ARG A 62 28.14 -51.47 6.16
CA ARG A 62 26.97 -51.10 5.36
C ARG A 62 27.55 -50.83 3.99
N THR A 63 28.84 -50.51 3.97
CA THR A 63 29.58 -50.21 2.74
C THR A 63 29.59 -51.40 1.75
N LYS A 64 30.27 -52.48 2.12
CA LYS A 64 30.34 -53.64 1.25
C LYS A 64 28.96 -54.23 0.99
N ALA A 65 28.11 -54.26 2.02
CA ALA A 65 26.77 -54.80 1.85
C ALA A 65 25.92 -53.95 0.92
N GLU A 66 26.44 -52.78 0.56
CA GLU A 66 25.74 -51.87 -0.35
C GLU A 66 26.44 -51.82 -1.70
N GLU A 67 27.69 -52.22 -1.74
CA GLU A 67 28.46 -52.22 -2.97
C GLU A 67 28.25 -53.52 -3.72
N GLU A 68 28.35 -54.63 -3.00
CA GLU A 68 28.14 -55.92 -3.61
C GLU A 68 26.65 -56.15 -3.66
N ALA A 69 25.91 -55.06 -3.70
CA ALA A 69 24.46 -55.14 -3.79
C ALA A 69 24.09 -54.66 -5.19
N ASP A 70 24.87 -53.72 -5.72
CA ASP A 70 24.66 -53.20 -7.08
C ASP A 70 25.52 -54.06 -8.00
N LYS A 71 26.58 -54.66 -7.43
CA LYS A 71 27.47 -55.53 -8.17
C LYS A 71 26.65 -56.77 -8.55
N LEU A 72 25.45 -56.84 -7.97
CA LEU A 72 24.51 -57.95 -8.18
C LEU A 72 23.46 -57.63 -9.23
N ASN A 73 22.74 -56.53 -9.03
CA ASN A 73 21.71 -56.14 -9.97
C ASN A 73 22.20 -55.93 -11.38
N LYS A 74 23.48 -55.68 -11.56
CA LYS A 74 23.98 -55.50 -12.92
C LYS A 74 24.39 -56.83 -13.51
N GLU A 75 24.67 -57.82 -12.67
CA GLU A 75 25.03 -59.14 -13.16
C GLU A 75 23.72 -59.91 -13.31
N VAL A 76 22.62 -59.24 -12.98
CA VAL A 76 21.27 -59.79 -13.09
C VAL A 76 20.59 -59.04 -14.23
N GLU A 77 20.82 -57.74 -14.27
CA GLU A 77 20.24 -56.91 -15.31
C GLU A 77 20.80 -57.40 -16.64
N ASP A 78 22.11 -57.64 -16.69
CA ASP A 78 22.79 -58.10 -17.91
C ASP A 78 22.28 -59.45 -18.32
N LEU A 79 22.08 -60.30 -17.33
CA LEU A 79 21.58 -61.64 -17.55
C LEU A 79 20.19 -61.56 -18.16
N THR A 80 19.31 -60.86 -17.48
CA THR A 80 17.93 -60.70 -17.91
C THR A 80 17.78 -60.19 -19.34
N ALA A 81 18.22 -58.97 -19.59
CA ALA A 81 18.12 -58.41 -20.92
C ALA A 81 18.87 -59.22 -21.99
N SER A 82 19.83 -60.07 -21.60
CA SER A 82 20.58 -60.89 -22.56
C SER A 82 19.76 -62.10 -22.95
N LEU A 83 18.94 -62.55 -22.02
CA LEU A 83 18.05 -63.66 -22.25
C LEU A 83 16.95 -63.18 -23.20
N PHE A 84 16.49 -61.95 -22.98
CA PHE A 84 15.43 -61.32 -23.76
C PHE A 84 15.81 -61.03 -25.20
N ASP A 85 17.09 -60.94 -25.52
CA ASP A 85 17.47 -60.70 -26.92
C ASP A 85 17.55 -62.01 -27.65
N GLU A 86 17.96 -63.07 -26.98
CA GLU A 86 18.02 -64.36 -27.64
C GLU A 86 16.60 -64.74 -28.00
N ALA A 87 15.67 -64.40 -27.11
CA ALA A 87 14.25 -64.68 -27.28
C ALA A 87 13.59 -63.85 -28.34
N ASN A 88 14.15 -62.69 -28.62
CA ASN A 88 13.57 -61.84 -29.66
C ASN A 88 14.29 -62.07 -30.92
N ASN A 89 15.60 -62.17 -30.87
CA ASN A 89 16.34 -62.42 -32.08
C ASN A 89 15.82 -63.78 -32.59
N LEU A 90 15.34 -64.62 -31.68
CA LEU A 90 14.83 -65.93 -32.06
C LEU A 90 13.49 -65.84 -32.79
N VAL A 91 12.43 -65.50 -32.07
CA VAL A 91 11.12 -65.39 -32.68
C VAL A 91 11.18 -64.55 -33.92
N ALA A 92 12.05 -63.55 -33.91
CA ALA A 92 12.20 -62.65 -35.06
C ALA A 92 12.59 -63.40 -36.33
N ASP A 93 13.83 -63.88 -36.37
CA ASP A 93 14.36 -64.62 -37.52
C ASP A 93 13.89 -66.09 -37.61
N ALA A 94 13.09 -66.53 -36.65
CA ALA A 94 12.55 -67.88 -36.68
C ALA A 94 11.31 -67.79 -37.53
N ARG A 95 10.92 -66.56 -37.83
CA ARG A 95 9.75 -66.33 -38.66
C ARG A 95 10.21 -66.10 -40.07
N GLU A 97 12.51 -67.82 -41.45
CA GLU A 97 12.68 -69.16 -41.96
C GLU A 97 11.35 -69.87 -42.13
N LYS A 98 10.26 -69.25 -41.69
CA LYS A 98 8.93 -69.85 -41.83
C LYS A 98 8.42 -69.51 -43.24
N TYR A 99 8.31 -68.21 -43.54
CA TYR A 99 7.83 -67.78 -44.85
C TYR A 99 8.80 -68.17 -45.97
N ALA A 100 10.07 -68.42 -45.62
CA ALA A 100 11.10 -68.82 -46.58
C ALA A 100 10.94 -70.29 -46.94
N ILE A 101 10.73 -71.12 -45.93
CA ILE A 101 10.53 -72.54 -46.13
C ILE A 101 9.05 -72.73 -46.43
N GLU A 102 8.30 -71.63 -46.37
CA GLU A 102 6.87 -71.64 -46.65
C GLU A 102 6.69 -71.64 -48.17
N ILE A 103 7.41 -70.75 -48.85
CA ILE A 103 7.35 -70.65 -50.30
C ILE A 103 7.94 -71.90 -50.97
N LEU A 104 8.90 -72.53 -50.31
CA LEU A 104 9.50 -73.74 -50.84
C LEU A 104 8.45 -74.83 -50.84
N ASN A 105 7.59 -74.83 -49.83
CA ASN A 105 6.52 -75.82 -49.73
C ASN A 105 5.34 -75.46 -50.62
N LYS A 106 5.39 -74.27 -51.23
CA LYS A 106 4.33 -73.83 -52.14
C LYS A 106 4.62 -74.37 -53.52
N ARG A 107 5.86 -74.20 -53.96
CA ARG A 107 6.26 -74.71 -55.27
C ARG A 107 6.11 -76.22 -55.26
N LEU A 108 6.41 -76.86 -54.13
CA LEU A 108 6.32 -78.33 -54.01
C LEU A 108 4.88 -78.88 -53.98
N THR A 109 3.95 -78.13 -53.42
CA THR A 109 2.55 -78.57 -53.35
C THR A 109 1.81 -78.25 -54.65
N GLU A 110 2.27 -77.23 -55.36
CA GLU A 110 1.64 -76.84 -56.62
C GLU A 110 2.31 -77.54 -57.80
N GLN A 111 3.55 -78.01 -57.62
CA GLN A 111 4.27 -78.73 -58.68
C GLN A 111 3.90 -80.21 -58.70
N LEU A 112 3.29 -80.67 -57.61
CA LEU A 112 2.84 -82.05 -57.53
C LEU A 112 1.43 -82.10 -58.12
N ARG A 113 0.81 -80.92 -58.22
CA ARG A 113 -0.51 -80.78 -58.84
C ARG A 113 -0.24 -80.44 -60.30
N GLU A 114 0.91 -79.81 -60.53
CA GLU A 114 1.38 -79.44 -61.87
C GLU A 114 1.86 -80.76 -62.50
N LYS A 115 2.02 -81.76 -61.64
CA LYS A 115 2.46 -83.08 -62.04
C LYS A 115 1.23 -83.97 -62.22
N ASP A 116 0.06 -83.36 -62.02
CA ASP A 116 -1.23 -84.04 -62.18
C ASP A 116 -1.98 -83.50 -63.40
N LEU A 118 -0.17 -82.39 -66.16
CA LEU A 118 0.67 -82.86 -67.27
C LEU A 118 0.73 -84.40 -67.25
N LEU A 119 0.04 -85.00 -66.28
CA LEU A 119 -0.01 -86.45 -66.12
C LEU A 119 -1.45 -86.98 -66.09
N LEU B 6 50.74 -10.84 75.22
CA LEU B 6 49.83 -10.18 74.26
C LEU B 6 50.43 -10.13 72.86
N GLU B 7 51.72 -9.81 72.77
CA GLU B 7 52.38 -9.77 71.46
C GLU B 7 52.50 -11.20 70.92
N GLU B 8 52.57 -12.14 71.86
CA GLU B 8 52.66 -13.55 71.51
C GLU B 8 51.22 -14.02 71.35
N GLN B 9 50.30 -13.06 71.37
CA GLN B 9 48.87 -13.31 71.20
C GLN B 9 48.43 -12.67 69.87
N LEU B 10 49.37 -11.97 69.24
CA LEU B 10 49.12 -11.31 67.96
C LEU B 10 49.39 -12.23 66.77
N ASN B 11 50.26 -13.21 66.97
CA ASN B 11 50.60 -14.15 65.92
C ASN B 11 49.88 -15.50 66.04
N LYS B 12 49.38 -15.82 67.23
CA LYS B 12 48.65 -17.07 67.43
C LYS B 12 47.37 -17.02 66.63
N SER B 13 46.57 -16.00 66.91
CA SER B 13 45.30 -15.79 66.22
C SER B 13 45.55 -15.60 64.71
N LEU B 14 46.67 -14.95 64.38
CA LEU B 14 47.05 -14.72 62.99
C LEU B 14 47.32 -16.02 62.24
N LYS B 15 48.10 -16.90 62.85
CA LYS B 15 48.42 -18.17 62.24
C LYS B 15 47.13 -18.95 62.01
N THR B 16 46.11 -18.70 62.83
CA THR B 16 44.81 -19.39 62.67
C THR B 16 43.95 -18.67 61.64
N ILE B 17 44.09 -17.36 61.55
CA ILE B 17 43.32 -16.60 60.57
C ILE B 17 43.69 -17.12 59.18
N ALA B 18 44.97 -17.42 58.99
CA ALA B 18 45.46 -17.95 57.73
C ALA B 18 44.91 -19.34 57.48
N SER B 19 45.03 -20.24 58.46
CA SER B 19 44.53 -21.60 58.31
C SER B 19 43.12 -21.53 57.75
N GLN B 20 42.39 -20.53 58.21
CA GLN B 20 41.03 -20.33 57.77
C GLN B 20 41.06 -19.78 56.36
N LYS B 21 41.98 -18.85 56.12
CA LYS B 21 42.10 -18.26 54.80
C LYS B 21 42.25 -19.34 53.76
N ALA B 22 43.45 -19.90 53.65
CA ALA B 22 43.69 -20.93 52.67
C ALA B 22 42.72 -22.09 52.88
N ALA B 23 41.87 -22.00 53.90
CA ALA B 23 40.91 -23.07 54.15
C ALA B 23 39.79 -22.98 53.15
N ILE B 24 39.40 -21.77 52.81
CA ILE B 24 38.37 -21.54 51.82
C ILE B 24 39.09 -21.47 50.48
N GLU B 25 40.04 -20.56 50.39
CA GLU B 25 40.80 -20.38 49.18
C GLU B 25 41.01 -21.69 48.47
N ASN B 26 41.31 -22.75 49.21
CA ASN B 26 41.53 -24.05 48.60
C ASN B 26 40.25 -24.74 48.20
N TYR B 27 39.25 -24.72 49.09
CA TYR B 27 37.97 -25.34 48.79
C TYR B 27 37.47 -24.83 47.46
N ASN B 28 37.60 -23.53 47.22
CA ASN B 28 37.18 -22.96 45.94
C ASN B 28 38.18 -23.41 44.87
N GLN B 29 39.45 -23.49 45.22
CA GLN B 29 40.47 -23.91 44.28
C GLN B 29 40.20 -25.35 43.86
N LEU B 30 39.20 -25.95 44.50
CA LEU B 30 38.84 -27.32 44.17
C LEU B 30 37.43 -27.38 43.62
N LYS B 31 36.52 -26.50 44.06
CA LYS B 31 35.17 -26.53 43.52
C LYS B 31 35.11 -25.82 42.17
N GLU B 32 36.16 -25.08 41.86
CA GLU B 32 36.20 -24.43 40.57
C GLU B 32 36.58 -25.52 39.58
N ASP B 33 37.49 -26.41 39.96
CA ASP B 33 37.92 -27.51 39.12
C ASP B 33 36.89 -28.62 39.15
N TYR B 34 36.08 -28.64 40.19
CA TYR B 34 35.03 -29.63 40.32
C TYR B 34 34.04 -29.23 39.26
N ASN B 35 33.62 -27.97 39.29
CA ASN B 35 32.69 -27.49 38.28
C ASN B 35 33.32 -27.60 36.90
N THR B 36 34.65 -27.60 36.83
CA THR B 36 35.36 -27.75 35.56
C THR B 36 35.12 -29.16 35.03
N LEU B 37 34.56 -30.03 35.87
CA LEU B 37 34.22 -31.39 35.44
C LEU B 37 32.71 -31.49 35.37
N LYS B 38 32.03 -31.02 36.42
CA LYS B 38 30.57 -31.07 36.46
C LYS B 38 29.94 -30.74 35.12
N ARG B 39 30.63 -29.97 34.27
CA ARG B 39 30.10 -29.64 32.94
C ARG B 39 30.62 -30.64 31.91
N GLU B 40 31.93 -30.83 31.87
CA GLU B 40 32.49 -31.78 30.94
C GLU B 40 31.84 -33.15 31.03
N LEU B 41 31.16 -33.45 32.13
CA LEU B 41 30.48 -34.74 32.30
C LEU B 41 29.05 -34.55 31.83
N SER B 42 28.59 -33.31 31.82
CA SER B 42 27.24 -33.04 31.37
C SER B 42 27.34 -32.92 29.86
N ASP B 43 28.50 -33.26 29.34
CA ASP B 43 28.75 -33.26 27.89
C ASP B 43 28.77 -34.70 27.41
N ARG B 44 29.57 -35.56 28.04
CA ARG B 44 29.61 -36.95 27.67
C ARG B 44 28.26 -37.53 28.03
N ASP B 45 27.53 -36.86 28.94
CA ASP B 45 26.22 -37.32 29.37
C ASP B 45 25.18 -37.03 28.27
N ASP B 46 25.36 -35.91 27.57
CA ASP B 46 24.46 -35.53 26.49
C ASP B 46 25.02 -35.93 25.11
N GLU B 47 26.32 -36.23 25.04
CA GLU B 47 26.93 -36.67 23.79
C GLU B 47 26.55 -38.12 23.63
N VAL B 48 26.49 -38.84 24.74
CA VAL B 48 26.09 -40.24 24.74
C VAL B 48 24.64 -40.33 24.33
N LYS B 49 23.78 -39.59 24.99
CA LYS B 49 22.36 -39.60 24.66
C LYS B 49 22.15 -39.43 23.15
N ARG B 50 22.70 -38.37 22.57
CA ARG B 50 22.55 -38.11 21.13
C ARG B 50 23.04 -39.27 20.26
N LEU B 51 24.30 -39.66 20.40
CA LEU B 51 24.80 -40.78 19.61
C LEU B 51 23.87 -41.95 19.87
N ARG B 52 23.71 -42.27 21.15
CA ARG B 52 22.87 -43.36 21.61
C ARG B 52 21.50 -43.42 20.89
N GLU B 53 20.95 -42.26 20.53
CA GLU B 53 19.65 -42.19 19.86
C GLU B 53 19.79 -42.39 18.35
N ASP B 54 20.81 -41.80 17.77
CA ASP B 54 21.01 -41.91 16.34
C ASP B 54 21.44 -43.30 15.94
N ILE B 55 21.48 -44.21 16.90
CA ILE B 55 21.86 -45.58 16.59
C ILE B 55 20.61 -46.41 16.44
N ALA B 56 19.56 -46.04 17.17
CA ALA B 56 18.29 -46.74 17.07
C ALA B 56 17.57 -46.06 15.91
N LYS B 57 18.10 -44.92 15.50
CA LYS B 57 17.57 -44.14 14.39
C LYS B 57 18.09 -44.80 13.12
N GLU B 58 19.24 -45.48 13.26
CA GLU B 58 19.89 -46.18 12.16
C GLU B 58 19.27 -47.56 12.02
N ASN B 59 19.48 -48.41 13.03
CA ASN B 59 18.97 -49.78 13.05
C ASN B 59 17.51 -49.94 12.59
N GLU B 60 16.64 -49.04 13.04
CA GLU B 60 15.23 -49.08 12.67
C GLU B 60 15.00 -48.83 11.18
N LEU B 61 15.60 -47.78 10.65
CA LEU B 61 15.47 -47.46 9.23
C LEU B 61 16.39 -48.36 8.39
N ARG B 62 17.16 -49.23 9.05
CA ARG B 62 18.05 -50.15 8.36
C ARG B 62 17.47 -51.55 8.34
N THR B 63 16.42 -51.78 9.13
CA THR B 63 15.77 -53.08 9.15
C THR B 63 14.57 -53.03 8.20
N LYS B 64 14.14 -51.82 7.84
CA LYS B 64 13.04 -51.62 6.90
C LYS B 64 13.62 -51.78 5.49
N ALA B 65 14.83 -51.29 5.31
CA ALA B 65 15.52 -51.38 4.03
C ALA B 65 16.08 -52.79 3.82
N GLU B 66 16.50 -53.45 4.90
CA GLU B 66 17.05 -54.80 4.80
C GLU B 66 15.97 -55.85 4.56
N GLU B 67 14.79 -55.63 5.12
CA GLU B 67 13.71 -56.59 4.95
C GLU B 67 12.81 -56.26 3.75
N GLU B 68 12.93 -55.05 3.22
CA GLU B 68 12.16 -54.65 2.05
C GLU B 68 12.98 -54.88 0.80
N ALA B 69 14.25 -54.53 0.87
CA ALA B 69 15.15 -54.71 -0.26
C ALA B 69 15.42 -56.19 -0.42
N ASP B 70 14.90 -57.00 0.49
CA ASP B 70 15.07 -58.44 0.39
C ASP B 70 13.81 -58.96 -0.28
N LYS B 71 12.68 -58.43 0.16
CA LYS B 71 11.36 -58.78 -0.38
C LYS B 71 11.35 -58.40 -1.85
N LEU B 72 11.76 -57.17 -2.13
CA LEU B 72 11.82 -56.65 -3.48
C LEU B 72 13.07 -57.15 -4.20
N ASN B 73 13.67 -58.21 -3.69
CA ASN B 73 14.85 -58.77 -4.33
C ASN B 73 14.68 -60.26 -4.41
N LYS B 74 13.58 -60.72 -3.85
CA LYS B 74 13.27 -62.12 -3.92
C LYS B 74 12.08 -62.16 -4.86
N GLU B 75 11.60 -60.96 -5.23
CA GLU B 75 10.50 -60.80 -6.16
C GLU B 75 11.14 -60.78 -7.54
N VAL B 76 12.38 -60.31 -7.59
CA VAL B 76 13.15 -60.26 -8.82
C VAL B 76 13.79 -61.63 -9.03
N GLU B 77 14.07 -62.32 -7.95
CA GLU B 77 14.67 -63.62 -8.08
C GLU B 77 13.66 -64.55 -8.72
N ASP B 78 12.39 -64.33 -8.42
CA ASP B 78 11.27 -65.11 -8.96
C ASP B 78 11.04 -64.81 -10.44
N LEU B 79 10.92 -63.52 -10.77
CA LEU B 79 10.70 -63.10 -12.14
C LEU B 79 11.85 -63.41 -13.03
N THR B 80 12.98 -63.83 -12.47
CA THR B 80 14.14 -64.18 -13.27
C THR B 80 14.10 -65.66 -13.59
N ALA B 81 13.58 -66.47 -12.69
CA ALA B 81 13.48 -67.89 -12.94
C ALA B 81 12.26 -68.15 -13.78
N SER B 82 11.33 -67.20 -13.75
CA SER B 82 10.10 -67.25 -14.50
C SER B 82 10.38 -66.77 -15.92
N LEU B 83 11.31 -65.85 -16.06
CA LEU B 83 11.67 -65.34 -17.38
C LEU B 83 12.53 -66.36 -18.04
N PHE B 84 13.38 -67.00 -17.26
CA PHE B 84 14.26 -68.05 -17.76
C PHE B 84 13.37 -69.25 -18.16
N ASP B 85 12.35 -69.51 -17.38
CA ASP B 85 11.45 -70.60 -17.67
C ASP B 85 10.82 -70.38 -19.06
N GLU B 86 9.86 -69.47 -19.16
CA GLU B 86 9.18 -69.14 -20.42
C GLU B 86 10.13 -69.04 -21.59
N ALA B 87 11.32 -68.51 -21.35
CA ALA B 87 12.30 -68.37 -22.38
C ALA B 87 12.79 -69.72 -22.87
N ASN B 88 12.41 -70.79 -22.18
CA ASN B 88 12.81 -72.16 -22.60
C ASN B 88 11.71 -72.72 -23.46
N ASN B 89 10.47 -72.50 -23.03
CA ASN B 89 9.26 -72.95 -23.72
C ASN B 89 9.17 -72.18 -25.04
N LEU B 90 9.77 -71.01 -25.03
CA LEU B 90 9.80 -70.25 -26.23
C LEU B 90 10.69 -71.04 -27.18
N VAL B 91 11.69 -71.74 -26.62
CA VAL B 91 12.64 -72.53 -27.42
C VAL B 91 12.12 -73.89 -27.81
N ALA B 92 11.36 -74.52 -26.90
CA ALA B 92 10.76 -75.84 -27.15
C ALA B 92 9.96 -75.80 -28.43
N ASP B 93 8.87 -75.05 -28.41
CA ASP B 93 8.04 -74.88 -29.59
C ASP B 93 8.81 -74.31 -30.80
N ALA B 94 9.72 -73.39 -30.55
CA ALA B 94 10.51 -72.79 -31.60
C ALA B 94 11.20 -73.82 -32.47
N ARG B 95 11.87 -74.76 -31.82
CA ARG B 95 12.57 -75.82 -32.52
C ARG B 95 11.57 -76.86 -33.02
N GLU B 97 8.45 -76.77 -33.85
CA GLU B 97 7.72 -76.35 -35.05
C GLU B 97 8.63 -76.23 -36.27
N LYS B 98 9.94 -76.13 -36.05
CA LYS B 98 10.86 -76.00 -37.16
C LYS B 98 11.24 -77.35 -37.74
N TYR B 99 10.61 -78.44 -37.25
CA TYR B 99 10.86 -79.80 -37.77
C TYR B 99 9.74 -80.13 -38.73
N ALA B 100 8.53 -80.24 -38.18
CA ALA B 100 7.34 -80.55 -38.97
C ALA B 100 7.25 -79.82 -40.29
N ILE B 101 7.91 -78.67 -40.37
CA ILE B 101 7.88 -77.87 -41.57
C ILE B 101 9.18 -78.02 -42.34
N GLU B 102 10.17 -78.65 -41.74
CA GLU B 102 11.42 -78.87 -42.46
C GLU B 102 11.37 -80.29 -42.97
N ILE B 103 10.56 -81.10 -42.28
CA ILE B 103 10.37 -82.48 -42.66
C ILE B 103 9.30 -82.45 -43.73
N LEU B 104 8.26 -81.64 -43.53
CA LEU B 104 7.20 -81.51 -44.51
C LEU B 104 7.81 -81.12 -45.83
N ASN B 105 8.66 -80.11 -45.80
CA ASN B 105 9.35 -79.63 -47.00
C ASN B 105 10.22 -80.72 -47.55
N LYS B 106 10.59 -81.66 -46.69
CA LYS B 106 11.43 -82.78 -47.12
C LYS B 106 10.62 -84.06 -47.29
N ARG B 107 9.29 -83.96 -47.20
CA ARG B 107 8.42 -85.11 -47.35
C ARG B 107 7.84 -85.17 -48.74
N LEU B 108 7.76 -84.01 -49.38
CA LEU B 108 7.26 -83.93 -50.72
C LEU B 108 8.40 -84.30 -51.66
N THR B 109 9.62 -84.22 -51.14
CA THR B 109 10.83 -84.55 -51.89
C THR B 109 10.99 -86.05 -51.94
N GLU B 110 10.98 -86.68 -50.77
CA GLU B 110 11.10 -88.13 -50.64
C GLU B 110 9.85 -88.74 -51.28
N GLN B 111 8.93 -87.87 -51.64
CA GLN B 111 7.67 -88.25 -52.27
C GLN B 111 7.71 -87.96 -53.77
N LEU B 112 8.69 -87.17 -54.21
CA LEU B 112 8.85 -86.86 -55.64
C LEU B 112 9.54 -88.02 -56.36
N ARG B 113 10.35 -88.79 -55.63
CA ARG B 113 11.05 -89.94 -56.23
C ARG B 113 10.07 -91.08 -56.55
N GLU B 114 8.87 -91.00 -55.99
CA GLU B 114 7.84 -92.01 -56.21
C GLU B 114 6.80 -91.53 -57.22
N LYS B 115 7.12 -90.43 -57.89
CA LYS B 115 6.24 -89.86 -58.91
C LYS B 115 7.02 -89.23 -60.08
N ASP B 116 8.33 -89.02 -59.90
CA ASP B 116 9.18 -88.46 -60.96
C ASP B 116 9.53 -89.59 -61.94
N LEU B 118 7.56 -92.04 -62.36
CA LEU B 118 6.24 -92.36 -62.93
C LEU B 118 5.75 -91.38 -64.03
N LEU B 119 6.69 -90.68 -64.66
CA LEU B 119 6.36 -89.78 -65.76
C LEU B 119 7.17 -90.23 -66.97
N ASP B 120 8.27 -90.95 -66.71
CA ASP B 120 9.11 -91.49 -67.78
C ASP B 120 8.44 -92.76 -68.30
N THR B 121 7.47 -93.26 -67.54
CA THR B 121 6.72 -94.47 -67.87
C THR B 121 5.24 -94.23 -68.20
N LEU B 122 4.63 -93.17 -67.65
CA LEU B 122 3.22 -92.88 -67.96
C LEU B 122 3.24 -92.30 -69.37
N THR B 123 4.45 -92.21 -69.90
CA THR B 123 4.70 -91.73 -71.25
C THR B 123 5.18 -92.94 -72.08
N LEU B 124 5.40 -94.06 -71.38
CA LEU B 124 5.84 -95.32 -72.00
C LEU B 124 4.62 -96.02 -72.59
N GLN B 125 3.44 -95.68 -72.03
CA GLN B 125 2.16 -96.24 -72.47
C GLN B 125 1.58 -95.35 -73.56
N LEU B 126 1.68 -94.04 -73.39
CA LEU B 126 1.19 -93.10 -74.38
C LEU B 126 2.27 -92.85 -75.41
N LEU C 6 11.67 -63.79 -145.39
CA LEU C 6 10.36 -63.30 -144.87
C LEU C 6 10.17 -63.67 -143.40
N GLU C 7 10.78 -64.77 -142.99
CA GLU C 7 10.67 -65.24 -141.60
C GLU C 7 11.96 -65.03 -140.81
N GLU C 8 12.88 -64.23 -141.37
CA GLU C 8 14.15 -63.94 -140.71
C GLU C 8 14.27 -62.46 -140.31
N GLN C 9 14.44 -61.58 -141.29
CA GLN C 9 14.56 -60.15 -141.02
C GLN C 9 13.26 -59.58 -140.47
N LEU C 10 12.17 -60.33 -140.67
CA LEU C 10 10.87 -59.94 -140.18
C LEU C 10 10.65 -60.72 -138.88
N ASN C 11 11.70 -61.43 -138.44
CA ASN C 11 11.69 -62.21 -137.21
C ASN C 11 12.68 -61.62 -136.20
N LYS C 12 13.95 -61.50 -136.58
CA LYS C 12 14.96 -60.93 -135.70
C LYS C 12 14.57 -59.50 -135.34
N SER C 13 13.73 -58.92 -136.17
CA SER C 13 13.24 -57.58 -135.92
C SER C 13 12.18 -57.69 -134.81
N LEU C 14 11.27 -58.67 -134.92
CA LEU C 14 10.23 -58.89 -133.91
C LEU C 14 10.85 -59.29 -132.58
N LYS C 15 12.05 -59.86 -132.65
CA LYS C 15 12.79 -60.29 -131.45
C LYS C 15 13.50 -59.07 -130.89
N THR C 16 14.20 -58.34 -131.75
CA THR C 16 14.90 -57.14 -131.31
C THR C 16 13.86 -56.18 -130.80
N ILE C 17 12.63 -56.34 -131.30
CA ILE C 17 11.50 -55.51 -130.88
C ILE C 17 10.83 -56.08 -129.64
N ALA C 18 10.72 -57.41 -129.56
CA ALA C 18 10.12 -58.04 -128.39
C ALA C 18 11.13 -57.95 -127.24
N SER C 19 12.37 -57.65 -127.59
CA SER C 19 13.45 -57.51 -126.61
C SER C 19 13.56 -56.05 -126.17
N GLN C 20 13.75 -55.13 -127.11
CA GLN C 20 13.85 -53.73 -126.77
C GLN C 20 12.69 -53.31 -125.91
N LYS C 21 11.49 -53.83 -126.22
CA LYS C 21 10.27 -53.50 -125.46
C LYS C 21 10.28 -54.15 -124.09
N ALA C 22 10.91 -55.31 -124.01
CA ALA C 22 11.01 -56.00 -122.73
C ALA C 22 11.72 -55.01 -121.78
N ALA C 23 12.96 -54.63 -122.10
CA ALA C 23 13.73 -53.70 -121.28
C ALA C 23 12.90 -52.47 -120.96
N ILE C 24 12.22 -51.93 -121.95
CA ILE C 24 11.38 -50.79 -121.73
C ILE C 24 10.42 -51.16 -120.61
N GLU C 25 9.56 -52.15 -120.85
CA GLU C 25 8.57 -52.61 -119.86
C GLU C 25 9.15 -52.74 -118.46
N ASN C 26 10.40 -53.23 -118.39
CA ASN C 26 11.09 -53.42 -117.12
C ASN C 26 11.29 -52.11 -116.37
N TYR C 27 12.09 -51.20 -116.91
CA TYR C 27 12.34 -49.93 -116.24
C TYR C 27 11.08 -49.13 -115.94
N ASN C 28 9.96 -49.52 -116.57
CA ASN C 28 8.67 -48.83 -116.37
C ASN C 28 7.78 -49.41 -115.26
N GLN C 29 7.76 -50.73 -115.11
CA GLN C 29 6.96 -51.37 -114.07
C GLN C 29 7.73 -51.45 -112.74
N LEU C 30 8.98 -50.99 -112.74
CA LEU C 30 9.83 -50.96 -111.54
C LEU C 30 10.00 -49.53 -111.09
N LYS C 31 10.16 -48.63 -112.05
CA LYS C 31 10.27 -47.23 -111.74
C LYS C 31 8.89 -46.94 -111.17
N GLU C 32 7.93 -47.79 -111.51
CA GLU C 32 6.54 -47.66 -111.04
C GLU C 32 6.43 -47.99 -109.55
N ASP C 33 7.23 -48.96 -109.10
CA ASP C 33 7.22 -49.36 -107.71
C ASP C 33 8.17 -48.49 -106.93
N TYR C 34 9.17 -47.94 -107.60
CA TYR C 34 10.13 -47.08 -106.93
C TYR C 34 9.48 -45.80 -106.48
N ASN C 35 8.48 -45.34 -107.23
CA ASN C 35 7.76 -44.11 -106.87
C ASN C 35 6.73 -44.43 -105.79
N THR C 36 5.86 -45.40 -106.06
CA THR C 36 4.83 -45.83 -105.12
C THR C 36 5.41 -46.21 -103.75
N LEU C 37 6.69 -46.60 -103.74
CA LEU C 37 7.35 -46.98 -102.49
C LEU C 37 7.91 -45.75 -101.79
N LYS C 38 8.78 -45.01 -102.49
CA LYS C 38 9.39 -43.81 -101.93
C LYS C 38 8.33 -42.84 -101.39
N ARG C 39 7.07 -43.07 -101.77
CA ARG C 39 5.95 -42.23 -101.30
C ARG C 39 5.55 -42.67 -99.89
N GLU C 40 5.47 -43.97 -99.67
CA GLU C 40 5.13 -44.47 -98.36
C GLU C 40 6.19 -44.03 -97.35
N LEU C 41 7.44 -43.96 -97.79
CA LEU C 41 8.53 -43.51 -96.93
C LEU C 41 8.28 -42.06 -96.56
N SER C 42 7.91 -41.24 -97.55
CA SER C 42 7.63 -39.83 -97.31
C SER C 42 6.49 -39.62 -96.29
N ASP C 43 5.44 -40.44 -96.38
CA ASP C 43 4.29 -40.37 -95.46
C ASP C 43 4.60 -41.01 -94.10
N ARG C 44 5.54 -41.95 -94.10
CA ARG C 44 5.95 -42.63 -92.89
C ARG C 44 7.16 -41.94 -92.28
N ASP C 45 7.61 -40.84 -92.90
CA ASP C 45 8.73 -40.08 -92.38
C ASP C 45 8.10 -38.97 -91.56
N ASP C 46 6.84 -38.66 -91.90
CA ASP C 46 6.07 -37.65 -91.20
C ASP C 46 5.61 -38.28 -89.88
N GLU C 47 5.58 -39.62 -89.88
CA GLU C 47 5.17 -40.37 -88.70
C GLU C 47 6.22 -40.25 -87.60
N VAL C 48 7.50 -40.50 -87.90
CA VAL C 48 8.58 -40.41 -86.92
C VAL C 48 8.85 -38.96 -86.51
N LYS C 49 8.59 -38.03 -87.41
CA LYS C 49 8.79 -36.60 -87.15
C LYS C 49 7.62 -36.03 -86.36
N ARG C 50 6.43 -36.58 -86.55
CA ARG C 50 5.24 -36.13 -85.82
C ARG C 50 5.34 -36.55 -84.35
N LEU C 51 5.55 -37.83 -84.10
CA LEU C 51 5.67 -38.33 -82.75
C LEU C 51 6.83 -37.63 -82.05
N ARG C 52 7.94 -37.43 -82.77
CA ARG C 52 9.09 -36.77 -82.19
C ARG C 52 8.73 -35.45 -81.53
N GLU C 53 7.91 -34.66 -82.22
CA GLU C 53 7.48 -33.37 -81.70
C GLU C 53 6.31 -33.50 -80.72
N ASP C 54 5.39 -34.42 -80.98
CA ASP C 54 4.24 -34.61 -80.10
C ASP C 54 4.71 -35.13 -78.75
N ILE C 55 5.67 -36.04 -78.77
CA ILE C 55 6.18 -36.61 -77.54
C ILE C 55 6.99 -35.60 -76.77
N ALA C 56 8.18 -35.29 -77.27
CA ALA C 56 9.06 -34.33 -76.62
C ALA C 56 8.37 -33.05 -76.13
N LYS C 57 7.23 -32.68 -76.74
CA LYS C 57 6.53 -31.46 -76.33
C LYS C 57 5.45 -31.63 -75.25
N GLU C 58 4.72 -32.75 -75.27
CA GLU C 58 3.71 -32.99 -74.24
C GLU C 58 4.36 -33.83 -73.15
N ASN C 59 5.67 -34.06 -73.33
CA ASN C 59 6.48 -34.81 -72.39
C ASN C 59 7.12 -33.78 -71.45
N GLU C 60 7.42 -32.60 -71.98
CA GLU C 60 8.02 -31.52 -71.19
C GLU C 60 6.92 -30.65 -70.56
N LEU C 61 5.70 -30.75 -71.07
CA LEU C 61 4.58 -29.99 -70.52
C LEU C 61 4.17 -30.68 -69.23
N ARG C 62 4.50 -31.97 -69.13
CA ARG C 62 4.20 -32.76 -67.95
C ARG C 62 5.48 -33.06 -67.14
N THR C 63 6.46 -32.16 -67.26
CA THR C 63 7.72 -32.25 -66.55
C THR C 63 7.61 -31.21 -65.44
N LYS C 64 6.96 -30.10 -65.78
CA LYS C 64 6.73 -29.02 -64.82
C LYS C 64 5.72 -29.56 -63.80
N ALA C 65 4.97 -30.58 -64.22
CA ALA C 65 3.96 -31.21 -63.38
C ALA C 65 4.60 -32.20 -62.41
N GLU C 66 5.77 -32.71 -62.77
CA GLU C 66 6.47 -33.66 -61.91
C GLU C 66 7.36 -32.83 -60.96
N GLU C 67 7.61 -31.60 -61.36
CA GLU C 67 8.43 -30.69 -60.57
C GLU C 67 7.55 -30.00 -59.56
N GLU C 68 6.46 -29.39 -60.03
CA GLU C 68 5.53 -28.70 -59.15
C GLU C 68 4.93 -29.71 -58.19
N ALA C 69 4.74 -30.94 -58.66
CA ALA C 69 4.18 -31.98 -57.82
C ALA C 69 5.07 -32.17 -56.60
N ASP C 70 6.27 -32.70 -56.82
CA ASP C 70 7.20 -32.95 -55.72
C ASP C 70 7.27 -31.79 -54.74
N LYS C 71 7.49 -30.58 -55.26
CA LYS C 71 7.60 -29.41 -54.40
C LYS C 71 6.34 -29.15 -53.59
N LEU C 72 5.19 -29.04 -54.25
CA LEU C 72 3.94 -28.80 -53.53
C LEU C 72 3.68 -29.84 -52.45
N ASN C 73 3.84 -31.11 -52.79
CA ASN C 73 3.61 -32.20 -51.85
C ASN C 73 4.55 -32.23 -50.67
N LYS C 74 5.82 -32.00 -50.93
CA LYS C 74 6.76 -31.97 -49.83
C LYS C 74 6.36 -30.80 -48.90
N GLU C 75 5.86 -29.70 -49.47
CA GLU C 75 5.45 -28.55 -48.65
C GLU C 75 4.30 -28.97 -47.78
N VAL C 76 3.51 -29.90 -48.30
CA VAL C 76 2.37 -30.45 -47.57
C VAL C 76 2.92 -31.35 -46.46
N GLU C 77 3.88 -32.19 -46.82
CA GLU C 77 4.49 -33.08 -45.86
C GLU C 77 4.95 -32.28 -44.64
N ASP C 78 5.31 -31.01 -44.84
CA ASP C 78 5.77 -30.15 -43.74
C ASP C 78 4.61 -29.64 -42.92
N LEU C 79 3.70 -28.94 -43.58
CA LEU C 79 2.55 -28.39 -42.89
C LEU C 79 1.91 -29.44 -42.02
N THR C 80 1.75 -30.64 -42.56
CA THR C 80 1.13 -31.75 -41.81
C THR C 80 2.02 -32.17 -40.63
N ALA C 81 3.32 -32.07 -40.82
CA ALA C 81 4.26 -32.42 -39.78
C ALA C 81 4.33 -31.29 -38.79
N SER C 82 4.38 -30.06 -39.30
CA SER C 82 4.44 -28.88 -38.44
C SER C 82 3.06 -28.66 -37.80
N LEU C 83 2.07 -29.42 -38.27
CA LEU C 83 0.71 -29.35 -37.77
C LEU C 83 0.55 -30.33 -36.61
N PHE C 84 1.06 -31.54 -36.78
CA PHE C 84 0.99 -32.53 -35.73
C PHE C 84 1.65 -31.93 -34.48
N ASP C 85 2.55 -30.98 -34.65
CA ASP C 85 3.21 -30.35 -33.52
C ASP C 85 2.19 -29.52 -32.77
N GLU C 86 1.66 -28.53 -33.48
CA GLU C 86 0.67 -27.63 -32.91
C GLU C 86 -0.41 -28.35 -32.16
N ALA C 87 -0.89 -29.46 -32.71
CA ALA C 87 -1.94 -30.25 -32.06
C ALA C 87 -1.38 -30.94 -30.81
N ASN C 88 -0.12 -31.36 -30.84
CA ASN C 88 0.48 -31.98 -29.67
C ASN C 88 0.79 -30.87 -28.67
N ASN C 89 1.23 -29.72 -29.16
CA ASN C 89 1.53 -28.59 -28.28
C ASN C 89 0.23 -28.20 -27.58
N LEU C 90 -0.88 -28.53 -28.22
CA LEU C 90 -2.20 -28.21 -27.70
C LEU C 90 -2.69 -29.22 -26.65
N VAL C 91 -2.84 -30.49 -27.03
CA VAL C 91 -3.31 -31.53 -26.10
C VAL C 91 -2.29 -31.74 -24.97
N ALA C 92 -1.21 -30.94 -24.98
CA ALA C 92 -0.16 -31.01 -23.97
C ALA C 92 -0.45 -29.99 -22.87
N ASP C 93 -0.89 -28.81 -23.28
CA ASP C 93 -1.21 -27.74 -22.35
C ASP C 93 -2.62 -27.98 -21.79
N ALA C 94 -3.47 -28.65 -22.57
CA ALA C 94 -4.81 -28.95 -22.13
C ALA C 94 -4.85 -29.97 -21.00
N ARG C 95 -3.69 -30.54 -20.69
CA ARG C 95 -3.58 -31.52 -19.61
C ARG C 95 -2.93 -30.84 -18.42
N GLU C 97 -3.29 -27.76 -17.54
CA GLU C 97 -4.17 -26.77 -16.94
C GLU C 97 -5.43 -27.48 -16.43
N LYS C 98 -5.56 -28.77 -16.70
CA LYS C 98 -6.71 -29.54 -16.26
C LYS C 98 -6.32 -30.24 -14.98
N TYR C 99 -5.04 -30.20 -14.69
CA TYR C 99 -4.49 -30.78 -13.47
C TYR C 99 -4.19 -29.61 -12.53
N ALA C 100 -3.82 -28.48 -13.10
CA ALA C 100 -3.52 -27.28 -12.33
C ALA C 100 -4.75 -26.74 -11.59
N ILE C 101 -5.93 -26.95 -12.17
CA ILE C 101 -7.18 -26.49 -11.57
C ILE C 101 -7.80 -27.52 -10.63
N GLU C 102 -7.65 -28.80 -10.94
CA GLU C 102 -8.20 -29.85 -10.10
C GLU C 102 -7.42 -29.95 -8.79
N ILE C 103 -6.26 -29.30 -8.73
CA ILE C 103 -5.44 -29.32 -7.51
C ILE C 103 -6.13 -28.45 -6.48
N LEU C 104 -7.01 -27.58 -6.98
CA LEU C 104 -7.76 -26.67 -6.15
C LEU C 104 -8.87 -27.44 -5.45
N ASN C 105 -9.29 -28.54 -6.06
CA ASN C 105 -10.33 -29.37 -5.47
C ASN C 105 -9.74 -30.31 -4.44
N LYS C 106 -8.42 -30.28 -4.29
CA LYS C 106 -7.72 -31.10 -3.31
C LYS C 106 -7.47 -30.22 -2.09
N ARG C 107 -8.05 -29.03 -2.13
CA ARG C 107 -7.96 -28.06 -1.06
C ARG C 107 -9.37 -27.72 -0.57
N LEU C 108 -10.37 -28.14 -1.34
CA LEU C 108 -11.77 -27.92 -0.99
C LEU C 108 -12.18 -28.97 0.03
N THR C 109 -11.51 -30.12 -0.03
CA THR C 109 -11.78 -31.24 0.88
C THR C 109 -10.65 -31.47 1.92
N GLU C 110 -9.96 -30.40 2.28
CA GLU C 110 -8.89 -30.45 3.28
C GLU C 110 -8.73 -29.08 3.96
N GLN C 111 -9.16 -28.02 3.29
CA GLN C 111 -9.11 -26.66 3.85
C GLN C 111 -10.50 -26.41 4.40
N LEU C 112 -11.43 -27.28 4.01
CA LEU C 112 -12.80 -27.23 4.47
C LEU C 112 -12.98 -28.36 5.49
N ARG C 113 -12.11 -29.38 5.40
CA ARG C 113 -12.16 -30.52 6.34
C ARG C 113 -11.38 -30.17 7.63
N GLU C 114 -10.33 -29.35 7.49
CA GLU C 114 -9.50 -28.94 8.64
C GLU C 114 -10.10 -27.75 9.39
N LYS C 115 -11.16 -27.17 8.84
CA LYS C 115 -11.85 -26.04 9.46
C LYS C 115 -13.23 -26.47 9.97
N ASP C 116 -13.67 -27.66 9.56
CA ASP C 116 -14.93 -28.23 10.01
C ASP C 116 -14.56 -29.08 11.22
N LEU C 118 -12.13 -28.51 12.90
CA LEU C 118 -11.49 -27.51 13.77
C LEU C 118 -12.67 -26.70 14.36
N LEU C 119 -13.86 -27.14 13.96
CA LEU C 119 -15.13 -26.58 14.40
C LEU C 119 -15.90 -27.73 15.06
N ASP C 120 -15.30 -28.93 15.00
CA ASP C 120 -15.85 -30.18 15.59
C ASP C 120 -14.99 -30.62 16.79
N THR C 121 -13.68 -30.43 16.69
CA THR C 121 -12.74 -30.78 17.77
C THR C 121 -12.73 -29.64 18.80
N LEU C 122 -13.18 -28.45 18.37
CA LEU C 122 -13.27 -27.27 19.23
C LEU C 122 -14.58 -27.36 19.99
N THR C 123 -15.34 -28.42 19.68
CA THR C 123 -16.63 -28.71 20.31
C THR C 123 -16.56 -30.02 21.13
N LEU D 6 36.00 -52.86 -140.28
CA LEU D 6 36.01 -52.81 -138.79
C LEU D 6 35.29 -51.59 -138.27
N GLU D 7 35.23 -50.55 -139.09
CA GLU D 7 34.58 -49.30 -138.69
C GLU D 7 33.14 -49.55 -138.28
N GLU D 8 32.21 -49.42 -139.23
CA GLU D 8 30.78 -49.60 -138.98
C GLU D 8 30.46 -50.94 -138.31
N GLN D 9 31.45 -51.84 -138.25
CA GLN D 9 31.23 -53.14 -137.63
C GLN D 9 31.68 -53.17 -136.16
N LEU D 10 32.57 -52.24 -135.78
CA LEU D 10 33.01 -52.15 -134.40
C LEU D 10 32.28 -50.96 -133.78
N ASN D 11 31.43 -50.33 -134.59
CA ASN D 11 30.62 -49.16 -134.21
C ASN D 11 29.17 -49.57 -134.00
N LYS D 12 28.47 -49.88 -135.09
CA LYS D 12 27.08 -50.30 -135.03
C LYS D 12 27.01 -51.42 -134.01
N SER D 13 28.18 -52.00 -133.73
CA SER D 13 28.30 -53.08 -132.76
C SER D 13 28.54 -52.54 -131.36
N LEU D 14 29.76 -52.04 -131.12
CA LEU D 14 30.10 -51.51 -129.81
C LEU D 14 29.05 -50.50 -129.30
N LYS D 15 28.36 -49.84 -130.24
CA LYS D 15 27.32 -48.88 -129.87
C LYS D 15 26.13 -49.65 -129.27
N THR D 16 25.66 -50.63 -130.03
CA THR D 16 24.54 -51.44 -129.59
C THR D 16 24.96 -52.37 -128.44
N ILE D 17 26.26 -52.55 -128.21
CA ILE D 17 26.73 -53.40 -127.11
C ILE D 17 26.67 -52.59 -125.83
N ALA D 18 27.27 -51.41 -125.86
CA ALA D 18 27.25 -50.55 -124.71
C ALA D 18 25.80 -50.18 -124.49
N SER D 19 25.07 -50.01 -125.59
CA SER D 19 23.65 -49.66 -125.54
C SER D 19 22.91 -50.56 -124.55
N GLN D 20 23.44 -51.78 -124.37
CA GLN D 20 22.83 -52.74 -123.45
C GLN D 20 23.56 -52.70 -122.14
N LYS D 21 24.82 -52.29 -122.18
CA LYS D 21 25.64 -52.16 -120.97
C LYS D 21 24.97 -51.16 -120.02
N ALA D 22 24.95 -49.89 -120.44
CA ALA D 22 24.33 -48.85 -119.64
C ALA D 22 22.86 -49.23 -119.45
N ALA D 23 22.31 -49.99 -120.40
CA ALA D 23 20.92 -50.42 -120.35
C ALA D 23 20.62 -51.21 -119.06
N ILE D 24 21.57 -52.03 -118.63
CA ILE D 24 21.39 -52.80 -117.41
C ILE D 24 21.92 -52.02 -116.24
N GLU D 25 23.03 -51.34 -116.47
CA GLU D 25 23.62 -50.52 -115.44
C GLU D 25 22.54 -49.58 -114.93
N ASN D 26 21.62 -49.19 -115.82
CA ASN D 26 20.52 -48.28 -115.44
C ASN D 26 19.54 -49.00 -114.55
N TYR D 27 19.26 -50.24 -114.91
CA TYR D 27 18.32 -51.06 -114.17
C TYR D 27 18.82 -51.15 -112.74
N ASN D 28 19.91 -51.89 -112.55
CA ASN D 28 20.52 -52.08 -111.23
C ASN D 28 20.69 -50.77 -110.41
N GLN D 29 21.24 -49.74 -111.05
CA GLN D 29 21.45 -48.45 -110.41
C GLN D 29 20.22 -48.04 -109.64
N LEU D 30 19.05 -48.38 -110.19
CA LEU D 30 17.76 -48.06 -109.58
C LEU D 30 17.36 -49.17 -108.63
N LYS D 31 17.63 -50.41 -109.01
CA LYS D 31 17.30 -51.55 -108.18
C LYS D 31 18.04 -51.42 -106.86
N GLU D 32 19.29 -50.96 -106.90
CA GLU D 32 20.08 -50.78 -105.68
C GLU D 32 19.37 -49.75 -104.82
N ASP D 33 18.65 -48.84 -105.48
CA ASP D 33 17.90 -47.80 -104.79
C ASP D 33 16.55 -48.32 -104.32
N TYR D 34 15.96 -49.27 -105.06
CA TYR D 34 14.66 -49.85 -104.66
C TYR D 34 14.83 -50.60 -103.36
N ASN D 35 15.88 -51.40 -103.30
CA ASN D 35 16.19 -52.16 -102.11
C ASN D 35 16.46 -51.16 -101.00
N THR D 36 17.46 -50.31 -101.20
CA THR D 36 17.84 -49.29 -100.23
C THR D 36 16.64 -48.66 -99.56
N LEU D 37 15.77 -48.04 -100.35
CA LEU D 37 14.58 -47.40 -99.81
C LEU D 37 13.64 -48.42 -99.20
N LYS D 38 13.48 -49.57 -99.86
CA LYS D 38 12.59 -50.60 -99.31
C LYS D 38 13.12 -51.05 -97.95
N ARG D 39 14.42 -50.84 -97.72
CA ARG D 39 15.07 -51.20 -96.44
C ARG D 39 14.70 -50.17 -95.38
N GLU D 40 14.53 -48.93 -95.83
CA GLU D 40 14.18 -47.85 -94.94
C GLU D 40 12.69 -47.77 -94.72
N LEU D 41 11.91 -48.63 -95.39
CA LEU D 41 10.46 -48.62 -95.20
C LEU D 41 10.18 -49.34 -93.89
N SER D 42 10.37 -50.65 -93.88
CA SER D 42 10.16 -51.44 -92.67
C SER D 42 11.03 -50.86 -91.57
N ASP D 43 12.21 -50.37 -91.95
CA ASP D 43 13.15 -49.74 -91.01
C ASP D 43 12.44 -48.61 -90.22
N ARG D 44 11.96 -47.60 -90.94
CA ARG D 44 11.26 -46.48 -90.33
C ARG D 44 9.80 -46.85 -90.08
N ASP D 45 9.41 -48.06 -90.46
CA ASP D 45 8.05 -48.53 -90.25
C ASP D 45 8.00 -49.13 -88.85
N ASP D 46 9.16 -49.08 -88.20
CA ASP D 46 9.33 -49.58 -86.84
C ASP D 46 9.55 -48.40 -85.90
N GLU D 47 10.17 -47.34 -86.41
CA GLU D 47 10.41 -46.14 -85.60
C GLU D 47 9.05 -45.54 -85.33
N VAL D 48 8.03 -46.03 -86.04
CA VAL D 48 6.65 -45.57 -85.90
C VAL D 48 5.99 -46.34 -84.77
N LYS D 49 6.00 -47.67 -84.89
CA LYS D 49 5.40 -48.53 -83.88
C LYS D 49 6.19 -48.50 -82.55
N ARG D 50 7.52 -48.61 -82.65
CA ARG D 50 8.38 -48.60 -81.47
C ARG D 50 8.06 -47.38 -80.62
N LEU D 51 7.87 -46.24 -81.27
CA LEU D 51 7.56 -45.01 -80.57
C LEU D 51 6.08 -44.87 -80.26
N ARG D 52 5.23 -45.58 -80.99
CA ARG D 52 3.80 -45.51 -80.73
C ARG D 52 3.48 -46.36 -79.52
N GLU D 53 4.52 -46.89 -78.88
CA GLU D 53 4.34 -47.72 -77.70
C GLU D 53 4.99 -47.09 -76.47
N ASP D 54 6.03 -46.31 -76.70
CA ASP D 54 6.70 -45.63 -75.62
C ASP D 54 5.70 -44.59 -75.11
N ILE D 55 4.63 -44.40 -75.91
CA ILE D 55 3.55 -43.48 -75.58
C ILE D 55 2.61 -44.18 -74.60
N ALA D 56 2.27 -45.44 -74.91
CA ALA D 56 1.38 -46.22 -74.06
C ALA D 56 2.03 -46.40 -72.69
N LYS D 57 3.33 -46.18 -72.61
CA LYS D 57 4.06 -46.31 -71.37
C LYS D 57 3.84 -45.09 -70.47
N GLU D 58 4.03 -43.89 -71.01
CA GLU D 58 3.82 -42.67 -70.22
C GLU D 58 2.36 -42.33 -70.02
N ASN D 59 1.47 -43.00 -70.76
CA ASN D 59 0.02 -42.80 -70.63
C ASN D 59 -0.51 -43.94 -69.76
N GLU D 60 0.43 -44.74 -69.25
CA GLU D 60 0.17 -45.87 -68.37
C GLU D 60 0.86 -45.58 -67.04
N LEU D 61 1.84 -44.66 -67.09
CA LEU D 61 2.61 -44.25 -65.92
C LEU D 61 2.15 -42.89 -65.39
N ARG D 62 1.81 -41.97 -66.30
CA ARG D 62 1.31 -40.68 -65.85
C ARG D 62 -0.20 -40.72 -65.79
N THR D 63 -0.70 -41.93 -65.54
CA THR D 63 -2.12 -42.22 -65.36
C THR D 63 -2.21 -43.03 -64.07
N LYS D 64 -1.05 -43.52 -63.62
CA LYS D 64 -0.91 -44.28 -62.38
C LYS D 64 -0.44 -43.28 -61.33
N ALA D 65 0.44 -42.37 -61.76
CA ALA D 65 0.96 -41.34 -60.89
C ALA D 65 -0.13 -40.31 -60.65
N GLU D 66 -1.27 -40.50 -61.30
CA GLU D 66 -2.44 -39.62 -61.17
C GLU D 66 -3.61 -40.34 -60.50
N GLU D 67 -3.29 -41.44 -59.83
CA GLU D 67 -4.27 -42.25 -59.10
C GLU D 67 -3.69 -42.55 -57.73
N GLU D 68 -2.44 -42.99 -57.72
CA GLU D 68 -1.78 -43.30 -56.46
C GLU D 68 -1.65 -42.00 -55.69
N ALA D 69 -1.67 -40.89 -56.41
CA ALA D 69 -1.56 -39.59 -55.76
C ALA D 69 -2.96 -39.17 -55.34
N ASP D 70 -3.96 -39.52 -56.15
CA ASP D 70 -5.35 -39.17 -55.86
C ASP D 70 -5.83 -39.91 -54.61
N LYS D 71 -5.06 -40.91 -54.19
CA LYS D 71 -5.39 -41.68 -52.99
C LYS D 71 -4.59 -41.11 -51.83
N LEU D 72 -3.31 -40.84 -52.08
CA LEU D 72 -2.42 -40.31 -51.09
C LEU D 72 -3.02 -39.06 -50.49
N ASN D 73 -3.44 -38.11 -51.32
CA ASN D 73 -4.03 -36.87 -50.81
C ASN D 73 -5.37 -37.02 -50.14
N LYS D 74 -6.35 -37.55 -50.86
CA LYS D 74 -7.68 -37.72 -50.28
C LYS D 74 -7.62 -38.59 -49.01
N GLU D 75 -6.43 -39.08 -48.70
CA GLU D 75 -6.24 -39.88 -47.51
C GLU D 75 -5.41 -39.04 -46.55
N VAL D 76 -4.84 -37.94 -47.04
CA VAL D 76 -4.05 -37.06 -46.20
C VAL D 76 -4.95 -35.97 -45.75
N GLU D 77 -5.94 -35.64 -46.54
CA GLU D 77 -6.87 -34.61 -46.11
C GLU D 77 -7.62 -35.29 -44.98
N ASP D 78 -8.03 -36.53 -45.20
CA ASP D 78 -8.75 -37.29 -44.20
C ASP D 78 -8.02 -37.16 -42.86
N LEU D 79 -6.72 -37.43 -42.87
CA LEU D 79 -5.88 -37.37 -41.68
C LEU D 79 -6.02 -36.05 -40.93
N THR D 80 -5.28 -35.05 -41.40
CA THR D 80 -5.30 -33.74 -40.79
C THR D 80 -6.69 -33.11 -40.66
N ALA D 81 -7.59 -33.39 -41.58
CA ALA D 81 -8.93 -32.82 -41.48
C ALA D 81 -9.61 -33.25 -40.18
N SER D 82 -9.51 -34.54 -39.83
CA SER D 82 -10.10 -35.07 -38.60
C SER D 82 -9.23 -34.82 -37.37
N LEU D 83 -7.94 -34.57 -37.60
CA LEU D 83 -7.00 -34.27 -36.52
C LEU D 83 -7.34 -32.88 -36.05
N PHE D 84 -7.75 -32.05 -36.99
CA PHE D 84 -8.13 -30.66 -36.73
C PHE D 84 -9.48 -30.64 -36.01
N ASP D 85 -10.45 -31.39 -36.55
CA ASP D 85 -11.78 -31.46 -35.96
C ASP D 85 -11.74 -32.05 -34.54
N GLU D 86 -10.54 -32.29 -34.03
CA GLU D 86 -10.38 -32.83 -32.71
C GLU D 86 -9.64 -31.80 -31.85
N ALA D 87 -9.06 -30.82 -32.50
CA ALA D 87 -8.35 -29.77 -31.78
C ALA D 87 -9.34 -28.67 -31.47
N ASN D 88 -10.49 -28.70 -32.13
CA ASN D 88 -11.50 -27.69 -31.87
C ASN D 88 -12.52 -28.25 -30.89
N ASN D 89 -12.55 -29.58 -30.77
CA ASN D 89 -13.47 -30.26 -29.85
C ASN D 89 -12.79 -30.48 -28.49
N LEU D 90 -11.46 -30.48 -28.47
CA LEU D 90 -10.74 -30.67 -27.22
C LEU D 90 -10.62 -29.29 -26.57
N VAL D 91 -10.73 -28.22 -27.36
CA VAL D 91 -10.66 -26.86 -26.81
C VAL D 91 -11.99 -26.57 -26.13
N ALA D 92 -13.08 -26.93 -26.79
CA ALA D 92 -14.43 -26.74 -26.26
C ALA D 92 -14.49 -27.52 -24.96
N ASP D 93 -13.69 -28.59 -24.88
CA ASP D 93 -13.60 -29.41 -23.66
C ASP D 93 -12.92 -28.59 -22.56
N ALA D 94 -11.74 -28.05 -22.86
CA ALA D 94 -11.00 -27.24 -21.89
C ALA D 94 -11.81 -26.02 -21.45
N ARG D 95 -12.21 -25.19 -22.41
CA ARG D 95 -13.00 -24.00 -22.11
C ARG D 95 -14.22 -24.34 -21.27
N GLU D 97 -14.57 -27.34 -19.28
CA GLU D 97 -14.11 -27.91 -18.01
C GLU D 97 -13.64 -26.78 -17.09
N LYS D 98 -13.23 -25.65 -17.65
CA LYS D 98 -12.77 -24.53 -16.83
C LYS D 98 -13.90 -23.91 -16.01
N TYR D 99 -15.11 -23.84 -16.56
CA TYR D 99 -16.23 -23.27 -15.81
C TYR D 99 -16.53 -24.14 -14.59
N ALA D 100 -16.09 -25.40 -14.63
CA ALA D 100 -16.29 -26.33 -13.52
C ALA D 100 -15.41 -25.88 -12.36
N ILE D 101 -14.11 -25.82 -12.60
CA ILE D 101 -13.17 -25.38 -11.57
C ILE D 101 -13.44 -23.92 -11.17
N GLU D 102 -14.04 -23.17 -12.09
CA GLU D 102 -14.37 -21.77 -11.82
C GLU D 102 -15.56 -21.64 -10.88
N ILE D 103 -16.74 -22.02 -11.35
CA ILE D 103 -17.97 -21.94 -10.56
C ILE D 103 -17.99 -22.89 -9.36
N LEU D 104 -17.52 -24.12 -9.55
CA LEU D 104 -17.52 -25.09 -8.46
C LEU D 104 -16.57 -24.65 -7.34
N ASN D 105 -15.58 -23.83 -7.69
CA ASN D 105 -14.65 -23.34 -6.69
C ASN D 105 -15.15 -22.01 -6.14
N LYS D 106 -16.23 -21.51 -6.73
CA LYS D 106 -16.84 -20.27 -6.27
C LYS D 106 -17.68 -20.67 -5.05
N ARG D 107 -18.34 -21.82 -5.16
CA ARG D 107 -19.14 -22.36 -4.05
C ARG D 107 -18.11 -22.71 -2.99
N LEU D 108 -16.90 -23.06 -3.43
CA LEU D 108 -15.79 -23.41 -2.56
C LEU D 108 -15.15 -22.14 -1.99
N THR D 109 -15.41 -21.00 -2.64
CA THR D 109 -14.91 -19.70 -2.21
C THR D 109 -15.89 -19.10 -1.18
N GLU D 110 -17.18 -19.41 -1.35
CA GLU D 110 -18.23 -18.95 -0.46
C GLU D 110 -18.22 -19.87 0.77
N GLN D 111 -17.25 -20.79 0.78
CA GLN D 111 -17.05 -21.77 1.85
C GLN D 111 -15.76 -21.55 2.64
N LEU D 112 -14.64 -21.39 1.94
CA LEU D 112 -13.36 -21.19 2.58
C LEU D 112 -13.04 -19.75 2.97
N ARG D 113 -13.88 -18.79 2.56
CA ARG D 113 -13.69 -17.38 2.92
C ARG D 113 -14.68 -16.94 4.00
N GLU D 114 -15.77 -17.69 4.14
CA GLU D 114 -16.82 -17.42 5.13
C GLU D 114 -16.71 -18.41 6.30
N LYS D 115 -15.83 -19.39 6.17
CA LYS D 115 -15.62 -20.38 7.23
C LYS D 115 -14.32 -20.10 7.97
N ASP D 116 -13.51 -19.19 7.42
CA ASP D 116 -12.26 -18.77 8.06
C ASP D 116 -12.57 -17.60 8.98
N LEU D 118 -15.61 -16.96 10.27
CA LEU D 118 -16.44 -17.53 11.33
C LEU D 118 -15.58 -18.37 12.27
N LEU D 119 -14.35 -18.67 11.86
CA LEU D 119 -13.43 -19.39 12.72
C LEU D 119 -12.56 -18.31 13.35
N ASP D 120 -12.61 -17.10 12.77
CA ASP D 120 -11.89 -15.94 13.29
C ASP D 120 -12.86 -15.19 14.18
N THR D 121 -14.11 -15.64 14.14
CA THR D 121 -15.20 -15.09 14.94
C THR D 121 -15.61 -16.14 15.99
N LEU D 122 -15.42 -17.43 15.67
CA LEU D 122 -15.72 -18.52 16.61
C LEU D 122 -14.54 -18.56 17.56
N THR D 123 -13.51 -17.82 17.20
CA THR D 123 -12.30 -17.69 18.00
C THR D 123 -12.28 -16.25 18.51
N LEU D 124 -13.32 -15.49 18.14
CA LEU D 124 -13.48 -14.09 18.56
C LEU D 124 -14.60 -14.00 19.63
N GLN D 125 -15.32 -15.12 19.81
CA GLN D 125 -16.41 -15.22 20.78
C GLN D 125 -16.12 -16.22 21.90
N LEU D 126 -15.15 -17.10 21.69
CA LEU D 126 -14.75 -18.06 22.71
C LEU D 126 -13.47 -17.56 23.36
N LYS D 127 -12.83 -16.58 22.71
CA LYS D 127 -11.59 -15.97 23.22
C LYS D 127 -11.99 -14.79 24.11
N ASN D 128 -13.29 -14.50 24.14
CA ASN D 128 -13.87 -13.42 24.93
C ASN D 128 -14.63 -14.05 26.10
N LEU D 129 -15.13 -15.27 25.89
CA LEU D 129 -15.88 -15.99 26.91
C LEU D 129 -14.97 -16.41 28.05
N LEU E 6 99.43 -11.29 -86.08
CA LEU E 6 98.42 -10.21 -85.85
C LEU E 6 97.04 -10.78 -85.53
N GLU E 7 96.82 -12.04 -85.89
CA GLU E 7 95.53 -12.70 -85.62
C GLU E 7 95.52 -13.24 -84.19
N GLU E 8 96.61 -13.01 -83.47
CA GLU E 8 96.76 -13.44 -82.08
C GLU E 8 96.14 -12.40 -81.15
N GLN E 9 96.16 -11.13 -81.60
CA GLN E 9 95.61 -9.98 -80.86
C GLN E 9 94.07 -9.90 -80.90
N LEU E 10 93.47 -10.30 -82.03
CA LEU E 10 92.02 -10.28 -82.21
C LEU E 10 91.35 -11.58 -81.80
N ASN E 11 92.16 -12.54 -81.34
CA ASN E 11 91.66 -13.84 -80.90
C ASN E 11 91.37 -13.80 -79.39
N LYS E 12 92.35 -13.42 -78.60
CA LYS E 12 92.15 -13.33 -77.16
C LYS E 12 91.27 -12.12 -76.90
N SER E 13 91.38 -11.12 -77.77
CA SER E 13 90.58 -9.91 -77.68
C SER E 13 89.10 -10.23 -77.80
N LEU E 14 88.78 -11.13 -78.71
CA LEU E 14 87.42 -11.53 -78.90
C LEU E 14 86.94 -12.42 -77.76
N LYS E 15 87.89 -12.99 -77.01
CA LYS E 15 87.51 -13.85 -75.90
C LYS E 15 87.13 -13.00 -74.71
N THR E 16 87.90 -11.94 -74.51
CA THR E 16 87.67 -11.05 -73.39
C THR E 16 86.32 -10.37 -73.57
N ILE E 17 85.70 -10.48 -74.74
CA ILE E 17 84.39 -9.88 -74.92
C ILE E 17 83.38 -10.92 -74.54
N ALA E 18 83.59 -12.13 -75.04
CA ALA E 18 82.71 -13.25 -74.75
C ALA E 18 82.78 -13.50 -73.23
N SER E 19 83.95 -13.20 -72.69
CA SER E 19 84.21 -13.36 -71.27
C SER E 19 83.43 -12.28 -70.55
N GLN E 20 83.06 -11.25 -71.29
CA GLN E 20 82.34 -10.12 -70.74
C GLN E 20 80.84 -10.25 -70.97
N LYS E 21 80.42 -10.41 -72.21
CA LYS E 21 78.99 -10.54 -72.49
C LYS E 21 78.37 -11.60 -71.58
N ALA E 22 79.09 -12.72 -71.44
CA ALA E 22 78.66 -13.85 -70.62
C ALA E 22 78.73 -13.52 -69.13
N ALA E 23 79.80 -12.90 -68.71
CA ALA E 23 79.91 -12.52 -67.31
C ALA E 23 78.63 -11.80 -66.81
N ILE E 24 77.96 -11.05 -67.70
CA ILE E 24 76.73 -10.30 -67.39
C ILE E 24 75.52 -11.17 -67.55
N GLU E 25 75.47 -11.90 -68.65
CA GLU E 25 74.36 -12.79 -68.85
C GLU E 25 74.20 -13.65 -67.55
N ASN E 26 75.27 -14.27 -67.09
CA ASN E 26 75.17 -15.11 -65.89
C ASN E 26 74.57 -14.37 -64.76
N TYR E 27 74.95 -13.10 -64.62
CA TYR E 27 74.43 -12.27 -63.55
C TYR E 27 72.96 -11.99 -63.79
N ASN E 28 72.57 -11.66 -64.99
CA ASN E 28 71.18 -11.41 -65.18
C ASN E 28 70.32 -12.63 -64.87
N GLN E 29 70.63 -13.77 -65.50
CA GLN E 29 69.86 -15.01 -65.27
C GLN E 29 69.78 -15.33 -63.82
N LEU E 30 70.89 -15.16 -63.10
CA LEU E 30 70.87 -15.43 -61.66
C LEU E 30 70.03 -14.36 -60.95
N LYS E 31 69.92 -13.17 -61.55
CA LYS E 31 69.13 -12.09 -60.96
C LYS E 31 67.69 -12.29 -61.38
N GLU E 32 67.47 -13.23 -62.29
CA GLU E 32 66.12 -13.55 -62.75
C GLU E 32 65.52 -14.57 -61.77
N ASP E 33 66.36 -15.48 -61.26
CA ASP E 33 65.96 -16.52 -60.32
C ASP E 33 65.78 -15.95 -58.95
N TYR E 34 66.68 -15.06 -58.54
CA TYR E 34 66.57 -14.43 -57.23
C TYR E 34 65.18 -13.84 -57.15
N ASN E 35 64.67 -13.29 -58.26
CA ASN E 35 63.33 -12.69 -58.27
C ASN E 35 62.23 -13.74 -58.30
N THR E 36 62.29 -14.65 -59.26
CA THR E 36 61.29 -15.70 -59.34
C THR E 36 61.30 -16.58 -58.09
N LEU E 37 62.32 -16.42 -57.27
CA LEU E 37 62.43 -17.20 -56.06
C LEU E 37 62.01 -16.34 -54.90
N LYS E 38 61.82 -15.04 -55.14
CA LYS E 38 61.40 -14.11 -54.09
C LYS E 38 59.89 -13.94 -54.21
N ARG E 39 59.37 -14.06 -55.42
CA ARG E 39 57.94 -13.92 -55.66
C ARG E 39 57.29 -15.20 -55.21
N GLU E 40 58.05 -16.28 -55.06
CA GLU E 40 57.47 -17.51 -54.59
C GLU E 40 57.56 -17.57 -53.11
N LEU E 41 58.55 -16.93 -52.54
CA LEU E 41 58.65 -16.94 -51.10
C LEU E 41 57.55 -16.05 -50.58
N SER E 42 56.80 -15.41 -51.48
CA SER E 42 55.69 -14.56 -51.05
C SER E 42 54.43 -15.39 -51.07
N ASP E 43 54.34 -16.25 -52.07
CA ASP E 43 53.20 -17.12 -52.21
C ASP E 43 53.23 -18.26 -51.20
N ARG E 44 54.41 -18.58 -50.66
CA ARG E 44 54.50 -19.65 -49.68
C ARG E 44 54.19 -19.06 -48.33
N ASP E 45 54.12 -17.74 -48.26
CA ASP E 45 53.78 -17.08 -47.00
C ASP E 45 52.35 -16.57 -47.04
N ASP E 46 51.78 -16.52 -48.23
CA ASP E 46 50.39 -16.10 -48.37
C ASP E 46 49.58 -17.37 -48.19
N GLU E 47 50.27 -18.50 -48.18
CA GLU E 47 49.66 -19.80 -48.01
C GLU E 47 49.88 -20.17 -46.56
N VAL E 48 50.83 -19.53 -45.91
CA VAL E 48 51.05 -19.80 -44.50
C VAL E 48 50.05 -18.91 -43.77
N LYS E 49 49.42 -18.00 -44.51
CA LYS E 49 48.40 -17.12 -43.93
C LYS E 49 47.07 -17.87 -44.07
N ARG E 50 46.72 -18.22 -45.31
CA ARG E 50 45.49 -18.98 -45.57
C ARG E 50 45.40 -20.18 -44.64
N LEU E 51 46.21 -21.20 -44.89
CA LEU E 51 46.20 -22.41 -44.09
C LEU E 51 46.12 -22.18 -42.59
N ARG E 52 46.96 -21.32 -42.05
CA ARG E 52 46.91 -21.04 -40.63
C ARG E 52 45.53 -20.48 -40.28
N GLU E 53 45.01 -19.62 -41.15
CA GLU E 53 43.70 -18.98 -40.96
C GLU E 53 42.59 -20.01 -40.94
N ASP E 54 42.77 -21.09 -41.70
CA ASP E 54 41.78 -22.16 -41.79
C ASP E 54 42.07 -23.31 -40.86
N ILE E 55 43.06 -23.17 -39.98
CA ILE E 55 43.36 -24.24 -39.04
C ILE E 55 42.80 -23.82 -37.71
N ALA E 56 42.53 -22.52 -37.59
CA ALA E 56 41.95 -21.97 -36.37
C ALA E 56 40.44 -21.92 -36.53
N LYS E 57 39.99 -21.60 -37.75
CA LYS E 57 38.57 -21.54 -38.05
C LYS E 57 38.01 -22.95 -38.30
N GLU E 58 38.85 -23.97 -38.12
CA GLU E 58 38.44 -25.35 -38.32
C GLU E 58 38.34 -26.00 -36.96
N ASN E 59 38.89 -25.33 -35.95
CA ASN E 59 38.81 -25.84 -34.60
C ASN E 59 37.56 -25.29 -33.95
N GLU E 60 37.14 -24.10 -34.41
CA GLU E 60 35.92 -23.48 -33.88
C GLU E 60 34.73 -24.35 -34.26
N LEU E 61 34.76 -24.88 -35.47
CA LEU E 61 33.71 -25.75 -35.95
C LEU E 61 33.85 -27.14 -35.34
N ARG E 62 35.06 -27.66 -35.27
CA ARG E 62 35.26 -28.97 -34.68
C ARG E 62 35.12 -28.85 -33.17
N THR E 63 34.58 -27.70 -32.75
CA THR E 63 34.34 -27.41 -31.34
C THR E 63 32.86 -27.21 -31.15
N LYS E 64 32.30 -26.14 -31.72
CA LYS E 64 30.86 -25.89 -31.61
C LYS E 64 30.08 -27.14 -32.03
N ALA E 65 30.65 -27.91 -32.94
CA ALA E 65 30.01 -29.13 -33.39
C ALA E 65 30.07 -30.11 -32.24
N GLU E 66 31.21 -30.16 -31.56
CA GLU E 66 31.38 -31.07 -30.43
C GLU E 66 30.63 -30.58 -29.19
N GLU E 67 30.10 -29.36 -29.28
CA GLU E 67 29.33 -28.73 -28.20
C GLU E 67 27.88 -29.12 -28.42
N GLU E 68 27.42 -29.01 -29.67
CA GLU E 68 26.08 -29.41 -30.00
C GLU E 68 26.07 -30.93 -30.00
N ALA E 69 27.26 -31.52 -29.98
CA ALA E 69 27.40 -32.97 -29.96
C ALA E 69 26.55 -33.46 -28.83
N ASP E 70 26.59 -32.73 -27.73
CA ASP E 70 25.82 -33.07 -26.55
C ASP E 70 24.36 -32.62 -26.70
N LYS E 71 24.12 -31.53 -27.43
CA LYS E 71 22.76 -31.05 -27.65
C LYS E 71 21.92 -32.13 -28.30
N LEU E 72 22.54 -33.00 -29.08
CA LEU E 72 21.82 -34.08 -29.71
C LEU E 72 21.82 -35.30 -28.80
N ASN E 73 22.95 -35.98 -28.71
CA ASN E 73 23.07 -37.17 -27.89
C ASN E 73 22.45 -37.02 -26.50
N LYS E 74 22.47 -35.80 -25.98
CA LYS E 74 21.90 -35.55 -24.68
C LYS E 74 20.42 -35.17 -24.77
N GLU E 75 19.88 -35.13 -25.97
CA GLU E 75 18.47 -34.78 -26.17
C GLU E 75 17.69 -35.94 -26.76
N VAL E 76 18.10 -36.43 -27.91
CA VAL E 76 17.40 -37.56 -28.51
C VAL E 76 17.46 -38.70 -27.54
N GLU E 77 18.53 -38.79 -26.77
CA GLU E 77 18.61 -39.87 -25.83
C GLU E 77 17.52 -39.74 -24.78
N ASP E 78 16.87 -38.58 -24.74
CA ASP E 78 15.78 -38.33 -23.80
C ASP E 78 14.49 -38.84 -24.40
N LEU E 79 14.28 -38.53 -25.68
CA LEU E 79 13.08 -38.97 -26.36
C LEU E 79 13.09 -40.46 -26.45
N THR E 80 14.25 -41.04 -26.67
CA THR E 80 14.36 -42.48 -26.75
C THR E 80 13.86 -43.04 -25.43
N ALA E 81 14.35 -42.50 -24.34
CA ALA E 81 13.96 -42.95 -23.01
C ALA E 81 12.48 -42.79 -22.78
N SER E 82 11.94 -41.62 -23.15
CA SER E 82 10.52 -41.32 -23.00
C SER E 82 9.71 -42.32 -23.84
N LEU E 83 10.19 -42.62 -25.04
CA LEU E 83 9.50 -43.55 -25.92
C LEU E 83 9.38 -44.91 -25.27
N PHE E 84 10.46 -45.45 -24.74
CA PHE E 84 10.36 -46.74 -24.08
C PHE E 84 9.27 -46.74 -23.02
N ASP E 85 9.31 -45.75 -22.13
CA ASP E 85 8.33 -45.62 -21.05
C ASP E 85 6.91 -45.58 -21.56
N GLU E 86 6.60 -44.61 -22.42
CA GLU E 86 5.25 -44.47 -22.96
C GLU E 86 4.80 -45.63 -23.82
N ALA E 87 5.73 -46.21 -24.56
CA ALA E 87 5.38 -47.35 -25.39
C ALA E 87 5.31 -48.60 -24.52
N ASN E 88 5.89 -48.54 -23.34
CA ASN E 88 5.81 -49.66 -22.44
C ASN E 88 4.49 -49.48 -21.71
N ASN E 89 4.30 -48.34 -21.06
CA ASN E 89 3.06 -48.04 -20.31
C ASN E 89 1.87 -48.27 -21.21
N LEU E 90 2.04 -48.18 -22.51
CA LEU E 90 0.94 -48.42 -23.41
C LEU E 90 0.57 -49.87 -23.39
N VAL E 91 1.58 -50.73 -23.44
CA VAL E 91 1.37 -52.18 -23.47
C VAL E 91 0.86 -52.71 -22.16
N ALA E 92 1.23 -52.05 -21.07
CA ALA E 92 0.78 -52.43 -19.74
C ALA E 92 -0.74 -52.53 -19.80
N ASP E 93 -1.37 -51.40 -20.13
CA ASP E 93 -2.82 -51.28 -20.29
C ASP E 93 -3.34 -52.35 -21.27
N ALA E 94 -3.09 -52.16 -22.56
CA ALA E 94 -3.54 -53.09 -23.58
C ALA E 94 -3.73 -54.52 -23.16
N ARG E 95 -2.86 -55.04 -22.30
CA ARG E 95 -2.98 -56.43 -21.87
C ARG E 95 -3.78 -56.64 -20.58
N GLU E 97 -6.19 -55.11 -19.95
CA GLU E 97 -7.56 -54.93 -20.38
C GLU E 97 -8.00 -56.27 -20.99
N LYS E 98 -7.12 -56.99 -21.69
CA LYS E 98 -7.51 -58.25 -22.33
C LYS E 98 -7.88 -59.35 -21.37
N TYR E 99 -7.43 -59.28 -20.12
CA TYR E 99 -7.79 -60.32 -19.16
C TYR E 99 -8.99 -59.95 -18.33
N ALA E 100 -9.15 -58.66 -18.06
CA ALA E 100 -10.28 -58.16 -17.29
C ALA E 100 -11.58 -58.40 -18.05
N ILE E 101 -11.46 -58.68 -19.34
CA ILE E 101 -12.61 -58.96 -20.19
C ILE E 101 -12.83 -60.44 -20.32
N GLU E 102 -11.75 -61.20 -20.48
CA GLU E 102 -11.87 -62.64 -20.56
C GLU E 102 -12.22 -63.18 -19.18
N ILE E 103 -11.78 -62.47 -18.14
CA ILE E 103 -12.07 -62.88 -16.76
C ILE E 103 -13.56 -62.76 -16.52
N LEU E 104 -14.21 -61.85 -17.24
CA LEU E 104 -15.66 -61.69 -17.12
C LEU E 104 -16.26 -62.73 -18.06
N ASN E 105 -15.43 -63.29 -18.94
CA ASN E 105 -15.89 -64.32 -19.85
C ASN E 105 -15.77 -65.63 -19.07
N LYS E 106 -15.28 -65.51 -17.83
CA LYS E 106 -15.14 -66.66 -16.93
C LYS E 106 -16.43 -66.76 -16.12
N ARG E 107 -16.92 -65.63 -15.62
CA ARG E 107 -18.15 -65.63 -14.83
C ARG E 107 -19.28 -66.05 -15.75
N LEU E 108 -18.92 -66.49 -16.95
CA LEU E 108 -19.88 -66.97 -17.94
C LEU E 108 -20.28 -68.40 -17.55
N THR E 109 -19.28 -69.19 -17.17
CA THR E 109 -19.51 -70.56 -16.76
C THR E 109 -19.92 -70.61 -15.30
N GLU E 110 -19.27 -69.80 -14.46
CA GLU E 110 -19.60 -69.78 -13.04
C GLU E 110 -21.07 -69.44 -12.79
N GLN E 111 -21.51 -68.27 -13.25
CA GLN E 111 -22.90 -67.84 -13.06
C GLN E 111 -23.90 -68.71 -13.83
N LEU E 112 -23.40 -69.51 -14.77
CA LEU E 112 -24.25 -70.40 -15.56
C LEU E 112 -24.31 -71.83 -15.06
N ARG E 113 -23.15 -72.45 -14.86
CA ARG E 113 -23.12 -73.84 -14.37
C ARG E 113 -23.78 -73.98 -13.00
N GLU E 114 -24.26 -72.86 -12.44
CA GLU E 114 -24.93 -72.87 -11.15
C GLU E 114 -26.45 -72.69 -11.34
N LYS E 115 -26.82 -71.76 -12.22
CA LYS E 115 -28.24 -71.52 -12.50
C LYS E 115 -28.71 -72.46 -13.60
N ASP E 116 -27.79 -73.30 -14.08
CA ASP E 116 -28.08 -74.33 -15.10
C ASP E 116 -28.21 -75.66 -14.37
N LEU E 118 -29.06 -75.65 -11.20
CA LEU E 118 -30.18 -75.41 -10.30
C LEU E 118 -31.43 -75.58 -11.16
N LEU E 119 -31.21 -75.63 -12.47
CA LEU E 119 -32.26 -75.83 -13.45
C LEU E 119 -32.08 -77.26 -13.98
N ASP E 120 -31.13 -77.99 -13.37
CA ASP E 120 -30.85 -79.40 -13.71
C ASP E 120 -31.70 -80.21 -12.72
N THR E 121 -32.38 -79.48 -11.84
CA THR E 121 -33.28 -80.02 -10.82
C THR E 121 -34.69 -79.54 -11.20
N LEU E 122 -34.76 -78.81 -12.32
CA LEU E 122 -36.01 -78.29 -12.87
C LEU E 122 -36.33 -79.23 -14.05
N THR E 123 -35.41 -80.17 -14.29
CA THR E 123 -35.51 -81.20 -15.34
C THR E 123 -35.68 -82.55 -14.64
N LEU E 124 -35.40 -82.57 -13.33
CA LEU E 124 -35.53 -83.75 -12.47
C LEU E 124 -36.88 -83.66 -11.73
N GLN E 125 -37.48 -82.45 -11.73
CA GLN E 125 -38.80 -82.17 -11.10
C GLN E 125 -39.92 -82.16 -12.16
N LEU E 126 -39.54 -82.41 -13.42
CA LEU E 126 -40.47 -82.47 -14.54
C LEU E 126 -40.34 -83.82 -15.24
N LYS E 127 -39.28 -84.57 -14.89
CA LYS E 127 -39.01 -85.90 -15.44
C LYS E 127 -39.33 -86.94 -14.35
N ASN E 128 -40.09 -86.51 -13.35
CA ASN E 128 -40.53 -87.33 -12.22
C ASN E 128 -41.96 -86.95 -11.81
N LEU E 129 -42.38 -85.75 -12.20
CA LEU E 129 -43.72 -85.23 -11.91
C LEU E 129 -44.77 -85.86 -12.81
N LEU F 6 105.47 -0.58 -72.05
CA LEU F 6 105.53 -1.56 -70.93
C LEU F 6 104.72 -1.06 -69.75
N GLU F 7 105.01 0.17 -69.33
CA GLU F 7 104.32 0.77 -68.20
C GLU F 7 102.82 0.49 -68.23
N GLU F 8 102.20 0.77 -69.36
CA GLU F 8 100.76 0.56 -69.50
C GLU F 8 100.36 -0.89 -69.75
N GLN F 9 101.13 -1.60 -70.56
CA GLN F 9 100.79 -2.99 -70.85
C GLN F 9 100.59 -3.78 -69.56
N LEU F 10 101.38 -3.43 -68.54
CA LEU F 10 101.29 -4.09 -67.24
C LEU F 10 100.50 -3.21 -66.28
N ASN F 11 99.62 -2.39 -66.84
CA ASN F 11 98.76 -1.53 -66.07
C ASN F 11 97.32 -1.94 -66.33
N LYS F 12 97.00 -2.23 -67.59
CA LYS F 12 95.65 -2.64 -67.96
C LYS F 12 95.31 -3.93 -67.22
N SER F 13 96.34 -4.66 -66.84
CA SER F 13 96.15 -5.90 -66.11
C SER F 13 95.30 -5.56 -64.89
N LEU F 14 95.65 -4.45 -64.23
CA LEU F 14 94.93 -4.00 -63.04
C LEU F 14 93.42 -3.77 -63.29
N LYS F 15 93.06 -2.83 -64.14
CA LYS F 15 91.65 -2.57 -64.43
C LYS F 15 91.00 -3.88 -64.77
N THR F 16 91.71 -4.69 -65.54
CA THR F 16 91.21 -5.99 -65.93
C THR F 16 90.99 -6.83 -64.71
N ILE F 17 91.85 -6.65 -63.70
CA ILE F 17 91.76 -7.42 -62.45
C ILE F 17 90.66 -6.92 -61.52
N ALA F 18 90.69 -5.64 -61.12
CA ALA F 18 89.65 -5.11 -60.23
C ALA F 18 88.30 -5.23 -60.91
N SER F 19 88.31 -5.24 -62.24
CA SER F 19 87.11 -5.36 -63.04
C SER F 19 86.59 -6.77 -62.85
N GLN F 20 87.49 -7.73 -62.68
CA GLN F 20 87.09 -9.12 -62.46
C GLN F 20 86.81 -9.37 -60.98
N LYS F 21 87.56 -8.68 -60.11
CA LYS F 21 87.38 -8.79 -58.67
C LYS F 21 85.95 -8.40 -58.29
N ALA F 22 85.55 -7.18 -58.69
CA ALA F 22 84.21 -6.64 -58.43
C ALA F 22 83.19 -7.44 -59.22
N ALA F 23 83.57 -7.92 -60.38
CA ALA F 23 82.65 -8.69 -61.19
C ALA F 23 82.12 -9.76 -60.28
N ILE F 24 83.04 -10.62 -59.86
CA ILE F 24 82.73 -11.70 -58.97
C ILE F 24 82.10 -11.16 -57.71
N GLU F 25 82.77 -10.22 -57.06
CA GLU F 25 82.22 -9.60 -55.87
C GLU F 25 80.70 -9.40 -55.92
N ASN F 26 80.13 -9.17 -57.11
CA ASN F 26 78.69 -8.90 -57.24
C ASN F 26 77.91 -10.18 -57.31
N TYR F 27 78.36 -11.07 -58.18
CA TYR F 27 77.70 -12.36 -58.39
C TYR F 27 77.74 -13.12 -57.08
N ASN F 28 78.88 -13.08 -56.39
CA ASN F 28 78.96 -13.77 -55.11
C ASN F 28 77.87 -13.30 -54.17
N GLN F 29 78.05 -12.14 -53.55
CA GLN F 29 77.03 -11.63 -52.66
C GLN F 29 75.61 -11.81 -53.21
N LEU F 30 75.46 -11.90 -54.52
CA LEU F 30 74.12 -12.08 -55.07
C LEU F 30 73.70 -13.51 -55.06
N LYS F 31 74.65 -14.44 -55.18
CA LYS F 31 74.34 -15.88 -55.16
C LYS F 31 74.09 -16.18 -53.71
N GLU F 32 74.74 -15.43 -52.83
CA GLU F 32 74.52 -15.58 -51.40
C GLU F 32 73.05 -15.23 -51.12
N ASP F 33 72.59 -14.06 -51.56
CA ASP F 33 71.20 -13.63 -51.39
C ASP F 33 70.24 -14.68 -51.95
N TYR F 34 70.57 -15.22 -53.12
CA TYR F 34 69.77 -16.25 -53.79
C TYR F 34 69.81 -17.51 -52.98
N ASN F 35 70.81 -17.61 -52.09
CA ASN F 35 70.95 -18.77 -51.23
C ASN F 35 70.02 -18.61 -50.02
N THR F 36 70.20 -17.51 -49.30
CA THR F 36 69.39 -17.21 -48.12
C THR F 36 67.90 -17.36 -48.46
N LEU F 37 67.53 -16.83 -49.62
CA LEU F 37 66.15 -16.87 -50.03
C LEU F 37 65.64 -18.26 -50.36
N LYS F 38 66.40 -19.03 -51.12
CA LYS F 38 65.98 -20.38 -51.52
C LYS F 38 65.77 -21.32 -50.34
N ARG F 39 66.43 -21.02 -49.23
CA ARG F 39 66.28 -21.83 -48.03
C ARG F 39 64.88 -21.59 -47.52
N GLU F 40 64.56 -20.32 -47.30
CA GLU F 40 63.25 -19.96 -46.81
C GLU F 40 62.13 -20.56 -47.66
N LEU F 41 62.27 -20.53 -48.97
CA LEU F 41 61.23 -21.10 -49.81
C LEU F 41 61.26 -22.62 -49.66
N SER F 42 62.28 -23.13 -49.01
CA SER F 42 62.37 -24.58 -48.77
C SER F 42 61.85 -24.87 -47.36
N ASP F 43 61.48 -23.82 -46.64
CA ASP F 43 60.94 -23.94 -45.28
C ASP F 43 59.52 -23.41 -45.23
N ARG F 44 59.10 -22.75 -46.31
CA ARG F 44 57.75 -22.25 -46.39
C ARG F 44 57.06 -23.24 -47.30
N ASP F 45 57.82 -24.18 -47.82
CA ASP F 45 57.24 -25.21 -48.66
C ASP F 45 56.87 -26.33 -47.70
N ASP F 46 57.58 -26.36 -46.57
CA ASP F 46 57.33 -27.37 -45.52
C ASP F 46 56.14 -26.96 -44.68
N GLU F 47 56.09 -25.69 -44.28
CA GLU F 47 54.96 -25.22 -43.51
C GLU F 47 53.72 -25.41 -44.35
N VAL F 48 53.85 -25.40 -45.67
CA VAL F 48 52.72 -25.61 -46.55
C VAL F 48 52.45 -27.11 -46.64
N LYS F 49 53.47 -27.90 -46.36
CA LYS F 49 53.31 -29.36 -46.37
C LYS F 49 52.57 -29.78 -45.11
N ARG F 50 53.13 -29.44 -43.95
CA ARG F 50 52.52 -29.80 -42.66
C ARG F 50 51.06 -29.39 -42.60
N LEU F 51 50.77 -28.13 -42.84
CA LEU F 51 49.41 -27.66 -42.79
C LEU F 51 48.52 -28.24 -43.89
N ARG F 52 49.09 -28.57 -45.04
CA ARG F 52 48.30 -29.16 -46.12
C ARG F 52 48.01 -30.65 -45.84
N GLU F 53 48.67 -31.21 -44.82
CA GLU F 53 48.45 -32.61 -44.43
C GLU F 53 47.70 -32.64 -43.10
N ASP F 54 47.77 -31.54 -42.34
CA ASP F 54 47.06 -31.42 -41.07
C ASP F 54 45.60 -31.26 -41.44
N ILE F 55 45.37 -30.73 -42.63
CA ILE F 55 44.03 -30.53 -43.17
C ILE F 55 43.49 -31.90 -43.56
N ALA F 56 44.16 -32.57 -44.49
CA ALA F 56 43.72 -33.89 -44.91
C ALA F 56 43.62 -34.88 -43.74
N LYS F 57 44.33 -34.60 -42.65
CA LYS F 57 44.31 -35.49 -41.49
C LYS F 57 43.04 -35.30 -40.68
N GLU F 58 42.92 -34.18 -39.99
CA GLU F 58 41.73 -33.92 -39.20
C GLU F 58 40.51 -33.77 -40.07
N ASN F 59 40.64 -34.07 -41.36
CA ASN F 59 39.51 -34.01 -42.28
C ASN F 59 39.22 -35.41 -42.78
N GLU F 60 40.16 -36.31 -42.61
CA GLU F 60 39.94 -37.69 -43.01
C GLU F 60 39.35 -38.35 -41.79
N LEU F 61 39.33 -37.59 -40.69
CA LEU F 61 38.79 -38.04 -39.41
C LEU F 61 37.37 -37.54 -39.23
N ARG F 62 37.11 -36.32 -39.67
CA ARG F 62 35.78 -35.75 -39.57
C ARG F 62 34.92 -36.24 -40.73
N THR F 63 35.46 -37.19 -41.50
CA THR F 63 34.74 -37.76 -42.62
C THR F 63 34.02 -38.98 -42.11
N LYS F 64 34.79 -39.85 -41.47
CA LYS F 64 34.25 -41.08 -40.91
C LYS F 64 33.37 -40.73 -39.71
N ALA F 65 33.68 -39.62 -39.04
CA ALA F 65 32.92 -39.18 -37.88
C ALA F 65 31.53 -38.71 -38.31
N GLU F 66 31.46 -37.85 -39.31
CA GLU F 66 30.18 -37.38 -39.78
C GLU F 66 29.55 -38.48 -40.62
N GLU F 67 30.25 -39.59 -40.76
CA GLU F 67 29.74 -40.72 -41.53
C GLU F 67 29.02 -41.71 -40.63
N GLU F 68 29.69 -42.18 -39.59
CA GLU F 68 29.06 -43.12 -38.69
C GLU F 68 27.89 -42.46 -37.97
N ALA F 69 27.94 -41.14 -37.84
CA ALA F 69 26.87 -40.41 -37.18
C ALA F 69 25.55 -40.52 -37.94
N ASP F 70 25.62 -40.45 -39.26
CA ASP F 70 24.42 -40.55 -40.09
C ASP F 70 23.86 -41.97 -40.04
N LYS F 71 24.74 -42.96 -39.92
CA LYS F 71 24.29 -44.34 -39.85
C LYS F 71 23.55 -44.55 -38.53
N LEU F 72 23.97 -43.87 -37.48
CA LEU F 72 23.34 -44.04 -36.18
C LEU F 72 21.99 -43.37 -36.15
N ASN F 73 21.92 -42.13 -36.59
CA ASN F 73 20.65 -41.46 -36.57
C ASN F 73 19.67 -42.01 -37.57
N LYS F 74 20.12 -42.94 -38.39
CA LYS F 74 19.22 -43.52 -39.38
C LYS F 74 18.68 -44.85 -38.84
N GLU F 75 19.51 -45.59 -38.11
CA GLU F 75 19.10 -46.86 -37.52
C GLU F 75 18.14 -46.52 -36.42
N VAL F 76 18.19 -45.27 -35.97
CA VAL F 76 17.31 -44.77 -34.92
C VAL F 76 16.07 -44.13 -35.52
N GLU F 77 16.25 -43.12 -36.36
CA GLU F 77 15.10 -42.47 -36.99
C GLU F 77 14.07 -43.47 -37.43
N ASP F 78 14.54 -44.67 -37.77
CA ASP F 78 13.66 -45.71 -38.25
C ASP F 78 13.39 -46.85 -37.26
N LEU F 79 13.96 -46.74 -36.06
CA LEU F 79 13.74 -47.73 -34.98
C LEU F 79 12.39 -47.42 -34.36
N THR F 80 12.35 -46.20 -33.85
CA THR F 80 11.19 -45.59 -33.27
C THR F 80 10.10 -45.49 -34.36
N ALA F 81 10.45 -44.99 -35.51
CA ALA F 81 9.48 -44.93 -36.56
C ALA F 81 8.74 -46.25 -36.62
N SER F 82 9.47 -47.34 -36.40
CA SER F 82 8.86 -48.66 -36.46
C SER F 82 8.21 -49.00 -35.12
N LEU F 83 8.85 -48.64 -34.01
CA LEU F 83 8.22 -48.91 -32.74
C LEU F 83 6.80 -48.30 -32.78
N PHE F 84 6.69 -47.01 -33.04
CA PHE F 84 5.41 -46.33 -33.11
C PHE F 84 4.47 -47.02 -34.09
N ASP F 85 5.04 -47.66 -35.09
CA ASP F 85 4.23 -48.33 -36.05
C ASP F 85 3.69 -49.61 -35.51
N GLU F 86 4.50 -50.30 -34.71
CA GLU F 86 4.08 -51.60 -34.17
C GLU F 86 3.08 -51.37 -33.10
N ALA F 87 3.40 -50.53 -32.14
CA ALA F 87 2.47 -50.18 -31.07
C ALA F 87 1.19 -49.58 -31.63
N ASN F 88 1.29 -48.82 -32.67
CA ASN F 88 0.09 -48.29 -33.22
C ASN F 88 -0.69 -49.43 -33.80
N ASN F 89 0.02 -50.41 -34.31
CA ASN F 89 -0.52 -51.64 -34.92
C ASN F 89 -1.06 -52.58 -33.83
N LEU F 90 -0.72 -52.31 -32.59
CA LEU F 90 -1.19 -53.13 -31.54
C LEU F 90 -2.45 -52.55 -31.03
N VAL F 91 -2.39 -51.29 -30.60
CA VAL F 91 -3.57 -50.59 -30.10
C VAL F 91 -4.69 -50.71 -31.07
N ALA F 92 -4.40 -51.05 -32.30
CA ALA F 92 -5.40 -51.22 -33.32
C ALA F 92 -5.99 -52.61 -33.28
N ASP F 93 -5.18 -53.59 -32.88
CA ASP F 93 -5.61 -54.98 -32.82
C ASP F 93 -6.36 -55.24 -31.53
N ALA F 94 -5.74 -54.93 -30.40
CA ALA F 94 -6.40 -55.13 -29.15
C ALA F 94 -7.77 -54.47 -29.28
N ARG F 95 -7.84 -53.32 -29.95
CA ARG F 95 -9.09 -52.59 -30.19
C ARG F 95 -10.17 -53.56 -30.66
N GLU F 97 -10.48 -57.34 -30.67
CA GLU F 97 -10.87 -58.31 -29.68
C GLU F 97 -11.59 -57.70 -28.47
N LYS F 98 -11.25 -56.48 -28.07
CA LYS F 98 -11.93 -55.85 -26.92
C LYS F 98 -13.41 -55.88 -27.19
N TYR F 99 -13.81 -55.24 -28.28
CA TYR F 99 -15.20 -55.22 -28.65
C TYR F 99 -15.72 -56.67 -28.79
N ALA F 100 -15.28 -57.36 -29.83
CA ALA F 100 -15.72 -58.72 -30.09
C ALA F 100 -15.93 -59.59 -28.86
N ILE F 101 -15.00 -59.52 -27.91
CA ILE F 101 -15.07 -60.33 -26.69
C ILE F 101 -16.13 -59.83 -25.74
N GLU F 102 -16.20 -58.51 -25.54
CA GLU F 102 -17.21 -58.00 -24.64
C GLU F 102 -18.60 -58.20 -25.23
N ILE F 103 -18.67 -58.52 -26.51
CA ILE F 103 -19.94 -58.76 -27.17
C ILE F 103 -20.42 -60.13 -26.70
N LEU F 104 -19.48 -61.00 -26.36
CA LEU F 104 -19.82 -62.31 -25.88
C LEU F 104 -20.48 -62.16 -24.52
N ASN F 105 -20.02 -61.17 -23.76
CA ASN F 105 -20.55 -60.89 -22.43
C ASN F 105 -21.90 -60.18 -22.44
N LYS F 106 -22.19 -59.40 -23.48
CA LYS F 106 -23.47 -58.69 -23.58
C LYS F 106 -24.61 -59.69 -23.83
N ARG F 107 -24.39 -60.62 -24.74
CA ARG F 107 -25.38 -61.66 -25.03
C ARG F 107 -25.36 -62.62 -23.86
N LEU F 108 -24.46 -62.34 -22.90
CA LEU F 108 -24.30 -63.16 -21.70
C LEU F 108 -25.04 -62.58 -20.48
N THR F 109 -25.13 -61.25 -20.39
CA THR F 109 -25.84 -60.58 -19.28
C THR F 109 -27.36 -60.73 -19.46
N GLU F 110 -27.82 -60.50 -20.69
CA GLU F 110 -29.22 -60.63 -21.04
C GLU F 110 -29.51 -62.13 -21.15
N GLN F 111 -28.47 -62.93 -20.88
CA GLN F 111 -28.52 -64.39 -20.90
C GLN F 111 -28.82 -64.91 -19.52
N LEU F 112 -28.72 -64.03 -18.52
CA LEU F 112 -29.00 -64.40 -17.13
C LEU F 112 -30.27 -63.72 -16.60
N ARG F 113 -30.65 -62.60 -17.22
CA ARG F 113 -31.87 -61.90 -16.83
C ARG F 113 -32.99 -62.89 -17.06
N GLU F 114 -32.78 -63.74 -18.05
CA GLU F 114 -33.73 -64.76 -18.45
C GLU F 114 -33.40 -66.14 -17.85
N LYS F 115 -32.63 -66.15 -16.75
CA LYS F 115 -32.28 -67.39 -16.07
C LYS F 115 -32.67 -67.32 -14.60
N ASP F 116 -33.22 -66.17 -14.21
CA ASP F 116 -33.71 -65.93 -12.85
C ASP F 116 -35.20 -66.17 -12.95
N LEU F 118 -35.89 -69.09 -14.60
CA LEU F 118 -35.78 -70.54 -14.65
C LEU F 118 -35.79 -70.97 -13.19
N LEU F 119 -35.95 -69.97 -12.34
CA LEU F 119 -36.05 -70.12 -10.90
C LEU F 119 -37.49 -69.71 -10.56
N ASP F 120 -38.21 -69.24 -11.58
CA ASP F 120 -39.62 -68.84 -11.48
C ASP F 120 -40.42 -70.04 -11.97
N THR F 121 -39.74 -70.94 -12.72
CA THR F 121 -40.35 -72.15 -13.23
C THR F 121 -40.27 -73.14 -12.07
N LEU F 122 -39.34 -72.87 -11.17
CA LEU F 122 -39.17 -73.69 -9.97
C LEU F 122 -40.11 -73.06 -8.94
N THR F 123 -40.77 -71.97 -9.35
CA THR F 123 -41.72 -71.24 -8.51
C THR F 123 -43.14 -71.59 -8.96
N LEU F 124 -43.26 -72.05 -10.20
CA LEU F 124 -44.53 -72.47 -10.77
C LEU F 124 -44.70 -73.97 -10.46
N GLN F 125 -43.62 -74.60 -9.96
CA GLN F 125 -43.62 -76.02 -9.57
C GLN F 125 -43.59 -76.18 -8.06
N LEU F 126 -43.79 -75.06 -7.36
CA LEU F 126 -43.83 -75.03 -5.90
C LEU F 126 -44.97 -74.09 -5.43
N LYS F 127 -45.66 -73.50 -6.41
CA LYS F 127 -46.81 -72.61 -6.17
C LYS F 127 -48.04 -73.34 -6.69
N ASN F 128 -47.81 -74.59 -7.12
CA ASN F 128 -48.84 -75.49 -7.65
C ASN F 128 -48.84 -76.73 -6.74
N LEU F 129 -47.64 -77.10 -6.26
CA LEU F 129 -47.44 -78.26 -5.39
C LEU F 129 -47.81 -77.91 -3.93
N LEU G 6 -92.51 -79.23 -100.73
CA LEU G 6 -91.91 -77.92 -101.11
C LEU G 6 -91.46 -77.16 -99.87
N GLU G 7 -92.00 -77.55 -98.71
CA GLU G 7 -91.63 -76.93 -97.45
C GLU G 7 -90.16 -77.23 -97.23
N GLU G 8 -89.75 -78.36 -97.80
CA GLU G 8 -88.38 -78.82 -97.72
C GLU G 8 -87.49 -77.67 -98.20
N GLN G 9 -87.61 -77.32 -99.48
CA GLN G 9 -86.83 -76.23 -100.09
C GLN G 9 -86.81 -75.01 -99.17
N LEU G 10 -87.84 -74.88 -98.34
CA LEU G 10 -87.95 -73.76 -97.42
C LEU G 10 -87.03 -73.87 -96.21
N ASN G 11 -87.13 -74.98 -95.50
CA ASN G 11 -86.33 -75.22 -94.31
C ASN G 11 -84.84 -75.21 -94.53
N LYS G 12 -84.37 -75.74 -95.66
CA LYS G 12 -82.93 -75.76 -95.95
C LYS G 12 -82.48 -74.36 -96.30
N SER G 13 -83.34 -73.64 -97.03
CA SER G 13 -83.06 -72.27 -97.42
C SER G 13 -82.90 -71.45 -96.15
N LEU G 14 -83.76 -71.75 -95.18
CA LEU G 14 -83.73 -71.07 -93.89
C LEU G 14 -82.37 -71.31 -93.22
N LYS G 15 -81.98 -72.58 -93.12
CA LYS G 15 -80.72 -72.98 -92.52
C LYS G 15 -79.58 -72.24 -93.22
N THR G 16 -79.55 -72.30 -94.55
CA THR G 16 -78.50 -71.63 -95.31
C THR G 16 -78.34 -70.17 -94.90
N ILE G 17 -79.48 -69.51 -94.63
CA ILE G 17 -79.48 -68.10 -94.23
C ILE G 17 -78.86 -67.90 -92.85
N ALA G 18 -79.23 -68.76 -91.91
CA ALA G 18 -78.69 -68.70 -90.55
C ALA G 18 -77.17 -68.71 -90.63
N SER G 19 -76.62 -69.56 -91.50
CA SER G 19 -75.18 -69.66 -91.69
C SER G 19 -74.68 -68.45 -92.43
N GLN G 20 -75.55 -67.45 -92.57
CA GLN G 20 -75.18 -66.23 -93.24
C GLN G 20 -75.41 -65.10 -92.28
N LYS G 21 -76.64 -64.97 -91.79
CA LYS G 21 -76.95 -63.89 -90.83
C LYS G 21 -76.01 -64.01 -89.63
N ALA G 22 -75.64 -65.24 -89.29
CA ALA G 22 -74.73 -65.51 -88.18
C ALA G 22 -73.33 -65.45 -88.77
N ALA G 23 -73.22 -65.69 -90.06
CA ALA G 23 -71.93 -65.62 -90.74
C ALA G 23 -71.45 -64.18 -90.69
N ILE G 24 -72.19 -63.29 -91.33
CA ILE G 24 -71.83 -61.86 -91.34
C ILE G 24 -71.55 -61.46 -89.91
N GLU G 25 -72.58 -61.60 -89.08
CA GLU G 25 -72.49 -61.26 -87.68
C GLU G 25 -71.10 -61.55 -87.12
N ASN G 26 -70.60 -62.77 -87.30
CA ASN G 26 -69.29 -63.15 -86.80
C ASN G 26 -68.18 -62.21 -87.20
N TYR G 27 -67.96 -62.05 -88.51
CA TYR G 27 -66.91 -61.17 -88.98
C TYR G 27 -67.17 -59.80 -88.43
N ASN G 28 -68.45 -59.43 -88.36
CA ASN G 28 -68.83 -58.13 -87.82
C ASN G 28 -68.56 -58.02 -86.31
N GLN G 29 -69.02 -58.99 -85.52
CA GLN G 29 -68.81 -58.96 -84.08
C GLN G 29 -67.34 -59.03 -83.73
N LEU G 30 -66.55 -59.81 -84.48
CA LEU G 30 -65.13 -59.89 -84.20
C LEU G 30 -64.46 -58.60 -84.65
N LYS G 31 -64.77 -58.16 -85.86
CA LYS G 31 -64.21 -56.92 -86.41
C LYS G 31 -64.55 -55.78 -85.46
N GLU G 32 -65.52 -56.00 -84.58
CA GLU G 32 -65.97 -55.03 -83.59
C GLU G 32 -65.04 -55.10 -82.37
N ASP G 33 -64.34 -56.22 -82.23
CA ASP G 33 -63.39 -56.41 -81.14
C ASP G 33 -62.01 -56.01 -81.64
N TYR G 34 -61.78 -56.15 -82.93
CA TYR G 34 -60.50 -55.78 -83.52
C TYR G 34 -60.33 -54.29 -83.37
N ASN G 35 -61.39 -53.54 -83.71
CA ASN G 35 -61.37 -52.07 -83.61
C ASN G 35 -61.07 -51.60 -82.16
N THR G 36 -61.42 -52.42 -81.18
CA THR G 36 -61.18 -52.11 -79.77
C THR G 36 -59.69 -52.05 -79.51
N LEU G 37 -59.02 -53.19 -79.64
CA LEU G 37 -57.59 -53.23 -79.41
C LEU G 37 -56.86 -52.15 -80.19
N LYS G 38 -57.21 -52.00 -81.46
CA LYS G 38 -56.56 -51.00 -82.32
C LYS G 38 -56.64 -49.60 -81.69
N ARG G 39 -57.75 -49.28 -81.02
CA ARG G 39 -57.91 -47.98 -80.37
C ARG G 39 -57.00 -47.89 -79.14
N GLU G 40 -57.04 -48.92 -78.29
CA GLU G 40 -56.20 -48.97 -77.10
C GLU G 40 -54.74 -48.78 -77.47
N LEU G 41 -54.25 -49.58 -78.41
CA LEU G 41 -52.87 -49.47 -78.84
C LEU G 41 -52.59 -48.06 -79.32
N SER G 42 -53.64 -47.32 -79.69
CA SER G 42 -53.46 -45.93 -80.13
C SER G 42 -53.24 -45.05 -78.90
N ASP G 43 -54.22 -45.01 -78.01
CA ASP G 43 -54.12 -44.21 -76.80
C ASP G 43 -53.00 -44.72 -75.90
N ARG G 44 -52.65 -45.99 -76.04
CA ARG G 44 -51.58 -46.56 -75.24
C ARG G 44 -50.31 -45.89 -75.68
N ASP G 45 -50.09 -45.78 -76.98
CA ASP G 45 -48.90 -45.12 -77.45
C ASP G 45 -49.03 -43.63 -77.27
N ASP G 46 -50.22 -43.17 -76.89
CA ASP G 46 -50.44 -41.74 -76.64
C ASP G 46 -50.14 -41.45 -75.17
N GLU G 47 -50.35 -42.46 -74.32
CA GLU G 47 -50.07 -42.34 -72.89
C GLU G 47 -48.59 -42.58 -72.68
N VAL G 48 -48.01 -43.43 -73.52
CA VAL G 48 -46.58 -43.72 -73.44
C VAL G 48 -45.83 -42.42 -73.70
N LYS G 49 -46.31 -41.67 -74.69
CA LYS G 49 -45.71 -40.39 -75.02
C LYS G 49 -45.77 -39.53 -73.76
N ARG G 50 -46.96 -39.36 -73.20
CA ARG G 50 -47.18 -38.57 -71.98
C ARG G 50 -46.10 -38.81 -70.94
N LEU G 51 -45.92 -40.08 -70.55
CA LEU G 51 -44.93 -40.42 -69.55
C LEU G 51 -43.47 -40.36 -70.02
N ARG G 52 -43.18 -40.90 -71.19
CA ARG G 52 -41.80 -40.84 -71.66
C ARG G 52 -41.32 -39.41 -71.93
N GLU G 53 -42.22 -38.44 -71.79
CA GLU G 53 -41.88 -37.03 -72.00
C GLU G 53 -41.72 -36.34 -70.66
N ASP G 54 -42.35 -36.88 -69.63
CA ASP G 54 -42.28 -36.32 -68.29
C ASP G 54 -41.03 -36.77 -67.58
N ILE G 55 -40.67 -38.03 -67.74
CA ILE G 55 -39.47 -38.57 -67.13
C ILE G 55 -38.23 -37.95 -67.78
N ALA G 56 -38.31 -37.71 -69.07
CA ALA G 56 -37.20 -37.11 -69.79
C ALA G 56 -37.12 -35.63 -69.46
N LYS G 57 -38.20 -35.10 -68.91
CA LYS G 57 -38.26 -33.69 -68.53
C LYS G 57 -38.12 -33.56 -67.00
N GLU G 58 -38.45 -34.62 -66.28
CA GLU G 58 -38.32 -34.62 -64.83
C GLU G 58 -36.85 -34.87 -64.56
N ASN G 59 -36.26 -35.77 -65.34
CA ASN G 59 -34.84 -36.09 -65.22
C ASN G 59 -34.08 -34.94 -65.87
N GLU G 60 -34.83 -34.00 -66.43
CA GLU G 60 -34.27 -32.82 -67.06
C GLU G 60 -34.14 -31.74 -65.99
N LEU G 61 -35.19 -31.61 -65.18
CA LEU G 61 -35.20 -30.64 -64.10
C LEU G 61 -34.16 -31.10 -63.08
N ARG G 62 -34.14 -32.39 -62.80
CA ARG G 62 -33.18 -32.93 -61.86
C ARG G 62 -31.76 -32.74 -62.38
N THR G 63 -31.65 -32.47 -63.68
CA THR G 63 -30.35 -32.25 -64.29
C THR G 63 -29.87 -30.84 -64.05
N LYS G 64 -30.79 -29.89 -64.05
CA LYS G 64 -30.45 -28.49 -63.80
C LYS G 64 -30.54 -28.20 -62.29
N ALA G 65 -31.15 -29.12 -61.56
CA ALA G 65 -31.28 -29.00 -60.11
C ALA G 65 -29.95 -29.45 -59.56
N GLU G 66 -29.50 -30.61 -60.01
CA GLU G 66 -28.21 -31.13 -59.58
C GLU G 66 -27.16 -30.13 -60.01
N GLU G 67 -27.55 -29.22 -60.89
CA GLU G 67 -26.64 -28.19 -61.40
C GLU G 67 -26.48 -27.02 -60.44
N GLU G 68 -27.58 -26.33 -60.17
CA GLU G 68 -27.53 -25.19 -59.26
C GLU G 68 -26.86 -25.61 -57.96
N ALA G 69 -27.18 -26.81 -57.50
CA ALA G 69 -26.64 -27.35 -56.27
C ALA G 69 -25.13 -27.51 -56.30
N ASP G 70 -24.56 -27.65 -57.48
CA ASP G 70 -23.12 -27.83 -57.57
C ASP G 70 -22.44 -26.51 -57.83
N LYS G 71 -23.20 -25.43 -57.99
CA LYS G 71 -22.61 -24.10 -58.19
C LYS G 71 -22.62 -23.33 -56.88
N LEU G 72 -23.42 -23.82 -55.94
CA LEU G 72 -23.52 -23.22 -54.61
C LEU G 72 -22.30 -23.68 -53.83
N ASN G 73 -21.81 -24.88 -54.17
CA ASN G 73 -20.64 -25.44 -53.50
C ASN G 73 -19.50 -24.49 -53.68
N LYS G 74 -18.98 -24.36 -54.89
CA LYS G 74 -17.87 -23.45 -55.12
C LYS G 74 -18.19 -22.09 -54.49
N GLU G 75 -19.29 -21.47 -54.92
CA GLU G 75 -19.66 -20.17 -54.40
C GLU G 75 -19.45 -20.05 -52.90
N VAL G 76 -20.17 -20.86 -52.13
CA VAL G 76 -20.04 -20.83 -50.67
C VAL G 76 -18.72 -21.39 -50.18
N GLU G 77 -18.52 -22.68 -50.37
CA GLU G 77 -17.29 -23.34 -49.93
C GLU G 77 -16.05 -22.52 -50.23
N ASP G 78 -16.08 -21.73 -51.30
CA ASP G 78 -14.93 -20.90 -51.67
C ASP G 78 -15.01 -19.56 -50.96
N LEU G 79 -16.23 -19.09 -50.75
CA LEU G 79 -16.46 -17.84 -50.05
C LEU G 79 -15.97 -18.07 -48.61
N THR G 80 -16.60 -19.04 -47.95
CA THR G 80 -16.27 -19.42 -46.59
C THR G 80 -14.81 -19.81 -46.47
N ALA G 81 -14.28 -20.46 -47.48
CA ALA G 81 -12.89 -20.86 -47.48
C ALA G 81 -11.93 -19.69 -47.39
N SER G 82 -12.04 -18.74 -48.32
CA SER G 82 -11.15 -17.55 -48.36
C SER G 82 -11.25 -16.68 -47.11
N LEU G 83 -12.43 -16.62 -46.52
CA LEU G 83 -12.63 -15.86 -45.30
C LEU G 83 -11.56 -16.36 -44.36
N PHE G 84 -11.61 -17.65 -44.08
CA PHE G 84 -10.67 -18.33 -43.20
C PHE G 84 -9.24 -17.87 -43.48
N ASP G 85 -8.73 -18.16 -44.67
CA ASP G 85 -7.36 -17.79 -45.04
C ASP G 85 -6.79 -16.52 -44.42
N GLU G 86 -7.39 -15.39 -44.76
CA GLU G 86 -6.94 -14.11 -44.25
C GLU G 86 -7.13 -13.98 -42.74
N ALA G 87 -8.17 -14.61 -42.20
CA ALA G 87 -8.41 -14.56 -40.76
C ALA G 87 -7.18 -15.14 -40.11
N ASN G 88 -6.48 -16.01 -40.83
CA ASN G 88 -5.25 -16.61 -40.32
C ASN G 88 -4.12 -15.59 -40.46
N ASN G 89 -4.26 -14.69 -41.42
CA ASN G 89 -3.28 -13.63 -41.66
C ASN G 89 -3.41 -12.55 -40.59
N LEU G 90 -4.63 -12.29 -40.14
CA LEU G 90 -4.83 -11.30 -39.11
C LEU G 90 -4.23 -11.79 -37.80
N VAL G 91 -4.65 -12.96 -37.34
CA VAL G 91 -4.11 -13.50 -36.09
C VAL G 91 -2.60 -13.61 -36.24
N ALA G 92 -2.15 -13.60 -37.49
CA ALA G 92 -0.73 -13.68 -37.79
C ALA G 92 -0.15 -12.26 -37.72
N ASP G 93 -0.90 -11.30 -38.24
CA ASP G 93 -0.51 -9.90 -38.24
C ASP G 93 -0.34 -9.49 -36.77
N ALA G 94 -1.44 -9.46 -36.02
CA ALA G 94 -1.42 -9.08 -34.61
C ALA G 94 -0.32 -9.80 -33.83
N ARG G 95 0.04 -11.01 -34.27
CA ARG G 95 1.10 -11.75 -33.60
C ARG G 95 2.44 -11.06 -33.80
N GLU G 97 3.05 -8.32 -35.31
CA GLU G 97 2.88 -6.89 -35.09
C GLU G 97 3.13 -6.61 -33.61
N LYS G 98 2.14 -6.89 -32.77
CA LYS G 98 2.24 -6.65 -31.33
C LYS G 98 3.40 -7.34 -30.63
N TYR G 99 4.08 -8.23 -31.32
CA TYR G 99 5.21 -8.94 -30.73
C TYR G 99 6.48 -8.11 -30.79
N ALA G 100 6.86 -7.69 -31.99
CA ALA G 100 8.05 -6.86 -32.13
C ALA G 100 7.77 -5.45 -31.64
N ILE G 101 6.49 -5.11 -31.43
CA ILE G 101 6.09 -3.78 -30.95
C ILE G 101 6.33 -3.68 -29.45
N GLU G 102 6.35 -4.84 -28.79
CA GLU G 102 6.60 -4.85 -27.37
C GLU G 102 8.09 -4.53 -27.21
N ILE G 103 8.82 -4.54 -28.32
CA ILE G 103 10.25 -4.22 -28.32
C ILE G 103 10.43 -2.72 -28.22
N LEU G 104 9.50 -1.96 -28.80
CA LEU G 104 9.56 -0.50 -28.74
C LEU G 104 8.84 -0.01 -27.48
N ASN G 105 8.14 -0.94 -26.83
CA ASN G 105 7.43 -0.62 -25.59
C ASN G 105 8.28 -1.00 -24.39
N LYS G 106 9.32 -1.79 -24.65
CA LYS G 106 10.27 -2.25 -23.62
C LYS G 106 11.50 -1.35 -23.60
N ARG G 107 11.59 -0.43 -24.58
CA ARG G 107 12.71 0.50 -24.67
C ARG G 107 12.25 1.93 -24.37
N LEU G 108 11.04 2.30 -24.81
CA LEU G 108 10.54 3.65 -24.57
C LEU G 108 9.97 3.74 -23.15
N THR G 109 10.05 2.61 -22.44
CA THR G 109 9.64 2.51 -21.04
C THR G 109 10.90 2.10 -20.25
N GLU G 110 11.89 1.55 -20.97
CA GLU G 110 13.17 1.14 -20.40
C GLU G 110 13.98 2.43 -20.27
N GLN G 111 13.48 3.48 -20.94
CA GLN G 111 14.08 4.82 -20.92
C GLN G 111 13.39 5.62 -19.82
N LEU G 112 12.46 4.96 -19.14
CA LEU G 112 11.77 5.55 -18.03
C LEU G 112 12.32 4.86 -16.77
N ARG G 113 13.36 4.05 -16.97
CA ARG G 113 14.05 3.31 -15.89
C ARG G 113 15.30 4.10 -15.46
N GLU G 114 15.87 4.82 -16.43
CA GLU G 114 17.06 5.64 -16.20
C GLU G 114 16.62 7.10 -15.99
N LYS G 115 15.42 7.44 -16.46
CA LYS G 115 14.87 8.79 -16.34
C LYS G 115 14.19 8.99 -14.98
N LEU H 6 -78.91 -81.39 -114.25
CA LEU H 6 -78.17 -81.83 -113.04
C LEU H 6 -76.93 -80.99 -112.78
N GLU H 7 -76.38 -80.39 -113.84
CA GLU H 7 -75.21 -79.53 -113.70
C GLU H 7 -75.59 -78.41 -112.73
N GLU H 8 -76.88 -78.11 -112.71
CA GLU H 8 -77.47 -77.08 -111.84
C GLU H 8 -76.90 -77.10 -110.41
N GLN H 9 -77.45 -77.97 -109.55
CA GLN H 9 -77.02 -78.09 -108.16
C GLN H 9 -75.52 -78.28 -107.99
N LEU H 10 -74.91 -79.02 -108.91
CA LEU H 10 -73.49 -79.29 -108.86
C LEU H 10 -72.63 -78.06 -108.63
N ASN H 11 -72.75 -77.05 -109.50
CA ASN H 11 -71.94 -75.86 -109.33
C ASN H 11 -72.55 -74.84 -108.36
N LYS H 12 -73.86 -74.94 -108.11
CA LYS H 12 -74.50 -74.02 -107.15
C LYS H 12 -73.86 -74.28 -105.82
N SER H 13 -73.89 -75.55 -105.41
CA SER H 13 -73.28 -75.97 -104.16
C SER H 13 -71.80 -75.55 -104.15
N LEU H 14 -71.21 -75.42 -105.34
CA LEU H 14 -69.83 -75.01 -105.48
C LEU H 14 -69.68 -73.58 -104.97
N LYS H 15 -70.36 -72.65 -105.64
CA LYS H 15 -70.31 -71.25 -105.21
C LYS H 15 -70.76 -71.11 -103.76
N THR H 16 -71.52 -72.10 -103.29
CA THR H 16 -72.00 -72.13 -101.92
C THR H 16 -70.87 -72.55 -101.02
N ILE H 17 -69.93 -73.31 -101.56
CA ILE H 17 -68.77 -73.77 -100.81
C ILE H 17 -67.59 -72.79 -100.95
N ALA H 18 -67.52 -72.09 -102.09
CA ALA H 18 -66.47 -71.10 -102.34
C ALA H 18 -66.76 -69.81 -101.55
N SER H 19 -67.97 -69.73 -101.00
CA SER H 19 -68.40 -68.59 -100.19
C SER H 19 -68.22 -68.97 -98.72
N GLN H 20 -68.18 -70.28 -98.45
CA GLN H 20 -67.98 -70.82 -97.11
C GLN H 20 -66.48 -70.80 -96.90
N LYS H 21 -65.76 -70.96 -98.00
CA LYS H 21 -64.31 -70.92 -97.99
C LYS H 21 -63.92 -69.50 -97.64
N ALA H 22 -64.02 -68.63 -98.63
CA ALA H 22 -63.69 -67.23 -98.45
C ALA H 22 -64.34 -66.70 -97.18
N ALA H 23 -65.39 -67.39 -96.72
CA ALA H 23 -66.09 -66.97 -95.51
C ALA H 23 -65.10 -67.03 -94.35
N ILE H 24 -64.68 -68.23 -94.01
CA ILE H 24 -63.72 -68.42 -92.93
C ILE H 24 -62.39 -67.83 -93.31
N GLU H 25 -62.04 -68.03 -94.57
CA GLU H 25 -60.81 -67.50 -95.14
C GLU H 25 -60.73 -66.01 -94.79
N ASN H 26 -61.88 -65.41 -94.49
CA ASN H 26 -61.93 -63.99 -94.16
C ASN H 26 -61.88 -63.75 -92.67
N TYR H 27 -62.58 -64.60 -91.91
CA TYR H 27 -62.63 -64.46 -90.47
C TYR H 27 -61.26 -64.66 -89.90
N ASN H 28 -60.52 -65.59 -90.48
CA ASN H 28 -59.18 -65.85 -90.00
C ASN H 28 -58.20 -64.71 -90.40
N GLN H 29 -58.24 -64.23 -91.64
CA GLN H 29 -57.36 -63.14 -92.06
C GLN H 29 -57.50 -61.95 -91.12
N LEU H 30 -58.60 -61.92 -90.36
CA LEU H 30 -58.84 -60.84 -89.40
C LEU H 30 -58.32 -61.24 -88.01
N LYS H 31 -58.74 -62.40 -87.52
CA LYS H 31 -58.29 -62.89 -86.20
C LYS H 31 -56.78 -62.75 -86.10
N GLU H 32 -56.08 -63.08 -87.19
CA GLU H 32 -54.63 -62.98 -87.26
C GLU H 32 -54.25 -61.55 -86.87
N ASP H 33 -54.92 -60.57 -87.46
CA ASP H 33 -54.65 -59.14 -87.17
C ASP H 33 -55.15 -58.79 -85.77
N TYR H 34 -56.08 -59.59 -85.24
CA TYR H 34 -56.62 -59.37 -83.91
C TYR H 34 -55.63 -59.86 -82.89
N ASN H 35 -55.03 -61.03 -83.16
CA ASN H 35 -54.05 -61.57 -82.24
C ASN H 35 -52.79 -60.76 -82.36
N THR H 36 -52.30 -60.62 -83.58
CA THR H 36 -51.08 -59.86 -83.80
C THR H 36 -51.17 -58.49 -83.17
N LEU H 37 -52.35 -58.10 -82.70
CA LEU H 37 -52.53 -56.78 -82.07
C LEU H 37 -52.41 -56.91 -80.55
N LYS H 38 -53.19 -57.81 -79.96
CA LYS H 38 -53.11 -58.03 -78.52
C LYS H 38 -51.65 -58.22 -78.08
N ARG H 39 -50.95 -59.19 -78.68
CA ARG H 39 -49.56 -59.47 -78.33
C ARG H 39 -48.75 -58.19 -78.53
N GLU H 40 -49.30 -57.22 -79.25
CA GLU H 40 -48.62 -55.97 -79.47
C GLU H 40 -49.26 -54.90 -78.61
N LEU H 41 -50.34 -55.26 -77.93
CA LEU H 41 -51.01 -54.33 -77.01
C LEU H 41 -50.41 -54.58 -75.64
N SER H 42 -50.50 -55.82 -75.16
CA SER H 42 -49.90 -56.15 -73.86
C SER H 42 -48.40 -55.92 -74.03
N ASP H 43 -48.00 -55.62 -75.24
CA ASP H 43 -46.62 -55.34 -75.60
C ASP H 43 -46.30 -53.88 -75.22
N ARG H 44 -47.19 -52.98 -75.61
CA ARG H 44 -47.04 -51.55 -75.33
C ARG H 44 -48.04 -51.08 -74.27
N ASP H 45 -48.71 -52.02 -73.61
CA ASP H 45 -49.68 -51.71 -72.56
C ASP H 45 -49.00 -52.05 -71.25
N ASP H 46 -48.08 -53.00 -71.31
CA ASP H 46 -47.33 -53.43 -70.13
C ASP H 46 -46.28 -52.35 -69.87
N GLU H 47 -46.36 -51.26 -70.62
CA GLU H 47 -45.47 -50.14 -70.46
C GLU H 47 -46.15 -49.07 -69.61
N VAL H 48 -47.46 -49.23 -69.40
CA VAL H 48 -48.20 -48.29 -68.58
C VAL H 48 -47.94 -48.60 -67.13
N LYS H 49 -47.80 -49.90 -66.81
CA LYS H 49 -47.52 -50.33 -65.44
C LYS H 49 -46.03 -50.24 -65.12
N ARG H 50 -45.18 -50.57 -66.09
CA ARG H 50 -43.75 -50.52 -65.88
C ARG H 50 -43.22 -49.09 -65.73
N LEU H 51 -43.64 -48.20 -66.62
CA LEU H 51 -43.17 -46.82 -66.57
C LEU H 51 -43.85 -46.03 -65.46
N ARG H 52 -45.14 -46.24 -65.28
CA ARG H 52 -45.85 -45.52 -64.23
C ARG H 52 -45.17 -45.80 -62.89
N GLU H 53 -44.58 -46.99 -62.74
CA GLU H 53 -43.90 -47.39 -61.51
C GLU H 53 -42.47 -46.86 -61.44
N ASP H 54 -42.12 -45.97 -62.34
CA ASP H 54 -40.80 -45.35 -62.33
C ASP H 54 -40.98 -43.88 -62.01
N ILE H 55 -42.24 -43.49 -61.85
CA ILE H 55 -42.63 -42.13 -61.47
C ILE H 55 -42.80 -42.24 -59.97
N ALA H 56 -42.82 -43.50 -59.51
CA ALA H 56 -42.97 -43.82 -58.10
C ALA H 56 -41.85 -44.73 -57.57
N LYS H 57 -40.64 -44.53 -58.10
CA LYS H 57 -39.46 -45.28 -57.67
C LYS H 57 -38.28 -44.35 -57.81
N GLU H 58 -38.55 -43.19 -58.39
CA GLU H 58 -37.53 -42.17 -58.57
C GLU H 58 -38.07 -40.96 -57.87
N ASN H 59 -39.38 -40.93 -57.71
CA ASN H 59 -40.02 -39.82 -57.04
C ASN H 59 -39.58 -39.78 -55.58
N GLU H 60 -39.79 -40.88 -54.84
CA GLU H 60 -39.41 -40.94 -53.43
C GLU H 60 -37.91 -40.83 -53.30
N LEU H 61 -37.20 -41.58 -54.13
CA LEU H 61 -35.74 -41.54 -54.10
C LEU H 61 -35.20 -40.18 -54.50
N ARG H 62 -36.12 -39.26 -54.82
CA ARG H 62 -35.75 -37.91 -55.19
C ARG H 62 -36.36 -36.94 -54.19
N THR H 63 -37.47 -37.34 -53.58
CA THR H 63 -38.13 -36.51 -52.56
C THR H 63 -37.32 -36.71 -51.27
N LYS H 64 -36.59 -37.82 -51.22
CA LYS H 64 -35.76 -38.15 -50.08
C LYS H 64 -34.51 -37.29 -50.17
N ALA H 65 -34.33 -36.65 -51.32
CA ALA H 65 -33.20 -35.78 -51.55
C ALA H 65 -33.70 -34.39 -51.25
N GLU H 66 -34.88 -34.07 -51.77
CA GLU H 66 -35.47 -32.76 -51.55
C GLU H 66 -35.54 -32.49 -50.04
N GLU H 67 -35.39 -33.54 -49.24
CA GLU H 67 -35.43 -33.40 -47.79
C GLU H 67 -34.02 -33.32 -47.20
N GLU H 68 -33.25 -34.40 -47.35
CA GLU H 68 -31.90 -34.44 -46.83
C GLU H 68 -31.07 -33.34 -47.45
N ALA H 69 -31.27 -33.07 -48.74
CA ALA H 69 -30.53 -32.04 -49.44
C ALA H 69 -30.68 -30.70 -48.76
N ASP H 70 -31.91 -30.28 -48.56
CA ASP H 70 -32.14 -29.00 -47.88
C ASP H 70 -31.98 -29.13 -46.36
N LYS H 71 -32.06 -30.36 -45.82
CA LYS H 71 -31.88 -30.56 -44.38
C LYS H 71 -30.48 -30.05 -44.01
N LEU H 72 -29.45 -30.73 -44.50
CA LEU H 72 -28.10 -30.34 -44.22
C LEU H 72 -27.79 -28.99 -44.86
N ASN H 73 -28.57 -28.57 -45.85
CA ASN H 73 -28.31 -27.28 -46.50
C ASN H 73 -28.75 -26.09 -45.63
N LYS H 74 -29.04 -26.41 -44.37
CA LYS H 74 -29.44 -25.40 -43.39
C LYS H 74 -28.18 -24.95 -42.68
N GLU H 75 -27.56 -25.91 -42.00
CA GLU H 75 -26.35 -25.71 -41.25
C GLU H 75 -25.38 -24.95 -42.11
N VAL H 76 -25.59 -24.96 -43.42
CA VAL H 76 -24.70 -24.24 -44.34
C VAL H 76 -24.71 -22.76 -44.04
N GLU H 77 -25.81 -22.10 -44.44
CA GLU H 77 -25.92 -20.67 -44.22
C GLU H 77 -25.62 -20.32 -42.75
N ASP H 78 -26.26 -21.04 -41.83
CA ASP H 78 -26.06 -20.80 -40.41
C ASP H 78 -24.59 -20.73 -40.06
N LEU H 79 -23.85 -21.77 -40.44
CA LEU H 79 -22.43 -21.81 -40.17
C LEU H 79 -21.63 -20.96 -41.13
N THR H 80 -22.30 -20.20 -41.99
CA THR H 80 -21.58 -19.31 -42.91
C THR H 80 -21.81 -17.85 -42.44
N ALA H 81 -22.80 -17.71 -41.57
CA ALA H 81 -23.14 -16.42 -40.98
C ALA H 81 -22.42 -16.37 -39.64
N SER H 82 -22.43 -17.48 -38.93
CA SER H 82 -21.75 -17.57 -37.64
C SER H 82 -20.26 -17.43 -37.94
N LEU H 83 -19.94 -17.52 -39.22
CA LEU H 83 -18.57 -17.38 -39.68
C LEU H 83 -18.41 -15.97 -40.23
N PHE H 84 -19.49 -15.20 -40.15
CA PHE H 84 -19.47 -13.79 -40.57
C PHE H 84 -19.13 -12.98 -39.32
N ASP H 85 -19.99 -13.07 -38.29
CA ASP H 85 -19.78 -12.35 -37.04
C ASP H 85 -18.38 -12.67 -36.49
N GLU H 86 -18.19 -13.93 -36.13
CA GLU H 86 -16.94 -14.40 -35.58
C GLU H 86 -15.77 -14.03 -36.47
N ALA H 87 -16.04 -13.69 -37.72
CA ALA H 87 -14.97 -13.33 -38.63
C ALA H 87 -14.45 -11.90 -38.44
N ASN H 88 -15.37 -10.95 -38.20
CA ASN H 88 -15.03 -9.53 -37.97
C ASN H 88 -14.70 -9.25 -36.46
N ASN H 89 -15.34 -10.01 -35.56
CA ASN H 89 -15.08 -9.88 -34.12
C ASN H 89 -13.62 -10.16 -33.96
N LEU H 90 -13.05 -10.80 -34.96
CA LEU H 90 -11.65 -11.14 -34.99
C LEU H 90 -10.89 -9.91 -35.52
N VAL H 91 -11.50 -9.19 -36.46
CA VAL H 91 -10.88 -8.01 -37.01
C VAL H 91 -10.97 -6.90 -35.98
N ALA H 92 -12.10 -6.86 -35.28
CA ALA H 92 -12.36 -5.88 -34.22
C ALA H 92 -11.42 -6.08 -33.02
N ASP H 93 -11.67 -7.15 -32.27
CA ASP H 93 -10.87 -7.51 -31.11
C ASP H 93 -9.38 -7.27 -31.37
N ALA H 94 -8.95 -7.50 -32.60
CA ALA H 94 -7.56 -7.32 -32.97
C ALA H 94 -7.26 -5.86 -33.25
N ARG H 95 -8.22 -5.20 -33.91
CA ARG H 95 -8.09 -3.78 -34.23
C ARG H 95 -8.04 -2.96 -32.94
N GLU H 97 -7.21 -3.95 -29.76
CA GLU H 97 -5.98 -4.19 -29.04
C GLU H 97 -4.80 -3.69 -29.89
N LYS H 98 -5.03 -3.45 -31.18
CA LYS H 98 -3.95 -2.96 -32.03
C LYS H 98 -3.70 -1.52 -31.65
N TYR H 99 -4.76 -0.84 -31.22
CA TYR H 99 -4.67 0.56 -30.79
C TYR H 99 -4.01 0.57 -29.41
N ALA H 100 -4.11 -0.56 -28.71
CA ALA H 100 -3.56 -0.71 -27.38
C ALA H 100 -2.03 -0.63 -27.30
N ILE H 101 -1.33 -1.35 -28.17
CA ILE H 101 0.13 -1.32 -28.14
C ILE H 101 0.66 -0.07 -28.81
N GLU H 102 -0.24 0.70 -29.42
CA GLU H 102 0.12 1.96 -30.06
C GLU H 102 0.13 2.99 -28.93
N ILE H 103 -0.81 2.81 -28.01
CA ILE H 103 -0.95 3.67 -26.86
C ILE H 103 0.33 3.53 -26.02
N LEU H 104 0.96 2.35 -26.05
CA LEU H 104 2.19 2.12 -25.30
C LEU H 104 3.34 2.77 -26.06
N ASN H 105 2.95 3.65 -26.98
CA ASN H 105 3.86 4.42 -27.80
C ASN H 105 3.19 5.75 -28.08
N LYS H 106 1.95 5.89 -27.60
CA LYS H 106 1.16 7.12 -27.75
C LYS H 106 1.01 7.85 -26.40
N ARG H 107 0.73 7.12 -25.32
CA ARG H 107 0.63 7.71 -23.99
C ARG H 107 2.07 7.90 -23.50
N LEU H 108 2.96 7.02 -23.95
CA LEU H 108 4.39 7.06 -23.61
C LEU H 108 4.97 8.24 -24.39
N THR H 109 4.08 9.17 -24.70
CA THR H 109 4.36 10.40 -25.43
C THR H 109 3.33 11.45 -24.97
N GLU H 110 2.21 10.96 -24.42
CA GLU H 110 1.14 11.83 -23.93
C GLU H 110 1.51 12.34 -22.53
N GLN H 111 2.19 11.48 -21.77
CA GLN H 111 2.60 11.82 -20.41
C GLN H 111 4.11 12.03 -20.31
N LEU H 112 4.89 11.10 -20.88
CA LEU H 112 6.35 11.21 -20.86
C LEU H 112 6.78 12.45 -21.63
N LEU I 6 -90.95 12.92 44.41
CA LEU I 6 -91.07 13.21 42.95
C LEU I 6 -89.70 13.61 42.37
N GLU I 7 -88.62 13.21 43.05
CA GLU I 7 -87.28 13.52 42.60
C GLU I 7 -86.51 12.35 42.01
N GLU I 8 -86.83 11.12 42.43
CA GLU I 8 -86.15 9.95 41.84
C GLU I 8 -86.67 9.90 40.40
N GLN I 9 -87.71 10.70 40.15
CA GLN I 9 -88.34 10.83 38.84
C GLN I 9 -87.46 11.80 38.02
N LEU I 10 -87.28 13.01 38.56
CA LEU I 10 -86.50 14.08 37.94
C LEU I 10 -85.10 13.60 37.54
N ASN I 11 -84.71 12.40 37.98
CA ASN I 11 -83.41 11.83 37.63
C ASN I 11 -83.51 10.51 36.85
N LYS I 12 -84.47 9.65 37.18
CA LYS I 12 -84.67 8.39 36.46
C LYS I 12 -84.99 8.72 35.02
N SER I 13 -85.58 9.90 34.83
CA SER I 13 -85.95 10.41 33.52
C SER I 13 -84.81 11.21 32.90
N LEU I 14 -84.09 11.96 33.72
CA LEU I 14 -82.97 12.77 33.26
C LEU I 14 -81.89 11.92 32.58
N LYS I 15 -81.53 10.80 33.20
CA LYS I 15 -80.54 9.89 32.66
C LYS I 15 -81.02 9.27 31.34
N THR I 16 -82.29 8.85 31.33
CA THR I 16 -82.93 8.23 30.16
C THR I 16 -83.00 9.21 28.97
N ILE I 17 -82.72 10.49 29.23
CA ILE I 17 -82.77 11.51 28.19
C ILE I 17 -81.39 11.79 27.62
N ALA I 18 -80.41 11.94 28.50
CA ALA I 18 -79.04 12.19 28.05
C ALA I 18 -78.66 11.05 27.12
N SER I 19 -79.49 10.02 27.14
CA SER I 19 -79.31 8.82 26.33
C SER I 19 -80.14 8.91 25.05
N GLN I 20 -81.46 8.83 25.21
CA GLN I 20 -82.38 8.89 24.08
C GLN I 20 -81.88 9.91 23.09
N LYS I 21 -81.56 11.10 23.57
CA LYS I 21 -81.05 12.13 22.71
C LYS I 21 -79.67 11.72 22.20
N ALA I 22 -78.75 11.45 23.11
CA ALA I 22 -77.40 11.05 22.73
C ALA I 22 -77.43 9.90 21.73
N ALA I 23 -78.45 9.06 21.83
CA ALA I 23 -78.61 7.93 20.93
C ALA I 23 -79.14 8.37 19.56
N ILE I 24 -80.40 8.81 19.56
CA ILE I 24 -81.04 9.28 18.34
C ILE I 24 -80.18 10.33 17.62
N GLU I 25 -79.44 11.16 18.38
CA GLU I 25 -78.58 12.17 17.75
C GLU I 25 -77.52 11.42 16.97
N ASN I 26 -77.13 10.26 17.48
CA ASN I 26 -76.13 9.42 16.82
C ASN I 26 -76.88 8.62 15.78
N TYR I 27 -78.13 8.32 16.09
CA TYR I 27 -79.01 7.58 15.19
C TYR I 27 -79.04 8.36 13.89
N ASN I 28 -79.06 9.68 14.02
CA ASN I 28 -79.05 10.57 12.87
C ASN I 28 -77.61 10.92 12.56
N GLN I 29 -76.76 10.99 13.58
CA GLN I 29 -75.36 11.30 13.36
C GLN I 29 -74.88 10.30 12.35
N LEU I 30 -75.35 9.07 12.52
CA LEU I 30 -75.01 7.99 11.61
C LEU I 30 -75.70 8.27 10.27
N LYS I 31 -76.96 8.70 10.31
CA LYS I 31 -77.68 9.02 9.07
C LYS I 31 -76.92 10.15 8.37
N GLU I 32 -76.26 11.00 9.16
CA GLU I 32 -75.46 12.09 8.62
C GLU I 32 -74.21 11.41 8.04
N ASP I 33 -73.81 10.29 8.63
CA ASP I 33 -72.66 9.54 8.14
C ASP I 33 -73.12 8.70 6.96
N TYR I 34 -74.34 8.16 7.08
CA TYR I 34 -74.97 7.30 6.07
C TYR I 34 -75.08 7.97 4.71
N ASN I 35 -75.89 9.02 4.64
CA ASN I 35 -76.06 9.76 3.40
C ASN I 35 -74.65 10.18 2.95
N THR I 36 -73.80 10.54 3.91
CA THR I 36 -72.43 10.94 3.62
C THR I 36 -71.76 9.80 2.86
N LEU I 37 -72.12 8.58 3.25
CA LEU I 37 -71.57 7.40 2.59
C LEU I 37 -72.22 7.22 1.22
N LYS I 38 -73.50 7.55 1.14
CA LYS I 38 -74.24 7.45 -0.12
C LYS I 38 -73.53 8.35 -1.14
N ARG I 39 -73.05 9.50 -0.67
CA ARG I 39 -72.34 10.43 -1.55
C ARG I 39 -71.04 9.77 -1.99
N GLU I 40 -70.24 9.36 -1.01
CA GLU I 40 -68.99 8.68 -1.28
C GLU I 40 -69.30 7.55 -2.22
N LEU I 41 -70.46 6.92 -1.99
CA LEU I 41 -70.91 5.82 -2.84
C LEU I 41 -71.09 6.35 -4.25
N SER I 42 -72.03 7.27 -4.41
CA SER I 42 -72.33 7.88 -5.70
C SER I 42 -71.11 8.57 -6.33
N ASP I 43 -70.16 8.96 -5.49
CA ASP I 43 -68.97 9.64 -5.98
C ASP I 43 -67.80 8.70 -6.23
N ARG I 44 -67.95 7.45 -5.82
CA ARG I 44 -66.90 6.47 -6.04
C ARG I 44 -67.47 5.33 -6.88
N ASP I 45 -68.79 5.22 -6.92
CA ASP I 45 -69.47 4.19 -7.70
C ASP I 45 -69.28 4.46 -9.17
N ASP I 46 -69.07 5.73 -9.50
CA ASP I 46 -68.84 6.14 -10.87
C ASP I 46 -67.40 5.84 -11.24
N GLU I 47 -66.52 5.84 -10.25
CA GLU I 47 -65.12 5.55 -10.47
C GLU I 47 -65.00 4.15 -11.06
N VAL I 48 -65.85 3.25 -10.60
CA VAL I 48 -65.87 1.85 -11.05
C VAL I 48 -66.41 1.74 -12.47
N LYS I 49 -66.98 2.82 -12.97
CA LYS I 49 -67.53 2.84 -14.32
C LYS I 49 -66.85 3.92 -15.17
N ARG I 50 -66.19 4.87 -14.51
CA ARG I 50 -65.50 5.95 -15.22
C ARG I 50 -64.08 5.55 -15.57
N LEU I 51 -63.42 4.86 -14.64
CA LEU I 51 -62.07 4.42 -14.88
C LEU I 51 -62.07 3.13 -15.70
N ARG I 52 -63.18 2.38 -15.68
CA ARG I 52 -63.29 1.15 -16.47
C ARG I 52 -63.51 1.53 -17.93
N GLU I 53 -63.60 2.82 -18.18
CA GLU I 53 -63.79 3.37 -19.51
C GLU I 53 -62.47 3.99 -19.96
N ASP I 54 -61.74 4.55 -19.01
CA ASP I 54 -60.45 5.15 -19.30
C ASP I 54 -59.53 4.00 -19.69
N ILE I 55 -59.52 2.97 -18.84
CA ILE I 55 -58.71 1.76 -19.04
C ILE I 55 -59.14 0.95 -20.26
N ALA I 56 -60.44 0.82 -20.46
CA ALA I 56 -60.97 0.07 -21.59
C ALA I 56 -60.66 0.83 -22.89
N LYS I 57 -60.49 2.15 -22.78
CA LYS I 57 -60.17 3.00 -23.93
C LYS I 57 -58.66 3.04 -24.18
N GLU I 58 -57.87 2.74 -23.14
CA GLU I 58 -56.41 2.71 -23.26
C GLU I 58 -56.02 1.45 -24.03
N ASN I 59 -56.75 0.35 -23.81
CA ASN I 59 -56.50 -0.91 -24.51
C ASN I 59 -56.78 -0.71 -26.00
N GLU I 60 -57.55 0.34 -26.30
CA GLU I 60 -57.90 0.71 -27.67
C GLU I 60 -56.67 1.37 -28.29
N LEU I 61 -56.00 2.19 -27.47
CA LEU I 61 -54.80 2.90 -27.90
C LEU I 61 -53.62 1.92 -27.96
N ARG I 62 -53.48 1.10 -26.93
CA ARG I 62 -52.39 0.12 -26.85
C ARG I 62 -52.29 -0.73 -28.11
N THR I 63 -53.35 -0.73 -28.91
CA THR I 63 -53.37 -1.48 -30.16
C THR I 63 -52.71 -0.67 -31.29
N LYS I 64 -52.88 0.65 -31.24
CA LYS I 64 -52.30 1.54 -32.24
C LYS I 64 -50.78 1.48 -32.15
N ALA I 65 -50.25 1.70 -30.94
CA ALA I 65 -48.81 1.68 -30.72
C ALA I 65 -48.23 0.34 -31.15
N GLU I 66 -48.87 -0.74 -30.73
CA GLU I 66 -48.44 -2.08 -31.08
C GLU I 66 -48.36 -2.27 -32.59
N GLU I 67 -49.54 -2.31 -33.22
CA GLU I 67 -49.64 -2.50 -34.66
C GLU I 67 -48.73 -1.58 -35.49
N GLU I 68 -48.59 -0.33 -35.03
CA GLU I 68 -47.76 0.64 -35.73
C GLU I 68 -46.31 0.20 -35.70
N ALA I 69 -45.68 0.37 -34.55
CA ALA I 69 -44.28 -0.01 -34.37
C ALA I 69 -44.13 -1.46 -34.80
N ASP I 70 -45.24 -2.18 -34.81
CA ASP I 70 -45.24 -3.58 -35.20
C ASP I 70 -44.56 -3.77 -36.56
N LYS I 71 -45.17 -3.22 -37.60
CA LYS I 71 -44.60 -3.32 -38.94
C LYS I 71 -43.34 -2.47 -39.04
N LEU I 72 -43.35 -1.34 -38.33
CA LEU I 72 -42.22 -0.43 -38.33
C LEU I 72 -40.90 -1.07 -37.92
N ASN I 73 -40.96 -1.99 -36.96
CA ASN I 73 -39.76 -2.67 -36.46
C ASN I 73 -38.85 -3.17 -37.57
N LYS I 74 -39.42 -3.93 -38.49
CA LYS I 74 -38.67 -4.49 -39.60
C LYS I 74 -38.58 -3.52 -40.79
N GLU I 75 -39.34 -2.42 -40.73
CA GLU I 75 -39.30 -1.40 -41.79
C GLU I 75 -37.86 -0.91 -41.86
N VAL I 76 -37.34 -0.50 -40.71
CA VAL I 76 -35.96 -0.03 -40.63
C VAL I 76 -35.10 -1.22 -41.01
N GLU I 77 -35.43 -2.37 -40.45
CA GLU I 77 -34.71 -3.61 -40.71
C GLU I 77 -34.59 -3.76 -42.22
N ASP I 78 -35.58 -3.23 -42.93
CA ASP I 78 -35.61 -3.29 -44.38
C ASP I 78 -34.75 -2.20 -45.01
N LEU I 79 -35.13 -0.95 -44.80
CA LEU I 79 -34.37 0.16 -45.34
C LEU I 79 -32.91 -0.09 -45.05
N THR I 80 -32.64 -0.46 -43.81
CA THR I 80 -31.28 -0.74 -43.39
C THR I 80 -30.74 -1.93 -44.17
N ALA I 81 -31.60 -2.91 -44.39
CA ALA I 81 -31.21 -4.10 -45.13
C ALA I 81 -30.70 -3.65 -46.49
N SER I 82 -31.58 -3.01 -47.26
CA SER I 82 -31.22 -2.51 -48.58
C SER I 82 -30.07 -1.52 -48.45
N LEU I 83 -30.17 -0.64 -47.46
CA LEU I 83 -29.15 0.35 -47.22
C LEU I 83 -27.81 -0.35 -47.08
N PHE I 84 -27.81 -1.43 -46.31
CA PHE I 84 -26.63 -2.24 -46.07
C PHE I 84 -26.09 -2.74 -47.40
N ASP I 85 -26.98 -3.28 -48.23
CA ASP I 85 -26.65 -3.82 -49.54
C ASP I 85 -26.21 -2.75 -50.53
N GLU I 86 -27.01 -1.70 -50.69
CA GLU I 86 -26.66 -0.62 -51.61
C GLU I 86 -25.27 -0.18 -51.26
N ALA I 87 -24.97 -0.26 -49.98
CA ALA I 87 -23.65 0.09 -49.51
C ALA I 87 -22.68 -0.81 -50.22
N ASN I 88 -22.78 -2.08 -49.89
CA ASN I 88 -21.91 -3.10 -50.47
C ASN I 88 -21.89 -2.90 -51.99
N ASN I 89 -23.09 -2.96 -52.57
CA ASN I 89 -23.31 -2.82 -53.99
C ASN I 89 -22.48 -1.65 -54.50
N LEU I 90 -22.38 -0.61 -53.69
CA LEU I 90 -21.61 0.54 -54.11
C LEU I 90 -20.11 0.27 -54.02
N VAL I 91 -19.64 -0.28 -52.91
CA VAL I 91 -18.20 -0.55 -52.75
C VAL I 91 -17.77 -1.57 -53.76
N ALA I 92 -18.68 -2.48 -54.06
CA ALA I 92 -18.41 -3.52 -55.04
C ALA I 92 -18.02 -2.76 -56.31
N ASP I 93 -18.94 -1.93 -56.78
CA ASP I 93 -18.70 -1.14 -57.96
C ASP I 93 -17.46 -0.30 -57.75
N ALA I 94 -17.17 0.00 -56.50
CA ALA I 94 -16.01 0.80 -56.16
C ALA I 94 -14.73 0.11 -56.60
N ARG I 95 -14.44 -1.03 -55.99
CA ARG I 95 -13.25 -1.79 -56.33
C ARG I 95 -13.33 -2.33 -57.76
N GLU I 97 -14.33 -0.81 -60.28
CA GLU I 97 -13.81 0.27 -61.11
C GLU I 97 -12.29 0.35 -60.94
N LYS I 98 -11.84 0.26 -59.69
CA LYS I 98 -10.41 0.32 -59.37
C LYS I 98 -9.72 -0.88 -60.02
N TYR I 99 -10.17 -2.08 -59.65
CA TYR I 99 -9.66 -3.34 -60.17
C TYR I 99 -9.56 -3.37 -61.69
N ALA I 100 -10.73 -3.31 -62.35
CA ALA I 100 -10.83 -3.33 -63.82
C ALA I 100 -10.06 -2.20 -64.52
N ILE I 101 -9.92 -1.06 -63.85
CA ILE I 101 -9.19 0.05 -64.41
C ILE I 101 -7.78 0.05 -63.83
N GLU I 102 -7.49 -0.95 -63.00
CA GLU I 102 -6.19 -1.15 -62.37
C GLU I 102 -5.39 -2.15 -63.20
N ILE I 103 -6.10 -3.00 -63.91
CA ILE I 103 -5.48 -4.00 -64.78
C ILE I 103 -5.12 -3.35 -66.12
N LEU I 104 -5.85 -2.29 -66.48
CA LEU I 104 -5.58 -1.55 -67.72
C LEU I 104 -4.21 -0.90 -67.60
N ASN I 105 -3.72 -0.80 -66.37
CA ASN I 105 -2.42 -0.23 -66.11
C ASN I 105 -1.35 -1.27 -66.36
N LYS I 106 -1.60 -2.50 -65.92
CA LYS I 106 -0.65 -3.59 -66.13
C LYS I 106 -0.45 -3.72 -67.63
N ARG I 107 -1.29 -3.00 -68.38
CA ARG I 107 -1.23 -3.00 -69.84
C ARG I 107 -0.80 -1.60 -70.27
N LEU I 108 -1.30 -0.57 -69.59
CA LEU I 108 -0.92 0.80 -69.90
C LEU I 108 0.58 0.86 -69.77
N THR I 109 1.06 0.17 -68.75
CA THR I 109 2.48 0.13 -68.46
C THR I 109 3.21 -0.93 -69.29
N GLU I 110 2.71 -2.17 -69.31
CA GLU I 110 3.36 -3.24 -70.08
C GLU I 110 3.11 -3.25 -71.59
N GLN I 111 1.95 -2.76 -72.04
CA GLN I 111 1.68 -2.71 -73.48
C GLN I 111 2.47 -1.57 -74.10
N LEU I 112 3.14 -0.80 -73.22
CA LEU I 112 4.00 0.29 -73.63
C LEU I 112 5.44 -0.16 -73.39
N ARG I 113 5.58 -1.33 -72.78
CA ARG I 113 6.89 -1.95 -72.51
C ARG I 113 7.10 -2.98 -73.62
N GLU I 114 5.99 -3.51 -74.14
CA GLU I 114 5.98 -4.49 -75.22
C GLU I 114 6.30 -3.82 -76.56
N LYS I 115 5.99 -2.53 -76.66
CA LYS I 115 6.29 -1.74 -77.85
C LYS I 115 7.71 -1.18 -77.67
N ASP I 116 8.34 -1.58 -76.55
CA ASP I 116 9.73 -1.18 -76.18
C ASP I 116 10.68 -2.40 -76.18
N LEU I 118 10.35 -4.76 -78.29
CA LEU I 118 10.45 -5.01 -79.71
C LEU I 118 11.31 -3.93 -80.36
N LEU I 119 11.38 -2.76 -79.72
CA LEU I 119 12.20 -1.65 -80.22
C LEU I 119 13.61 -1.76 -79.61
N LEU J 6 -97.92 0.07 41.82
CA LEU J 6 -97.39 -1.32 41.71
C LEU J 6 -97.64 -1.94 40.34
N GLU J 7 -98.49 -2.96 40.27
CA GLU J 7 -98.79 -3.62 38.99
C GLU J 7 -99.30 -2.56 38.01
N GLU J 8 -99.86 -1.50 38.58
CA GLU J 8 -100.38 -0.38 37.83
C GLU J 8 -99.21 0.38 37.21
N GLN J 9 -98.12 0.50 37.96
CA GLN J 9 -96.91 1.20 37.52
C GLN J 9 -95.80 0.30 36.97
N LEU J 10 -96.17 -0.67 36.13
CA LEU J 10 -95.19 -1.58 35.54
C LEU J 10 -95.29 -1.52 34.01
N ASN J 11 -96.48 -1.20 33.52
CA ASN J 11 -96.68 -1.10 32.07
C ASN J 11 -96.09 0.17 31.47
N LYS J 12 -95.67 1.10 32.33
CA LYS J 12 -95.06 2.37 31.87
C LYS J 12 -93.54 2.26 31.84
N SER J 13 -92.97 1.52 32.80
CA SER J 13 -91.53 1.29 32.86
C SER J 13 -91.22 0.14 31.88
N LEU J 14 -92.22 -0.16 31.04
CA LEU J 14 -92.17 -1.21 30.01
C LEU J 14 -92.18 -0.52 28.64
N LYS J 15 -92.60 0.74 28.63
CA LYS J 15 -92.66 1.54 27.42
C LYS J 15 -91.24 2.06 27.10
N THR J 16 -90.58 2.66 28.09
CA THR J 16 -89.21 3.18 27.91
C THR J 16 -88.30 2.06 27.47
N ILE J 17 -88.56 0.86 28.00
CA ILE J 17 -87.79 -0.30 27.66
C ILE J 17 -88.13 -0.72 26.23
N ALA J 18 -89.42 -0.70 25.92
CA ALA J 18 -89.87 -1.06 24.57
C ALA J 18 -89.30 -0.01 23.63
N SER J 19 -89.09 1.19 24.16
CA SER J 19 -88.54 2.29 23.39
C SER J 19 -87.12 1.93 23.01
N GLN J 20 -86.61 0.87 23.65
CA GLN J 20 -85.27 0.38 23.36
C GLN J 20 -85.33 -0.38 22.06
N LYS J 21 -86.10 -1.46 22.05
CA LYS J 21 -86.27 -2.28 20.85
C LYS J 21 -86.26 -1.32 19.66
N ALA J 22 -86.90 -0.17 19.84
CA ALA J 22 -86.95 0.85 18.82
C ALA J 22 -85.56 1.48 18.79
N ALA J 23 -85.31 2.42 19.70
CA ALA J 23 -84.03 3.13 19.80
C ALA J 23 -82.82 2.24 19.52
N ILE J 24 -82.97 0.96 19.84
CA ILE J 24 -81.92 -0.02 19.63
C ILE J 24 -81.73 -0.35 18.16
N GLU J 25 -82.55 -1.25 17.64
CA GLU J 25 -82.46 -1.64 16.24
C GLU J 25 -82.48 -0.36 15.44
N ASN J 26 -82.96 0.69 16.08
CA ASN J 26 -83.05 2.02 15.48
C ASN J 26 -81.60 2.27 15.09
N TYR J 27 -80.73 2.24 16.09
CA TYR J 27 -79.32 2.44 15.86
C TYR J 27 -78.79 1.23 15.12
N ASN J 28 -79.10 0.06 15.66
CA ASN J 28 -78.67 -1.21 15.08
C ASN J 28 -78.99 -1.35 13.60
N GLN J 29 -80.26 -1.54 13.27
CA GLN J 29 -80.67 -1.69 11.87
C GLN J 29 -79.90 -0.74 10.95
N LEU J 30 -80.00 0.55 11.24
CA LEU J 30 -79.30 1.53 10.42
C LEU J 30 -77.80 1.30 10.47
N LYS J 31 -77.28 0.99 11.65
CA LYS J 31 -75.85 0.74 11.81
C LYS J 31 -75.45 -0.41 10.88
N GLU J 32 -76.29 -1.44 10.85
CA GLU J 32 -76.04 -2.62 10.00
C GLU J 32 -76.00 -2.19 8.53
N ASP J 33 -77.04 -1.49 8.09
CA ASP J 33 -77.09 -1.00 6.70
C ASP J 33 -75.91 -0.06 6.56
N TYR J 34 -75.75 0.82 7.56
CA TYR J 34 -74.67 1.78 7.60
C TYR J 34 -73.39 1.03 7.32
N ASN J 35 -73.26 -0.13 7.97
CA ASN J 35 -72.08 -0.97 7.81
C ASN J 35 -72.09 -1.78 6.53
N THR J 36 -73.18 -2.47 6.25
CA THR J 36 -73.25 -3.26 5.03
C THR J 36 -72.91 -2.32 3.89
N LEU J 37 -73.46 -1.12 3.95
CA LEU J 37 -73.20 -0.11 2.93
C LEU J 37 -71.75 0.30 3.13
N LYS J 38 -71.38 0.55 4.39
CA LYS J 38 -70.03 0.96 4.76
C LYS J 38 -69.04 -0.08 4.25
N ARG J 39 -69.57 -1.26 3.91
CA ARG J 39 -68.75 -2.35 3.40
C ARG J 39 -68.45 -2.14 1.92
N GLU J 40 -69.49 -1.87 1.12
CA GLU J 40 -69.30 -1.64 -0.31
C GLU J 40 -68.49 -0.37 -0.53
N LEU J 41 -68.42 0.46 0.50
CA LEU J 41 -67.65 1.70 0.44
C LEU J 41 -66.19 1.34 0.23
N SER J 42 -65.60 0.76 1.27
CA SER J 42 -64.20 0.33 1.21
C SER J 42 -64.07 -0.82 0.21
N ASP J 43 -65.17 -1.56 0.01
CA ASP J 43 -65.20 -2.68 -0.93
C ASP J 43 -64.99 -2.12 -2.33
N ARG J 44 -65.52 -0.91 -2.53
CA ARG J 44 -65.39 -0.22 -3.79
C ARG J 44 -63.99 0.40 -3.85
N ASP J 45 -63.54 0.95 -2.72
CA ASP J 45 -62.23 1.58 -2.64
C ASP J 45 -61.17 0.64 -3.19
N ASP J 46 -61.40 -0.66 -3.05
CA ASP J 46 -60.45 -1.64 -3.56
C ASP J 46 -60.31 -1.46 -5.05
N GLU J 47 -61.44 -1.50 -5.75
CA GLU J 47 -61.41 -1.33 -7.19
C GLU J 47 -60.86 0.06 -7.48
N VAL J 48 -61.26 1.03 -6.66
CA VAL J 48 -60.79 2.40 -6.83
C VAL J 48 -59.28 2.40 -6.78
N LYS J 49 -58.74 1.95 -5.65
CA LYS J 49 -57.31 1.89 -5.45
C LYS J 49 -56.66 0.90 -6.41
N ARG J 50 -56.91 -0.38 -6.17
CA ARG J 50 -56.34 -1.45 -6.96
C ARG J 50 -56.41 -1.27 -8.48
N LEU J 51 -57.56 -0.88 -9.02
CA LEU J 51 -57.65 -0.71 -10.48
C LEU J 51 -56.85 0.50 -10.94
N ARG J 52 -56.80 1.53 -10.10
CA ARG J 52 -56.03 2.72 -10.43
C ARG J 52 -54.56 2.34 -10.25
N GLU J 53 -54.34 1.25 -9.51
CA GLU J 53 -53.00 0.74 -9.23
C GLU J 53 -52.57 -0.28 -10.28
N ASP J 54 -53.53 -0.83 -11.03
CA ASP J 54 -53.24 -1.80 -12.08
C ASP J 54 -52.79 -1.06 -13.33
N ILE J 55 -53.33 0.15 -13.52
CA ILE J 55 -52.96 0.97 -14.66
C ILE J 55 -51.66 1.66 -14.28
N ALA J 56 -51.37 1.64 -12.99
CA ALA J 56 -50.15 2.23 -12.46
C ALA J 56 -49.04 1.21 -12.71
N LYS J 57 -49.44 -0.06 -12.88
CA LYS J 57 -48.50 -1.14 -13.15
C LYS J 57 -48.11 -1.04 -14.62
N GLU J 58 -48.88 -0.23 -15.36
CA GLU J 58 -48.63 -0.01 -16.78
C GLU J 58 -48.02 1.37 -16.99
N ASN J 59 -48.40 2.34 -16.16
CA ASN J 59 -47.83 3.68 -16.26
C ASN J 59 -46.32 3.55 -16.04
N GLU J 60 -45.93 2.48 -15.34
CA GLU J 60 -44.53 2.18 -15.05
C GLU J 60 -43.93 1.37 -16.19
N LEU J 61 -44.57 0.23 -16.51
CA LEU J 61 -44.11 -0.66 -17.57
C LEU J 61 -44.18 0.02 -18.95
N ARG J 62 -45.20 0.86 -19.16
CA ARG J 62 -45.35 1.55 -20.43
C ARG J 62 -44.31 2.67 -20.53
N THR J 63 -44.18 3.45 -19.45
CA THR J 63 -43.24 4.56 -19.41
C THR J 63 -41.77 4.09 -19.37
N LYS J 64 -41.53 2.90 -18.86
CA LYS J 64 -40.16 2.37 -18.79
C LYS J 64 -39.84 1.45 -19.96
N ALA J 65 -40.87 0.92 -20.62
CA ALA J 65 -40.67 0.03 -21.76
C ALA J 65 -40.24 0.87 -22.95
N GLU J 66 -40.37 2.18 -22.79
CA GLU J 66 -40.00 3.11 -23.83
C GLU J 66 -38.48 3.36 -23.80
N GLU J 67 -37.91 3.42 -22.60
CA GLU J 67 -36.47 3.66 -22.44
C GLU J 67 -35.64 2.75 -23.34
N GLU J 68 -36.04 1.48 -23.42
CA GLU J 68 -35.32 0.50 -24.22
C GLU J 68 -35.39 0.80 -25.70
N ALA J 69 -36.52 1.33 -26.16
CA ALA J 69 -36.68 1.66 -27.58
C ALA J 69 -35.77 2.80 -27.99
N ASP J 70 -35.84 3.92 -27.27
CA ASP J 70 -35.03 5.10 -27.56
C ASP J 70 -33.55 4.72 -27.63
N LYS J 71 -33.18 3.62 -26.98
CA LYS J 71 -31.80 3.14 -26.98
C LYS J 71 -31.41 2.66 -28.38
N LEU J 72 -32.24 1.78 -28.94
CA LEU J 72 -32.00 1.23 -30.26
C LEU J 72 -31.95 2.33 -31.30
N ASN J 73 -32.89 3.28 -31.22
CA ASN J 73 -32.94 4.38 -32.17
C ASN J 73 -31.59 5.05 -32.27
N LYS J 74 -31.12 5.62 -31.17
CA LYS J 74 -29.83 6.28 -31.16
C LYS J 74 -28.81 5.27 -31.67
N GLU J 75 -29.06 3.99 -31.38
CA GLU J 75 -28.18 2.92 -31.79
C GLU J 75 -28.22 2.76 -33.31
N VAL J 76 -29.42 2.73 -33.86
CA VAL J 76 -29.60 2.58 -35.30
C VAL J 76 -29.15 3.82 -36.06
N GLU J 77 -29.65 5.00 -35.68
CA GLU J 77 -29.29 6.26 -36.36
C GLU J 77 -27.82 6.33 -36.70
N ASP J 78 -27.01 6.48 -35.66
CA ASP J 78 -25.58 6.58 -35.83
C ASP J 78 -24.95 5.34 -36.48
N LEU J 79 -25.66 4.21 -36.44
CA LEU J 79 -25.17 2.98 -37.07
C LEU J 79 -25.40 3.10 -38.57
N THR J 80 -26.31 4.01 -38.91
CA THR J 80 -26.70 4.32 -40.29
C THR J 80 -25.87 5.52 -40.77
N ALA J 81 -25.92 6.61 -40.00
CA ALA J 81 -25.19 7.82 -40.31
C ALA J 81 -23.75 7.49 -40.57
N SER J 82 -23.26 6.47 -39.87
CA SER J 82 -21.88 6.01 -40.03
C SER J 82 -21.60 5.58 -41.48
N LEU J 83 -22.51 4.75 -42.00
CA LEU J 83 -22.40 4.24 -43.36
C LEU J 83 -22.32 5.37 -44.34
N PHE J 84 -23.42 6.10 -44.44
CA PHE J 84 -23.50 7.22 -45.34
C PHE J 84 -22.20 8.00 -45.47
N ASP J 85 -21.75 8.62 -44.38
CA ASP J 85 -20.51 9.41 -44.38
C ASP J 85 -19.33 8.69 -45.06
N GLU J 86 -19.27 7.37 -44.87
CA GLU J 86 -18.21 6.60 -45.48
C GLU J 86 -18.51 6.53 -46.97
N ALA J 87 -19.76 6.28 -47.32
CA ALA J 87 -20.14 6.20 -48.72
C ALA J 87 -19.60 7.41 -49.41
N ASN J 88 -19.84 8.56 -48.81
CA ASN J 88 -19.35 9.76 -49.40
C ASN J 88 -17.84 9.67 -49.37
N ASN J 89 -17.31 9.30 -48.20
CA ASN J 89 -15.88 9.14 -48.03
C ASN J 89 -15.30 8.35 -49.21
N LEU J 90 -15.78 7.13 -49.37
CA LEU J 90 -15.30 6.29 -50.42
C LEU J 90 -15.57 6.86 -51.79
N VAL J 91 -16.80 7.27 -52.07
CA VAL J 91 -17.10 7.81 -53.37
C VAL J 91 -16.23 9.00 -53.64
N ALA J 92 -15.82 9.66 -52.57
CA ALA J 92 -14.94 10.79 -52.73
C ALA J 92 -13.57 10.20 -52.98
N ASP J 93 -13.30 9.12 -52.26
CA ASP J 93 -12.06 8.36 -52.35
C ASP J 93 -11.90 7.91 -53.81
N ALA J 94 -12.87 7.13 -54.26
CA ALA J 94 -12.87 6.61 -55.62
C ALA J 94 -12.79 7.70 -56.66
N ARG J 95 -13.81 8.54 -56.74
CA ARG J 95 -13.83 9.62 -57.70
C ARG J 95 -12.47 10.30 -57.77
N GLU J 97 -9.33 8.56 -56.81
CA GLU J 97 -8.40 7.59 -57.37
C GLU J 97 -8.61 7.45 -58.89
N LYS J 98 -9.87 7.48 -59.35
CA LYS J 98 -10.17 7.36 -60.79
C LYS J 98 -9.45 8.46 -61.52
N TYR J 99 -9.45 9.65 -60.94
CA TYR J 99 -8.80 10.78 -61.56
C TYR J 99 -7.28 10.57 -61.69
N ALA J 100 -6.80 9.44 -61.17
CA ALA J 100 -5.39 9.10 -61.24
C ALA J 100 -5.19 8.32 -62.54
N ILE J 101 -6.08 7.37 -62.80
CA ILE J 101 -6.03 6.55 -64.02
C ILE J 101 -6.24 7.39 -65.26
N GLU J 102 -7.37 8.10 -65.33
CA GLU J 102 -7.66 8.93 -66.49
C GLU J 102 -6.43 9.73 -66.88
N ILE J 103 -5.56 10.01 -65.91
CA ILE J 103 -4.33 10.75 -66.16
C ILE J 103 -3.25 9.77 -66.65
N LEU J 104 -3.19 8.58 -66.04
CA LEU J 104 -2.22 7.53 -66.44
C LEU J 104 -2.44 7.16 -67.88
N ASN J 105 -3.64 6.65 -68.14
CA ASN J 105 -4.01 6.28 -69.49
C ASN J 105 -3.59 7.42 -70.41
N LYS J 106 -4.08 8.62 -70.13
CA LYS J 106 -3.77 9.81 -70.93
C LYS J 106 -2.28 10.11 -71.13
N ARG J 107 -1.53 10.21 -70.04
CA ARG J 107 -0.10 10.50 -70.15
C ARG J 107 0.75 9.31 -70.60
N LEU J 108 0.28 8.10 -70.31
CA LEU J 108 1.03 6.90 -70.67
C LEU J 108 0.72 6.43 -72.08
N THR J 109 -0.34 6.94 -72.68
CA THR J 109 -0.70 6.55 -74.03
C THR J 109 -0.35 7.62 -75.05
N GLU J 110 -0.13 8.85 -74.59
CA GLU J 110 0.23 9.96 -75.48
C GLU J 110 1.68 9.77 -75.95
N GLN J 111 2.19 8.55 -75.76
CA GLN J 111 3.56 8.22 -76.14
C GLN J 111 3.64 7.16 -77.24
N LEU J 112 2.54 6.44 -77.47
CA LEU J 112 2.50 5.39 -78.50
C LEU J 112 2.87 5.96 -79.85
N LEU K 6 61.28 138.75 79.32
CA LEU K 6 60.42 138.89 78.11
C LEU K 6 60.74 137.85 77.05
N GLU K 7 61.92 137.93 76.45
CA GLU K 7 62.33 136.98 75.40
C GLU K 7 62.13 135.54 75.89
N GLU K 8 62.12 135.37 77.21
CA GLU K 8 61.93 134.07 77.82
C GLU K 8 60.46 133.86 78.10
N GLN K 9 59.80 134.92 78.55
CA GLN K 9 58.37 134.88 78.85
C GLN K 9 57.54 134.76 77.56
N LEU K 10 57.94 135.49 76.51
CA LEU K 10 57.22 135.44 75.25
C LEU K 10 57.30 134.06 74.64
N ASN K 11 58.28 133.29 75.06
CA ASN K 11 58.44 131.93 74.55
C ASN K 11 57.47 131.01 75.28
N LYS K 12 57.38 131.13 76.61
CA LYS K 12 56.44 130.31 77.39
C LYS K 12 55.01 130.75 77.05
N SER K 13 54.81 132.05 76.94
CA SER K 13 53.51 132.61 76.59
C SER K 13 53.13 132.18 75.15
N LEU K 14 54.13 131.80 74.35
CA LEU K 14 53.88 131.37 72.96
C LEU K 14 53.56 129.89 72.82
N LYS K 15 54.48 129.02 73.21
CA LYS K 15 54.29 127.58 73.09
C LYS K 15 53.14 126.96 73.91
N THR K 16 52.39 127.78 74.65
CA THR K 16 51.24 127.29 75.44
C THR K 16 49.94 127.65 74.73
N ILE K 17 49.97 128.75 73.99
CA ILE K 17 48.81 129.14 73.21
C ILE K 17 48.81 128.17 72.02
N ALA K 18 49.99 127.64 71.71
CA ALA K 18 50.14 126.72 70.61
C ALA K 18 49.76 125.36 71.08
N SER K 19 49.99 125.08 72.35
CA SER K 19 49.60 123.81 72.95
C SER K 19 48.10 123.86 73.22
N GLN K 20 47.61 125.00 73.65
CA GLN K 20 46.18 125.20 73.85
C GLN K 20 45.43 125.17 72.47
N LYS K 21 45.95 125.83 71.43
CA LYS K 21 45.28 125.80 70.13
C LYS K 21 45.08 124.35 69.71
N ALA K 22 46.17 123.55 69.83
CA ALA K 22 46.25 122.08 69.54
C ALA K 22 45.21 121.28 70.28
N ALA K 23 45.16 121.47 71.58
CA ALA K 23 44.11 120.81 72.34
C ALA K 23 42.68 120.99 71.76
N ILE K 24 42.18 122.24 71.71
CA ILE K 24 40.88 122.58 71.11
C ILE K 24 40.77 122.08 69.70
N GLU K 25 41.78 122.34 68.87
CA GLU K 25 41.68 121.90 67.51
C GLU K 25 41.50 120.42 67.31
N ASN K 26 41.96 119.57 68.24
CA ASN K 26 41.82 118.10 68.14
C ASN K 26 40.50 117.59 68.58
N TYR K 27 39.98 118.19 69.64
CA TYR K 27 38.66 117.86 70.13
C TYR K 27 37.65 118.41 69.16
N ASN K 28 37.95 119.58 68.57
CA ASN K 28 37.03 120.18 67.65
C ASN K 28 36.90 119.35 66.43
N GLN K 29 38.01 118.76 66.01
CA GLN K 29 38.04 117.90 64.84
C GLN K 29 37.38 116.54 65.16
N LEU K 30 37.61 115.98 66.35
CA LEU K 30 36.96 114.72 66.63
C LEU K 30 35.45 114.91 66.68
N LYS K 31 34.89 115.89 67.40
CA LYS K 31 33.41 116.11 67.33
C LYS K 31 32.96 116.48 65.87
N GLU K 32 33.84 117.06 65.06
CA GLU K 32 33.53 117.37 63.69
C GLU K 32 33.40 116.04 63.01
N ASP K 33 34.41 115.17 63.11
CA ASP K 33 34.33 113.85 62.49
C ASP K 33 33.19 113.04 63.10
N TYR K 34 33.01 113.12 64.40
CA TYR K 34 31.95 112.37 65.04
C TYR K 34 30.67 112.68 64.35
N ASN K 35 30.28 113.94 64.37
CA ASN K 35 29.05 114.42 63.74
C ASN K 35 28.89 113.90 62.30
N THR K 36 29.93 114.01 61.50
CA THR K 36 29.92 113.52 60.13
C THR K 36 29.58 112.04 60.14
N LEU K 37 30.14 111.31 61.10
CA LEU K 37 29.91 109.88 61.23
C LEU K 37 28.51 109.68 61.81
N LYS K 38 28.01 110.72 62.46
CA LYS K 38 26.68 110.65 63.04
C LYS K 38 25.65 110.83 61.94
N ARG K 39 26.03 111.53 60.87
CA ARG K 39 25.14 111.76 59.71
C ARG K 39 25.00 110.44 58.99
N GLU K 40 26.12 109.96 58.48
CA GLU K 40 26.19 108.71 57.76
C GLU K 40 25.36 107.61 58.39
N LEU K 41 25.38 107.48 59.71
CA LEU K 41 24.60 106.42 60.32
C LEU K 41 23.10 106.63 60.08
N SER K 42 22.64 107.85 60.22
CA SER K 42 21.23 108.15 59.99
C SER K 42 20.82 107.63 58.62
N ASP K 43 21.59 107.98 57.58
CA ASP K 43 21.31 107.52 56.21
C ASP K 43 21.26 106.00 56.12
N ARG K 44 22.33 105.35 56.55
CA ARG K 44 22.38 103.91 56.54
C ARG K 44 21.34 103.34 57.48
N ASP K 45 20.56 104.18 58.15
CA ASP K 45 19.51 103.68 59.03
C ASP K 45 18.24 103.57 58.21
N ASP K 46 18.09 104.48 57.24
CA ASP K 46 16.94 104.50 56.35
C ASP K 46 17.07 103.37 55.33
N GLU K 47 18.23 103.29 54.68
CA GLU K 47 18.48 102.21 53.74
C GLU K 47 17.96 100.91 54.33
N VAL K 48 18.41 100.57 55.52
CA VAL K 48 17.96 99.35 56.18
C VAL K 48 16.44 99.25 56.23
N LYS K 49 15.77 100.29 56.72
CA LYS K 49 14.31 100.28 56.79
C LYS K 49 13.72 100.16 55.40
N ARG K 50 14.09 101.07 54.51
CA ARG K 50 13.60 101.03 53.15
C ARG K 50 13.78 99.64 52.54
N LEU K 51 14.95 99.03 52.75
CA LEU K 51 15.20 97.68 52.22
C LEU K 51 14.26 96.66 52.82
N ARG K 52 14.38 96.45 54.12
CA ARG K 52 13.56 95.49 54.84
C ARG K 52 12.08 95.61 54.44
N GLU K 53 11.66 96.82 54.07
CA GLU K 53 10.27 97.07 53.69
C GLU K 53 9.98 96.59 52.27
N ASP K 54 10.89 96.88 51.36
CA ASP K 54 10.71 96.48 49.99
C ASP K 54 10.98 95.01 49.77
N ILE K 55 11.27 94.29 50.85
CA ILE K 55 11.50 92.86 50.75
C ILE K 55 10.23 92.13 51.20
N ALA K 56 9.65 92.57 52.33
CA ALA K 56 8.42 91.96 52.84
C ALA K 56 7.26 92.29 51.90
N LYS K 57 7.51 93.20 50.96
CA LYS K 57 6.52 93.62 49.96
C LYS K 57 6.83 92.87 48.68
N GLU K 58 8.08 92.93 48.27
CA GLU K 58 8.53 92.23 47.08
C GLU K 58 8.26 90.76 47.31
N ASN K 59 8.15 90.37 48.57
CA ASN K 59 7.88 88.98 48.90
C ASN K 59 6.42 88.78 49.25
N GLU K 60 5.67 89.87 49.33
CA GLU K 60 4.24 89.80 49.63
C GLU K 60 3.47 90.05 48.33
N LEU K 61 4.22 90.20 47.25
CA LEU K 61 3.66 90.37 45.92
C LEU K 61 4.03 89.05 45.26
N ARG K 62 5.12 88.47 45.76
CA ARG K 62 5.61 87.18 45.28
C ARG K 62 4.48 86.22 45.58
N THR K 63 4.23 85.99 46.88
CA THR K 63 3.18 85.09 47.31
C THR K 63 1.80 85.55 46.83
N LYS K 64 1.76 86.67 46.10
CA LYS K 64 0.50 87.19 45.55
C LYS K 64 0.19 86.45 44.26
N ALA K 65 0.98 86.72 43.23
CA ALA K 65 0.79 86.06 41.95
C ALA K 65 0.91 84.55 42.15
N GLU K 66 1.80 84.13 43.05
CA GLU K 66 2.00 82.71 43.37
C GLU K 66 0.67 82.02 43.64
N GLU K 67 -0.37 82.80 43.90
CA GLU K 67 -1.68 82.26 44.19
C GLU K 67 -2.66 82.59 43.07
N GLU K 68 -2.62 83.82 42.58
CA GLU K 68 -3.51 84.20 41.50
C GLU K 68 -3.05 83.49 40.25
N ALA K 69 -2.01 82.67 40.40
CA ALA K 69 -1.48 81.89 39.30
C ALA K 69 -2.21 80.57 39.36
N ASP K 70 -2.41 80.04 40.57
CA ASP K 70 -3.13 78.79 40.75
C ASP K 70 -4.56 79.05 40.31
N LYS K 71 -5.03 80.28 40.49
CA LYS K 71 -6.38 80.67 40.08
C LYS K 71 -6.56 80.42 38.58
N LEU K 72 -5.48 80.56 37.82
CA LEU K 72 -5.52 80.34 36.39
C LEU K 72 -5.34 78.88 36.06
N ASN K 73 -4.21 78.30 36.47
CA ASN K 73 -3.92 76.91 36.18
C ASN K 73 -4.91 75.92 36.73
N LYS K 74 -5.30 76.07 37.97
CA LYS K 74 -6.29 75.17 38.52
C LYS K 74 -7.65 75.44 37.83
N GLU K 75 -7.69 76.45 36.96
CA GLU K 75 -8.90 76.81 36.21
C GLU K 75 -8.83 76.16 34.83
N VAL K 76 -7.61 76.07 34.30
CA VAL K 76 -7.35 75.46 33.01
C VAL K 76 -7.54 73.97 33.15
N GLU K 77 -7.20 73.44 34.33
CA GLU K 77 -7.35 72.01 34.59
C GLU K 77 -8.77 71.60 34.26
N ASP K 78 -9.74 72.40 34.70
CA ASP K 78 -11.14 72.09 34.42
C ASP K 78 -11.42 72.18 32.95
N LEU K 79 -11.44 73.40 32.44
CA LEU K 79 -11.68 73.62 31.02
C LEU K 79 -11.10 72.45 30.23
N THR K 80 -9.78 72.43 30.15
CA THR K 80 -9.09 71.40 29.42
C THR K 80 -9.59 70.01 29.71
N ALA K 81 -9.40 69.56 30.94
CA ALA K 81 -9.84 68.23 31.29
C ALA K 81 -11.28 67.95 30.86
N SER K 82 -12.21 68.86 31.20
CA SER K 82 -13.65 68.68 30.86
C SER K 82 -13.91 68.65 29.36
N LEU K 83 -13.22 69.50 28.64
CA LEU K 83 -13.35 69.52 27.20
C LEU K 83 -13.03 68.13 26.71
N PHE K 84 -11.89 67.61 27.16
CA PHE K 84 -11.46 66.29 26.79
C PHE K 84 -12.43 65.20 27.18
N ASP K 85 -13.06 65.33 28.33
CA ASP K 85 -14.01 64.32 28.77
C ASP K 85 -15.23 64.21 27.85
N GLU K 86 -15.59 65.32 27.20
CA GLU K 86 -16.71 65.30 26.27
C GLU K 86 -16.29 64.72 24.93
N ALA K 87 -15.00 64.76 24.64
CA ALA K 87 -14.50 64.20 23.40
C ALA K 87 -14.37 62.70 23.55
N ASN K 88 -15.00 62.18 24.59
CA ASN K 88 -15.04 60.75 24.88
C ASN K 88 -16.49 60.36 25.06
N ASN K 89 -17.26 61.23 25.71
CA ASN K 89 -18.69 60.99 25.91
C ASN K 89 -19.38 61.26 24.58
N LEU K 90 -18.70 61.95 23.69
CA LEU K 90 -19.27 62.26 22.38
C LEU K 90 -18.96 61.05 21.48
N VAL K 91 -17.70 60.62 21.47
CA VAL K 91 -17.27 59.47 20.66
C VAL K 91 -17.90 58.23 21.19
N ALA K 92 -18.15 58.22 22.50
CA ALA K 92 -18.75 57.07 23.15
C ALA K 92 -20.08 56.69 22.51
N ASP K 93 -21.04 57.61 22.59
CA ASP K 93 -22.36 57.38 22.01
C ASP K 93 -22.31 57.23 20.48
N ALA K 94 -21.38 57.92 19.84
CA ALA K 94 -21.24 57.80 18.40
C ALA K 94 -20.99 56.35 18.01
N ARG K 95 -20.24 55.62 18.82
CA ARG K 95 -19.97 54.22 18.53
C ARG K 95 -21.02 53.36 19.16
N GLU K 97 -24.67 54.70 18.89
CA GLU K 97 -25.84 54.96 18.04
C GLU K 97 -25.55 54.24 16.72
N LYS K 98 -24.27 54.20 16.35
CA LYS K 98 -23.81 53.57 15.11
C LYS K 98 -24.28 52.11 14.99
N TYR K 99 -23.70 51.21 15.80
CA TYR K 99 -24.08 49.80 15.76
C TYR K 99 -25.60 49.57 15.83
N ALA K 100 -26.31 50.34 16.67
CA ALA K 100 -27.77 50.22 16.82
C ALA K 100 -28.49 50.62 15.54
N ILE K 101 -28.09 51.76 14.99
CA ILE K 101 -28.69 52.26 13.76
C ILE K 101 -28.01 51.57 12.58
N GLU K 102 -26.89 50.89 12.83
CA GLU K 102 -26.18 50.20 11.76
C GLU K 102 -26.87 48.86 11.63
N ILE K 103 -27.45 48.41 12.74
CA ILE K 103 -28.16 47.14 12.76
C ILE K 103 -29.63 47.38 12.45
N LEU K 104 -30.05 48.65 12.48
CA LEU K 104 -31.45 48.97 12.16
C LEU K 104 -31.62 48.97 10.65
N ASN K 105 -30.50 49.04 9.94
CA ASN K 105 -30.51 49.00 8.49
C ASN K 105 -30.49 47.52 8.11
N LYS K 106 -30.03 46.69 9.05
CA LYS K 106 -29.94 45.24 8.87
C LYS K 106 -31.34 44.63 8.81
N ARG K 107 -32.18 44.95 9.80
CA ARG K 107 -33.54 44.45 9.84
C ARG K 107 -34.35 44.98 8.66
N LEU K 108 -34.40 46.29 8.51
CA LEU K 108 -35.14 46.90 7.39
C LEU K 108 -34.63 46.41 6.03
N THR K 109 -33.33 46.16 5.92
CA THR K 109 -32.74 45.65 4.66
C THR K 109 -33.07 44.17 4.51
N GLU K 110 -33.42 43.53 5.63
CA GLU K 110 -33.81 42.13 5.62
C GLU K 110 -35.32 42.03 5.49
N GLN K 111 -36.03 43.09 5.87
CA GLN K 111 -37.49 43.12 5.75
C GLN K 111 -37.86 43.56 4.34
N LEU K 112 -36.84 43.95 3.58
CA LEU K 112 -37.01 44.36 2.19
C LEU K 112 -36.27 43.35 1.32
N ARG K 113 -35.92 42.22 1.93
CA ARG K 113 -35.27 41.09 1.27
C ARG K 113 -36.21 39.89 1.45
N GLU K 114 -36.94 39.88 2.57
CA GLU K 114 -37.95 38.84 2.88
C GLU K 114 -39.24 39.34 2.25
N LYS K 115 -39.15 40.54 1.70
CA LYS K 115 -40.24 41.22 1.02
C LYS K 115 -39.98 41.18 -0.49
N ASP K 116 -38.98 40.39 -0.87
CA ASP K 116 -38.61 40.18 -2.27
C ASP K 116 -38.47 38.69 -2.56
N LEU K 118 -40.91 36.98 -1.43
CA LEU K 118 -42.35 36.83 -1.49
C LEU K 118 -42.76 37.42 -2.86
N LEU K 119 -41.74 37.73 -3.67
CA LEU K 119 -41.89 38.27 -5.04
C LEU K 119 -41.26 37.30 -6.04
N ASP K 120 -40.36 36.43 -5.54
CA ASP K 120 -39.68 35.41 -6.35
C ASP K 120 -40.58 34.18 -6.46
N THR K 121 -41.30 33.88 -5.38
CA THR K 121 -42.22 32.75 -5.35
C THR K 121 -43.59 33.27 -5.82
N LEU K 122 -43.72 34.59 -5.98
CA LEU K 122 -44.96 35.23 -6.43
C LEU K 122 -45.02 35.29 -7.95
N LEU L 6 54.39 131.93 97.17
CA LEU L 6 54.62 130.76 96.26
C LEU L 6 53.33 129.96 96.03
N GLU L 7 52.41 130.01 96.97
CA GLU L 7 51.13 129.31 96.84
C GLU L 7 50.39 129.89 95.66
N GLU L 8 50.92 131.00 95.13
CA GLU L 8 50.35 131.70 93.99
C GLU L 8 50.53 130.83 92.74
N GLN L 9 51.63 130.09 92.70
CA GLN L 9 51.92 129.21 91.57
C GLN L 9 51.45 127.78 91.88
N LEU L 10 51.67 127.34 93.11
CA LEU L 10 51.27 125.99 93.52
C LEU L 10 49.77 125.83 93.37
N ASN L 11 49.08 126.93 93.08
CA ASN L 11 47.62 126.94 92.89
C ASN L 11 47.26 127.06 91.39
N LYS L 12 47.74 128.12 90.74
CA LYS L 12 47.45 128.32 89.33
C LYS L 12 47.93 127.09 88.56
N SER L 13 48.89 126.38 89.14
CA SER L 13 49.40 125.17 88.52
C SER L 13 48.29 124.13 88.53
N LEU L 14 47.73 123.89 89.73
CA LEU L 14 46.63 122.94 89.89
C LEU L 14 45.43 123.35 89.02
N LYS L 15 45.28 124.63 88.76
CA LYS L 15 44.19 125.13 87.92
C LYS L 15 44.48 124.72 86.49
N THR L 16 45.77 124.61 86.15
CA THR L 16 46.20 124.21 84.80
C THR L 16 46.46 122.68 84.72
N ILE L 17 46.82 122.06 85.84
CA ILE L 17 47.02 120.63 85.86
C ILE L 17 45.63 120.02 85.82
N ALA L 18 44.61 120.86 86.00
CA ALA L 18 43.21 120.44 85.98
C ALA L 18 42.63 120.65 84.59
N SER L 19 43.16 121.60 83.83
CA SER L 19 42.70 121.88 82.48
C SER L 19 43.38 120.89 81.51
N GLN L 20 44.61 120.50 81.84
CA GLN L 20 45.34 119.57 81.02
C GLN L 20 44.74 118.19 81.29
N LYS L 21 44.35 117.92 82.53
CA LYS L 21 43.72 116.66 82.87
C LYS L 21 42.31 116.54 82.43
N ALA L 22 41.62 117.67 82.33
CA ALA L 22 40.21 117.69 81.89
C ALA L 22 40.12 117.61 80.37
N ALA L 23 41.01 118.31 79.68
CA ALA L 23 41.01 118.30 78.22
C ALA L 23 41.15 116.86 77.71
N ILE L 24 42.21 116.14 78.12
CA ILE L 24 42.41 114.74 77.74
C ILE L 24 41.25 113.90 78.27
N GLU L 25 40.71 114.23 79.43
CA GLU L 25 39.58 113.46 79.92
C GLU L 25 38.48 113.60 78.88
N ASN L 26 38.27 114.81 78.36
CA ASN L 26 37.24 115.13 77.34
C ASN L 26 37.39 114.45 76.01
N TYR L 27 38.59 114.43 75.46
CA TYR L 27 38.85 113.77 74.18
C TYR L 27 38.53 112.32 74.29
N ASN L 28 39.11 111.66 75.27
CA ASN L 28 38.84 110.26 75.47
C ASN L 28 37.36 109.98 75.73
N GLN L 29 36.64 110.91 76.32
CA GLN L 29 35.23 110.67 76.52
C GLN L 29 34.51 110.71 75.16
N LEU L 30 34.89 111.68 74.32
CA LEU L 30 34.28 111.85 73.00
C LEU L 30 34.72 110.75 72.08
N LYS L 31 36.01 110.47 72.03
CA LYS L 31 36.52 109.41 71.19
C LYS L 31 35.90 108.11 71.58
N GLU L 32 35.14 108.05 72.67
CA GLU L 32 34.46 106.81 73.06
C GLU L 32 33.09 106.81 72.37
N ASP L 33 32.44 107.97 72.29
CA ASP L 33 31.15 108.08 71.62
C ASP L 33 31.39 108.00 70.12
N TYR L 34 32.64 108.16 69.69
CA TYR L 34 33.00 108.10 68.27
C TYR L 34 33.10 106.65 67.84
N ASN L 35 33.91 105.86 68.52
CA ASN L 35 34.04 104.45 68.17
C ASN L 35 32.69 103.80 68.09
N THR L 36 31.84 104.05 69.09
CA THR L 36 30.47 103.51 69.13
C THR L 36 29.73 103.65 67.79
N LEU L 37 29.70 104.86 67.23
CA LEU L 37 29.03 105.08 65.95
C LEU L 37 29.75 104.35 64.82
N LYS L 38 31.04 104.59 64.66
CA LYS L 38 31.78 103.92 63.58
C LYS L 38 31.60 102.39 63.61
N ARG L 39 31.80 101.76 64.76
CA ARG L 39 31.67 100.31 64.83
C ARG L 39 30.21 99.90 64.81
N GLU L 40 29.32 100.88 64.80
CA GLU L 40 27.89 100.59 64.76
C GLU L 40 27.41 100.89 63.35
N LEU L 41 28.12 101.80 62.69
CA LEU L 41 27.82 102.19 61.32
C LEU L 41 28.32 101.06 60.45
N SER L 42 29.58 100.69 60.62
CA SER L 42 30.16 99.62 59.83
C SER L 42 29.21 98.43 59.79
N ASP L 43 28.31 98.32 60.76
CA ASP L 43 27.35 97.23 60.77
C ASP L 43 26.07 97.51 59.97
N ARG L 44 25.67 98.77 59.84
CA ARG L 44 24.49 99.05 59.05
C ARG L 44 24.89 98.85 57.61
N ASP L 45 26.07 99.33 57.24
CA ASP L 45 26.53 99.14 55.87
C ASP L 45 26.83 97.65 55.68
N ASP L 46 27.10 97.00 56.80
CA ASP L 46 27.38 95.57 56.80
C ASP L 46 26.06 94.89 56.49
N GLU L 47 24.98 95.45 57.05
CA GLU L 47 23.64 94.89 56.84
C GLU L 47 23.14 95.28 55.45
N VAL L 48 23.51 96.46 54.98
CA VAL L 48 23.09 96.89 53.66
C VAL L 48 23.69 95.92 52.68
N LYS L 49 24.83 95.35 53.03
CA LYS L 49 25.45 94.38 52.15
C LYS L 49 24.54 93.16 52.16
N ARG L 50 24.36 92.54 53.32
CA ARG L 50 23.50 91.36 53.44
C ARG L 50 22.22 91.57 52.68
N LEU L 51 21.53 92.65 53.00
CA LEU L 51 20.26 92.95 52.34
C LEU L 51 20.40 93.33 50.87
N ARG L 52 21.26 94.29 50.58
CA ARG L 52 21.45 94.74 49.21
C ARG L 52 21.60 93.58 48.20
N GLU L 53 22.29 92.52 48.62
CA GLU L 53 22.50 91.36 47.74
C GLU L 53 21.39 90.31 47.89
N ASP L 54 20.89 90.12 49.11
CA ASP L 54 19.81 89.16 49.34
C ASP L 54 18.67 89.48 48.39
N ILE L 55 18.78 90.61 47.70
CA ILE L 55 17.77 91.04 46.75
C ILE L 55 18.12 90.62 45.33
N ALA L 56 19.30 91.01 44.87
CA ALA L 56 19.73 90.65 43.54
C ALA L 56 19.78 89.13 43.39
N LYS L 57 20.08 88.43 44.49
CA LYS L 57 20.15 86.97 44.49
C LYS L 57 18.79 86.42 44.12
N GLU L 58 17.75 87.12 44.56
CA GLU L 58 16.37 86.71 44.26
C GLU L 58 16.01 87.13 42.86
N ASN L 59 16.23 88.41 42.53
CA ASN L 59 15.92 88.90 41.19
C ASN L 59 16.64 88.09 40.12
N GLU L 60 17.48 87.17 40.54
CA GLU L 60 18.19 86.31 39.63
C GLU L 60 17.39 85.01 39.55
N LEU L 61 16.99 84.48 40.70
CA LEU L 61 16.20 83.26 40.78
C LEU L 61 14.72 83.55 40.51
N ARG L 62 14.38 84.83 40.40
CA ARG L 62 13.00 85.24 40.13
C ARG L 62 12.76 85.30 38.63
N THR L 63 13.75 85.79 37.88
CA THR L 63 13.61 85.88 36.42
C THR L 63 13.63 84.48 35.79
N LYS L 64 14.49 83.59 36.30
CA LYS L 64 14.55 82.23 35.80
C LYS L 64 13.23 81.55 36.10
N ALA L 65 12.60 81.96 37.20
CA ALA L 65 11.31 81.40 37.60
C ALA L 65 10.17 82.08 36.85
N GLU L 66 10.51 83.13 36.09
CA GLU L 66 9.55 83.86 35.29
C GLU L 66 9.71 83.44 33.84
N GLU L 67 10.94 83.41 33.35
CA GLU L 67 11.24 83.01 31.98
C GLU L 67 10.79 81.58 31.72
N GLU L 68 11.04 80.69 32.67
CA GLU L 68 10.63 79.30 32.53
C GLU L 68 9.14 79.16 32.86
N ALA L 69 8.55 80.23 33.37
CA ALA L 69 7.13 80.23 33.71
C ALA L 69 6.34 80.65 32.46
N ASP L 70 6.98 81.39 31.56
CA ASP L 70 6.33 81.82 30.31
C ASP L 70 6.52 80.70 29.28
N LYS L 71 7.67 80.04 29.33
CA LYS L 71 8.00 78.94 28.43
C LYS L 71 7.02 77.80 28.64
N LEU L 72 6.10 77.95 29.58
CA LEU L 72 5.15 76.91 29.83
C LEU L 72 3.73 77.40 29.69
N ASN L 73 3.52 78.71 29.76
CA ASN L 73 2.17 79.25 29.65
C ASN L 73 1.63 79.43 28.26
N LYS L 74 2.50 79.34 27.27
CA LYS L 74 2.05 79.46 25.90
C LYS L 74 1.93 78.05 25.28
N GLU L 75 2.75 77.12 25.76
CA GLU L 75 2.70 75.75 25.26
C GLU L 75 1.36 75.19 25.69
N VAL L 76 0.73 75.86 26.65
CA VAL L 76 -0.58 75.46 27.17
C VAL L 76 -1.64 76.32 26.53
N GLU L 77 -1.28 77.56 26.24
CA GLU L 77 -2.20 78.48 25.61
C GLU L 77 -2.35 78.01 24.17
N ASP L 78 -1.43 77.14 23.74
CA ASP L 78 -1.44 76.61 22.39
C ASP L 78 -2.03 75.19 22.35
N LEU L 79 -1.82 74.42 23.42
CA LEU L 79 -2.39 73.09 23.47
C LEU L 79 -3.85 73.36 23.58
N THR L 80 -4.23 74.08 24.63
CA THR L 80 -5.61 74.46 24.86
C THR L 80 -6.25 74.96 23.56
N ALA L 81 -5.53 75.82 22.85
CA ALA L 81 -6.02 76.37 21.60
C ALA L 81 -6.21 75.31 20.50
N SER L 82 -5.14 74.59 20.22
CA SER L 82 -5.17 73.54 19.21
C SER L 82 -6.12 72.44 19.69
N LEU L 83 -5.93 71.98 20.92
CA LEU L 83 -6.78 70.94 21.52
C LEU L 83 -8.25 71.28 21.39
N PHE L 84 -8.55 72.58 21.41
CA PHE L 84 -9.92 73.06 21.29
C PHE L 84 -10.40 72.85 19.86
N ASP L 85 -9.53 73.14 18.91
CA ASP L 85 -9.88 72.96 17.52
C ASP L 85 -10.09 71.48 17.27
N GLU L 86 -9.32 70.62 17.94
CA GLU L 86 -9.44 69.17 17.79
C GLU L 86 -10.81 68.63 18.12
N ALA L 87 -11.42 69.17 19.17
CA ALA L 87 -12.74 68.76 19.56
C ALA L 87 -13.71 69.29 18.51
N ASN L 88 -13.35 70.39 17.84
CA ASN L 88 -14.19 70.99 16.79
C ASN L 88 -14.33 70.02 15.66
N ASN L 89 -13.20 69.46 15.23
CA ASN L 89 -13.17 68.48 14.15
C ASN L 89 -13.98 67.27 14.59
N LEU L 90 -13.75 66.83 15.82
CA LEU L 90 -14.45 65.68 16.34
C LEU L 90 -15.95 65.84 16.23
N VAL L 91 -16.50 66.87 16.85
CA VAL L 91 -17.95 67.13 16.85
C VAL L 91 -18.58 67.18 15.46
N ALA L 92 -17.96 67.91 14.55
CA ALA L 92 -18.45 68.04 13.19
C ALA L 92 -18.48 66.70 12.48
N ASP L 93 -17.30 66.09 12.31
CA ASP L 93 -17.16 64.78 11.66
C ASP L 93 -18.04 63.71 12.30
N ALA L 94 -18.27 63.84 13.59
CA ALA L 94 -19.13 62.90 14.29
C ALA L 94 -20.55 63.08 13.79
N ARG L 95 -21.12 64.25 14.09
CA ARG L 95 -22.49 64.57 13.67
C ARG L 95 -22.59 64.49 12.16
N GLU L 97 -21.17 61.95 9.91
CA GLU L 97 -21.58 60.62 9.48
C GLU L 97 -22.77 60.06 10.27
N LYS L 98 -23.33 60.87 11.17
CA LYS L 98 -24.48 60.43 11.94
C LYS L 98 -25.65 60.43 10.99
N TYR L 99 -25.83 61.51 10.25
CA TYR L 99 -26.93 61.62 9.29
C TYR L 99 -26.60 60.94 7.97
N ALA L 100 -25.33 60.95 7.58
CA ALA L 100 -24.91 60.32 6.33
C ALA L 100 -25.37 58.86 6.34
N ILE L 101 -25.53 58.34 7.55
CA ILE L 101 -25.98 56.97 7.72
C ILE L 101 -27.39 56.94 8.32
N GLU L 102 -27.80 58.00 9.02
CA GLU L 102 -29.15 58.02 9.61
C GLU L 102 -30.20 58.28 8.51
N ILE L 103 -29.77 58.96 7.46
CA ILE L 103 -30.63 59.27 6.33
C ILE L 103 -30.82 57.99 5.51
N LEU L 104 -29.77 57.16 5.49
CA LEU L 104 -29.81 55.91 4.76
C LEU L 104 -30.78 54.93 5.43
N ASN L 105 -31.10 55.18 6.70
CA ASN L 105 -32.00 54.32 7.47
C ASN L 105 -33.46 54.64 7.27
N LYS L 106 -33.87 55.81 7.75
CA LYS L 106 -35.26 56.22 7.62
C LYS L 106 -35.83 56.04 6.19
N ARG L 107 -34.98 56.03 5.17
CA ARG L 107 -35.47 55.85 3.80
C ARG L 107 -35.78 54.38 3.52
N LEU L 108 -35.71 53.58 4.57
CA LEU L 108 -36.04 52.16 4.50
C LEU L 108 -37.35 52.05 5.26
N THR L 109 -37.76 53.17 5.86
CA THR L 109 -39.01 53.26 6.63
C THR L 109 -40.15 53.73 5.69
N GLU L 110 -39.85 54.70 4.83
CA GLU L 110 -40.84 55.22 3.88
C GLU L 110 -40.94 54.25 2.70
N GLN L 111 -39.85 53.53 2.42
CA GLN L 111 -39.78 52.57 1.33
C GLN L 111 -40.47 51.24 1.64
N LEU L 112 -40.65 50.93 2.93
CA LEU L 112 -41.34 49.70 3.31
C LEU L 112 -42.84 49.90 3.15
N ARG L 113 -43.21 51.02 2.54
CA ARG L 113 -44.60 51.35 2.26
C ARG L 113 -44.77 51.57 0.77
N GLU L 114 -43.69 52.03 0.12
CA GLU L 114 -43.67 52.29 -1.32
C GLU L 114 -43.27 51.05 -2.13
N LYS L 115 -42.65 50.08 -1.47
CA LYS L 115 -42.25 48.84 -2.13
C LYS L 115 -43.22 47.70 -1.74
N ASP L 116 -44.22 48.03 -0.92
CA ASP L 116 -45.25 47.08 -0.47
C ASP L 116 -46.63 47.41 -1.09
N LEU L 118 -46.78 48.37 -4.53
CA LEU L 118 -46.63 47.81 -5.87
C LEU L 118 -46.73 46.28 -5.82
N LEU L 119 -46.44 45.70 -4.66
CA LEU L 119 -46.49 44.26 -4.48
C LEU L 119 -47.67 43.84 -3.59
N LEU M 6 -94.10 -25.10 15.89
CA LEU M 6 -92.80 -25.58 16.44
C LEU M 6 -91.63 -24.74 15.97
N GLU M 7 -91.63 -24.37 14.69
CA GLU M 7 -90.54 -23.55 14.18
C GLU M 7 -90.54 -22.31 15.04
N GLU M 8 -91.71 -22.03 15.61
CA GLU M 8 -91.90 -20.89 16.50
C GLU M 8 -91.08 -21.10 17.77
N GLN M 9 -90.98 -22.36 18.19
CA GLN M 9 -90.24 -22.72 19.39
C GLN M 9 -88.77 -23.05 19.11
N LEU M 10 -88.45 -23.29 17.85
CA LEU M 10 -87.07 -23.62 17.45
C LEU M 10 -86.21 -22.40 17.22
N ASN M 11 -86.82 -21.28 16.85
CA ASN M 11 -86.08 -20.05 16.63
C ASN M 11 -85.77 -19.35 17.94
N LYS M 12 -86.54 -19.64 18.99
CA LYS M 12 -86.30 -19.03 20.30
C LYS M 12 -85.20 -19.83 21.04
N SER M 13 -84.70 -20.88 20.39
CA SER M 13 -83.64 -21.70 20.95
C SER M 13 -82.32 -21.26 20.32
N LEU M 14 -82.39 -20.83 19.05
CA LEU M 14 -81.24 -20.36 18.29
C LEU M 14 -80.71 -18.99 18.76
N LYS M 15 -81.49 -17.93 18.55
CA LYS M 15 -81.09 -16.58 18.94
C LYS M 15 -80.57 -16.52 20.36
N THR M 16 -81.31 -17.13 21.29
CA THR M 16 -80.90 -17.17 22.68
C THR M 16 -79.47 -17.69 22.76
N ILE M 17 -79.12 -18.60 21.86
CA ILE M 17 -77.79 -19.17 21.81
C ILE M 17 -76.80 -18.33 21.02
N ALA M 18 -77.20 -17.89 19.83
CA ALA M 18 -76.33 -17.06 19.01
C ALA M 18 -76.07 -15.75 19.75
N SER M 19 -76.68 -15.63 20.92
CA SER M 19 -76.53 -14.46 21.78
C SER M 19 -75.49 -14.75 22.84
N GLN M 20 -75.55 -15.97 23.36
CA GLN M 20 -74.62 -16.41 24.39
C GLN M 20 -73.25 -16.61 23.79
N LYS M 21 -73.19 -16.89 22.49
CA LYS M 21 -71.91 -17.07 21.78
C LYS M 21 -71.21 -15.73 21.78
N ALA M 22 -71.97 -14.69 21.44
CA ALA M 22 -71.49 -13.31 21.38
C ALA M 22 -71.25 -12.76 22.79
N ALA M 23 -72.23 -12.88 23.68
CA ALA M 23 -72.10 -12.41 25.06
C ALA M 23 -70.74 -12.80 25.64
N ILE M 24 -70.34 -14.02 25.31
CA ILE M 24 -69.08 -14.58 25.75
C ILE M 24 -67.98 -14.25 24.73
N GLU M 25 -68.38 -13.97 23.49
CA GLU M 25 -67.46 -13.64 22.40
C GLU M 25 -66.89 -12.22 22.63
N ASN M 26 -67.76 -11.32 23.05
CA ASN M 26 -67.35 -9.96 23.29
C ASN M 26 -66.55 -9.81 24.54
N TYR M 27 -67.04 -10.30 25.66
CA TYR M 27 -66.28 -10.15 26.91
C TYR M 27 -64.91 -10.76 26.83
N ASN M 28 -64.77 -11.74 25.96
CA ASN M 28 -63.49 -12.41 25.81
C ASN M 28 -62.63 -11.85 24.67
N GLN M 29 -63.24 -11.17 23.69
CA GLN M 29 -62.44 -10.58 22.60
C GLN M 29 -62.00 -9.18 23.10
N LEU M 30 -62.58 -8.75 24.23
CA LEU M 30 -62.24 -7.46 24.87
C LEU M 30 -61.20 -7.80 25.92
N LYS M 31 -61.50 -8.80 26.74
CA LYS M 31 -60.60 -9.26 27.79
C LYS M 31 -59.34 -9.63 27.04
N GLU M 32 -59.49 -9.75 25.72
CA GLU M 32 -58.40 -10.08 24.79
C GLU M 32 -57.53 -8.86 24.56
N ASP M 33 -58.14 -7.68 24.51
CA ASP M 33 -57.42 -6.42 24.29
C ASP M 33 -57.06 -5.78 25.63
N TYR M 34 -57.64 -6.27 26.71
CA TYR M 34 -57.36 -5.74 28.03
C TYR M 34 -56.00 -6.15 28.46
N ASN M 35 -55.74 -7.45 28.51
CA ASN M 35 -54.41 -7.92 28.92
C ASN M 35 -53.36 -7.50 27.89
N THR M 36 -53.75 -7.38 26.63
CA THR M 36 -52.84 -6.96 25.55
C THR M 36 -52.11 -5.69 25.96
N LEU M 37 -52.83 -4.77 26.58
CA LEU M 37 -52.23 -3.52 27.03
C LEU M 37 -51.47 -3.65 28.34
N LYS M 38 -52.13 -4.15 29.39
CA LYS M 38 -51.45 -4.30 30.68
C LYS M 38 -50.03 -4.81 30.54
N ARG M 39 -49.75 -5.54 29.46
CA ARG M 39 -48.41 -6.09 29.21
C ARG M 39 -47.47 -5.00 28.74
N GLU M 40 -47.87 -4.25 27.72
CA GLU M 40 -47.06 -3.17 27.21
C GLU M 40 -46.94 -2.04 28.23
N LEU M 41 -47.87 -1.94 29.19
CA LEU M 41 -47.81 -0.88 30.21
C LEU M 41 -46.79 -1.21 31.28
N SER M 42 -46.64 -2.48 31.59
CA SER M 42 -45.64 -2.88 32.57
C SER M 42 -44.28 -2.71 31.89
N ASP M 43 -44.31 -2.43 30.57
CA ASP M 43 -43.10 -2.20 29.76
C ASP M 43 -42.78 -0.71 29.70
N ARG M 44 -43.72 0.11 30.13
CA ARG M 44 -43.53 1.55 30.17
C ARG M 44 -43.14 1.91 31.58
N ASP M 45 -43.57 1.12 32.55
CA ASP M 45 -43.17 1.37 33.92
C ASP M 45 -41.76 0.84 34.03
N ASP M 46 -41.38 0.00 33.08
CA ASP M 46 -40.05 -0.58 33.04
C ASP M 46 -39.15 0.56 32.55
N GLU M 47 -39.63 1.29 31.56
CA GLU M 47 -38.89 2.42 31.02
C GLU M 47 -38.79 3.49 32.09
N VAL M 48 -39.94 3.88 32.63
CA VAL M 48 -40.00 4.91 33.67
C VAL M 48 -39.06 4.58 34.79
N LYS M 49 -38.95 3.29 35.10
CA LYS M 49 -38.06 2.85 36.17
C LYS M 49 -36.63 2.59 35.69
N ARG M 50 -36.44 2.43 34.38
CA ARG M 50 -35.10 2.21 33.81
C ARG M 50 -34.42 3.55 33.50
N LEU M 51 -35.22 4.51 33.03
CA LEU M 51 -34.69 5.83 32.71
C LEU M 51 -34.62 6.68 33.95
N ARG M 52 -35.58 6.52 34.85
CA ARG M 52 -35.59 7.29 36.09
C ARG M 52 -34.38 6.87 36.92
N GLU M 53 -33.65 5.88 36.41
CA GLU M 53 -32.43 5.38 37.06
C GLU M 53 -31.20 6.07 36.44
N ASP M 54 -31.06 5.97 35.11
CA ASP M 54 -29.94 6.59 34.40
C ASP M 54 -29.82 8.05 34.83
N ILE M 55 -30.92 8.76 34.73
CA ILE M 55 -30.99 10.17 35.09
C ILE M 55 -30.51 10.43 36.53
N ALA M 56 -31.32 10.04 37.50
CA ALA M 56 -30.97 10.25 38.90
C ALA M 56 -29.53 9.86 39.19
N LYS M 57 -29.04 8.78 38.58
CA LYS M 57 -27.67 8.34 38.80
C LYS M 57 -26.63 9.30 38.21
N GLU M 58 -26.46 9.26 36.88
CA GLU M 58 -25.50 10.12 36.20
C GLU M 58 -25.61 11.58 36.60
N ASN M 59 -26.84 12.08 36.77
CA ASN M 59 -27.03 13.46 37.16
C ASN M 59 -26.32 13.76 38.47
N GLU M 60 -26.26 12.78 39.37
CA GLU M 60 -25.61 12.98 40.66
C GLU M 60 -24.11 12.71 40.63
N LEU M 61 -23.65 11.99 39.61
CA LEU M 61 -22.21 11.71 39.42
C LEU M 61 -21.62 12.92 38.69
N ARG M 62 -22.48 13.61 37.93
CA ARG M 62 -22.11 14.81 37.19
C ARG M 62 -22.40 16.01 38.09
N THR M 63 -23.06 15.75 39.23
CA THR M 63 -23.36 16.79 40.20
C THR M 63 -22.03 17.10 40.81
N LYS M 64 -21.26 16.05 41.06
CA LYS M 64 -19.92 16.18 41.63
C LYS M 64 -18.97 16.72 40.56
N ALA M 65 -19.15 16.27 39.31
CA ALA M 65 -18.32 16.71 38.20
C ALA M 65 -18.71 18.14 37.85
N GLU M 66 -19.55 18.72 38.71
CA GLU M 66 -20.04 20.08 38.56
C GLU M 66 -19.57 20.87 39.79
N GLU M 67 -19.18 20.15 40.85
CA GLU M 67 -18.70 20.73 42.10
C GLU M 67 -17.19 20.83 42.08
N GLU M 68 -16.56 19.85 41.44
CA GLU M 68 -15.11 19.79 41.30
C GLU M 68 -14.63 20.89 40.38
N ALA M 69 -15.45 21.24 39.39
CA ALA M 69 -15.13 22.27 38.41
C ALA M 69 -15.07 23.67 39.03
N ASP M 70 -16.04 24.00 39.89
CA ASP M 70 -16.05 25.32 40.52
C ASP M 70 -15.06 25.40 41.70
N LYS M 71 -14.31 24.31 41.90
CA LYS M 71 -13.31 24.25 42.98
C LYS M 71 -11.87 24.20 42.46
N LEU M 72 -11.55 23.21 41.63
CA LEU M 72 -10.20 23.11 41.08
C LEU M 72 -9.92 24.27 40.13
N ASN M 73 -10.96 24.73 39.43
CA ASN M 73 -10.82 25.84 38.48
C ASN M 73 -10.86 27.20 39.15
N LYS M 74 -11.07 27.21 40.45
CA LYS M 74 -11.07 28.46 41.20
C LYS M 74 -9.91 28.39 42.18
N GLU M 75 -9.14 27.31 42.07
CA GLU M 75 -7.95 27.06 42.89
C GLU M 75 -6.76 27.31 41.99
N VAL M 76 -6.95 26.99 40.72
CA VAL M 76 -5.94 27.19 39.71
C VAL M 76 -5.92 28.66 39.37
N GLU M 77 -7.09 29.28 39.33
CA GLU M 77 -7.14 30.68 39.02
C GLU M 77 -6.30 31.47 40.00
N ASP M 78 -5.99 30.88 41.15
CA ASP M 78 -5.18 31.58 42.16
C ASP M 78 -3.69 31.37 42.04
N LEU M 79 -3.26 30.15 41.76
CA LEU M 79 -1.84 29.93 41.58
C LEU M 79 -1.47 30.63 40.29
N THR M 80 -2.39 30.63 39.32
CA THR M 80 -2.17 31.29 38.03
C THR M 80 -2.04 32.78 38.25
N ALA M 81 -2.89 33.35 39.09
CA ALA M 81 -2.80 34.76 39.35
C ALA M 81 -1.60 34.99 40.25
N SER M 82 -1.33 34.07 41.17
CA SER M 82 -0.19 34.17 42.13
C SER M 82 1.20 33.87 41.53
N LEU M 83 1.21 33.35 40.30
CA LEU M 83 2.44 33.08 39.56
C LEU M 83 2.75 34.38 38.83
N PHE M 84 1.75 34.85 38.11
CA PHE M 84 1.82 36.09 37.37
C PHE M 84 2.27 37.21 38.30
N ASP M 85 2.12 37.04 39.61
CA ASP M 85 2.51 38.09 40.57
C ASP M 85 3.93 37.95 41.00
N GLU M 86 4.34 36.71 41.21
CA GLU M 86 5.71 36.44 41.61
C GLU M 86 6.61 36.77 40.42
N ALA M 87 6.07 36.68 39.22
CA ALA M 87 6.84 37.01 38.02
C ALA M 87 7.08 38.52 37.95
N ASN M 88 6.17 39.32 38.49
CA ASN M 88 6.33 40.76 38.51
C ASN M 88 7.49 41.10 39.42
N ASN M 89 7.48 40.54 40.64
CA ASN M 89 8.54 40.78 41.63
C ASN M 89 9.91 40.40 41.09
N LEU M 90 9.95 39.34 40.28
CA LEU M 90 11.17 38.89 39.68
C LEU M 90 11.65 39.85 38.59
N VAL M 91 10.86 40.04 37.52
CA VAL M 91 11.23 40.93 36.40
C VAL M 91 11.57 42.31 36.91
N ALA M 92 10.93 42.71 38.01
CA ALA M 92 11.16 44.02 38.62
C ALA M 92 12.56 44.11 39.25
N ASP M 93 12.81 43.30 40.27
CA ASP M 93 14.10 43.28 40.93
C ASP M 93 15.18 42.89 39.90
N ALA M 94 14.73 42.37 38.76
CA ALA M 94 15.63 41.99 37.68
C ALA M 94 16.33 43.22 37.15
N ARG M 95 15.59 44.08 36.44
CA ARG M 95 16.18 45.32 35.89
C ARG M 95 16.76 46.14 37.04
N GLU M 97 18.81 44.99 39.98
CA GLU M 97 20.20 44.60 40.16
C GLU M 97 20.91 44.92 38.84
N LYS M 98 20.15 45.02 37.75
CA LYS M 98 20.71 45.32 36.43
C LYS M 98 21.09 46.79 36.35
N TYR M 99 20.37 47.65 37.07
CA TYR M 99 20.65 49.09 37.04
C TYR M 99 21.34 49.65 38.27
N ALA M 100 21.74 48.77 39.18
CA ALA M 100 22.45 49.19 40.37
C ALA M 100 23.94 49.07 40.03
N ILE M 101 24.26 48.10 39.19
CA ILE M 101 25.62 47.85 38.75
C ILE M 101 25.89 48.64 37.47
N GLU M 102 24.89 49.38 37.02
CA GLU M 102 25.03 50.21 35.83
C GLU M 102 25.52 51.59 36.27
N ILE M 103 24.95 52.12 37.36
CA ILE M 103 25.36 53.42 37.89
C ILE M 103 26.73 53.27 38.52
N LEU M 104 27.17 52.03 38.64
CA LEU M 104 28.47 51.72 39.20
C LEU M 104 29.56 52.14 38.22
N ASN M 105 29.20 52.20 36.95
CA ASN M 105 30.14 52.62 35.92
C ASN M 105 30.05 54.13 35.74
N LYS M 106 29.08 54.75 36.41
CA LYS M 106 28.91 56.20 36.35
C LYS M 106 29.97 56.81 37.26
N ARG M 107 30.16 56.17 38.41
CA ARG M 107 31.18 56.61 39.37
C ARG M 107 32.53 56.09 38.89
N LEU M 108 32.51 55.05 38.04
CA LEU M 108 33.72 54.48 37.46
C LEU M 108 34.33 55.65 36.76
N THR M 109 33.46 56.47 36.18
CA THR M 109 33.82 57.68 35.45
C THR M 109 34.25 58.78 36.41
N GLU M 110 33.47 59.00 37.47
CA GLU M 110 33.77 60.05 38.46
C GLU M 110 34.97 59.70 39.38
N GLN M 111 34.98 58.50 39.94
CA GLN M 111 36.07 58.06 40.81
C GLN M 111 37.37 58.07 40.02
N LEU M 112 37.25 58.16 38.70
CA LEU M 112 38.42 58.20 37.84
C LEU M 112 38.41 59.48 37.00
N ARG M 113 37.41 60.35 37.19
CA ARG M 113 37.33 61.63 36.46
C ARG M 113 37.98 62.68 37.34
N GLU M 114 37.94 62.46 38.66
CA GLU M 114 38.58 63.38 39.60
C GLU M 114 40.05 62.98 39.58
N LYS M 115 40.31 61.79 39.05
CA LYS M 115 41.66 61.25 38.93
C LYS M 115 42.16 61.49 37.51
N ASP M 116 41.24 61.87 36.62
CA ASP M 116 41.57 62.18 35.23
C ASP M 116 41.44 63.69 34.99
N LEU M 118 42.19 65.74 37.44
CA LEU M 118 43.17 66.29 38.37
C LEU M 118 44.58 66.15 37.81
N LEU M 119 44.85 65.06 37.08
CA LEU M 119 46.17 64.85 36.49
C LEU M 119 46.33 65.84 35.32
N ASP M 120 45.20 66.42 34.88
CA ASP M 120 45.17 67.43 33.80
C ASP M 120 45.36 68.81 34.44
N THR M 121 45.07 68.88 35.74
CA THR M 121 45.19 70.11 36.53
C THR M 121 46.58 70.13 37.21
N LEU M 122 47.11 68.95 37.51
CA LEU M 122 48.42 68.82 38.15
C LEU M 122 49.51 69.22 37.14
N LEU N 6 -97.39 -15.66 39.69
CA LEU N 6 -96.49 -14.58 40.17
C LEU N 6 -95.09 -15.13 40.42
N GLU N 7 -95.03 -16.21 41.19
CA GLU N 7 -93.75 -16.84 41.51
C GLU N 7 -93.27 -17.70 40.35
N GLU N 8 -94.11 -18.66 39.93
CA GLU N 8 -93.77 -19.54 38.82
C GLU N 8 -93.71 -18.71 37.55
N GLN N 9 -93.54 -17.40 37.70
CA GLN N 9 -93.49 -16.49 36.54
C GLN N 9 -92.46 -15.36 36.68
N LEU N 10 -92.72 -14.39 37.56
CA LEU N 10 -91.81 -13.25 37.75
C LEU N 10 -90.38 -13.64 38.09
N ASN N 11 -90.14 -14.93 38.32
CA ASN N 11 -88.81 -15.41 38.66
C ASN N 11 -87.92 -15.64 37.44
N LYS N 12 -88.20 -16.70 36.67
CA LYS N 12 -87.42 -17.01 35.47
C LYS N 12 -87.16 -15.73 34.71
N SER N 13 -88.14 -14.83 34.73
CA SER N 13 -88.05 -13.53 34.07
C SER N 13 -86.98 -12.69 34.78
N LEU N 14 -87.25 -12.35 36.04
CA LEU N 14 -86.32 -11.57 36.83
C LEU N 14 -84.94 -12.20 36.78
N LYS N 15 -84.86 -13.49 37.12
CA LYS N 15 -83.59 -14.22 37.12
C LYS N 15 -82.74 -13.98 35.88
N THR N 16 -83.18 -14.56 34.78
CA THR N 16 -82.45 -14.42 33.54
C THR N 16 -82.25 -12.95 33.12
N ILE N 17 -83.07 -12.03 33.63
CA ILE N 17 -82.91 -10.61 33.28
C ILE N 17 -81.62 -10.02 33.83
N ALA N 18 -81.30 -10.37 35.06
CA ALA N 18 -80.09 -9.87 35.66
C ALA N 18 -78.94 -10.67 35.05
N SER N 19 -79.22 -11.89 34.61
CA SER N 19 -78.15 -12.70 34.00
C SER N 19 -77.72 -12.01 32.70
N GLN N 20 -78.33 -10.87 32.42
CA GLN N 20 -78.04 -10.07 31.22
C GLN N 20 -77.52 -8.74 31.68
N LYS N 21 -78.17 -8.18 32.70
CA LYS N 21 -77.75 -6.92 33.27
C LYS N 21 -76.31 -7.12 33.67
N ALA N 22 -76.11 -8.13 34.50
CA ALA N 22 -74.81 -8.54 35.01
C ALA N 22 -73.90 -8.73 33.81
N ALA N 23 -74.29 -9.64 32.97
CA ALA N 23 -73.53 -9.91 31.80
C ALA N 23 -72.87 -8.68 31.20
N ILE N 24 -73.69 -7.68 30.84
CA ILE N 24 -73.20 -6.44 30.22
C ILE N 24 -72.45 -5.60 31.23
N GLU N 25 -72.99 -5.52 32.43
CA GLU N 25 -72.36 -4.78 33.51
C GLU N 25 -70.90 -5.16 33.59
N ASN N 26 -70.63 -6.48 33.62
CA ASN N 26 -69.27 -6.98 33.68
C ASN N 26 -68.47 -6.60 32.44
N TYR N 27 -69.14 -6.28 31.34
CA TYR N 27 -68.43 -5.87 30.13
C TYR N 27 -68.02 -4.44 30.26
N ASN N 28 -68.93 -3.60 30.73
CA ASN N 28 -68.60 -2.19 30.90
C ASN N 28 -67.54 -2.02 32.00
N GLN N 29 -67.85 -2.48 33.22
CA GLN N 29 -66.90 -2.37 34.31
C GLN N 29 -65.53 -2.87 33.88
N LEU N 30 -65.47 -3.76 32.90
CA LEU N 30 -64.19 -4.25 32.40
C LEU N 30 -63.66 -3.34 31.30
N LYS N 31 -64.53 -2.82 30.45
CA LYS N 31 -64.04 -1.92 29.41
C LYS N 31 -63.76 -0.57 30.02
N GLU N 32 -64.37 -0.31 31.19
CA GLU N 32 -64.16 0.94 31.93
C GLU N 32 -62.71 0.95 32.36
N ASP N 33 -62.27 -0.16 32.97
CA ASP N 33 -60.89 -0.29 33.42
C ASP N 33 -59.98 -0.52 32.22
N TYR N 34 -60.53 -1.04 31.12
CA TYR N 34 -59.73 -1.27 29.94
C TYR N 34 -59.22 0.04 29.44
N ASN N 35 -60.11 1.03 29.40
CA ASN N 35 -59.74 2.37 28.94
C ASN N 35 -59.03 3.17 30.05
N THR N 36 -59.26 2.83 31.32
CA THR N 36 -58.59 3.52 32.42
C THR N 36 -57.09 3.24 32.29
N LEU N 37 -56.76 2.21 31.50
CA LEU N 37 -55.37 1.86 31.22
C LEU N 37 -54.91 2.68 30.02
N LYS N 38 -55.66 2.61 28.93
CA LYS N 38 -55.29 3.39 27.74
C LYS N 38 -54.82 4.79 28.16
N ARG N 39 -55.51 5.39 29.14
CA ARG N 39 -55.16 6.74 29.63
C ARG N 39 -53.76 6.73 30.22
N GLU N 40 -53.49 5.74 31.09
CA GLU N 40 -52.21 5.59 31.73
C GLU N 40 -51.12 5.05 30.82
N LEU N 41 -51.47 4.58 29.63
CA LEU N 41 -50.46 4.08 28.69
C LEU N 41 -49.86 5.31 28.05
N SER N 42 -50.63 5.97 27.20
CA SER N 42 -50.17 7.18 26.54
C SER N 42 -50.13 8.31 27.58
N ASP N 43 -49.78 7.92 28.80
CA ASP N 43 -49.65 8.84 29.92
C ASP N 43 -48.18 8.75 30.32
N ARG N 44 -47.68 7.53 30.44
CA ARG N 44 -46.28 7.28 30.78
C ARG N 44 -45.56 7.02 29.47
N ASP N 45 -46.31 6.56 28.48
CA ASP N 45 -45.76 6.28 27.17
C ASP N 45 -45.15 7.58 26.66
N ASP N 46 -45.50 8.68 27.34
CA ASP N 46 -45.02 10.04 27.05
C ASP N 46 -43.77 10.33 27.88
N GLU N 47 -43.89 10.16 29.19
CA GLU N 47 -42.77 10.41 30.10
C GLU N 47 -41.57 9.60 29.69
N VAL N 48 -41.75 8.68 28.74
CA VAL N 48 -40.66 7.85 28.23
C VAL N 48 -39.91 8.63 27.17
N LYS N 49 -40.61 9.01 26.10
CA LYS N 49 -39.97 9.77 25.03
C LYS N 49 -39.54 11.10 25.60
N ARG N 50 -40.22 11.55 26.65
CA ARG N 50 -39.93 12.83 27.32
C ARG N 50 -38.59 12.81 28.03
N LEU N 51 -38.55 12.05 29.12
CA LEU N 51 -37.37 11.90 29.94
C LEU N 51 -36.21 11.27 29.15
N ARG N 52 -36.48 10.89 27.91
CA ARG N 52 -35.47 10.30 27.03
C ARG N 52 -34.74 11.45 26.36
N GLU N 53 -35.47 12.56 26.19
CA GLU N 53 -34.95 13.77 25.55
C GLU N 53 -34.03 14.56 26.49
N ASP N 54 -34.27 14.46 27.78
CA ASP N 54 -33.41 15.15 28.73
C ASP N 54 -32.08 14.44 28.77
N ILE N 55 -32.02 13.30 28.08
CA ILE N 55 -30.80 12.51 27.97
C ILE N 55 -30.06 12.99 26.72
N ALA N 56 -30.74 13.81 25.94
CA ALA N 56 -30.16 14.40 24.74
C ALA N 56 -29.95 15.89 25.04
N LYS N 57 -30.63 16.37 26.07
CA LYS N 57 -30.52 17.76 26.49
C LYS N 57 -29.20 17.96 27.21
N GLU N 58 -29.00 17.22 28.29
CA GLU N 58 -27.78 17.31 29.10
C GLU N 58 -26.59 16.52 28.58
N ASN N 59 -26.80 15.66 27.60
CA ASN N 59 -25.69 14.91 27.03
C ASN N 59 -25.06 15.79 25.94
N GLU N 60 -25.87 16.68 25.37
CA GLU N 60 -25.41 17.58 24.33
C GLU N 60 -24.85 18.82 25.02
N LEU N 61 -25.23 19.01 26.28
CA LEU N 61 -24.76 20.15 27.08
C LEU N 61 -23.53 19.78 27.90
N ARG N 62 -23.50 18.56 28.44
CA ARG N 62 -22.35 18.09 29.22
C ARG N 62 -21.21 17.84 28.24
N THR N 63 -21.50 18.00 26.95
CA THR N 63 -20.51 17.82 25.88
C THR N 63 -19.91 19.16 25.49
N LYS N 64 -20.75 20.20 25.38
CA LYS N 64 -20.28 21.53 25.03
C LYS N 64 -19.37 22.04 26.14
N ALA N 65 -19.52 21.49 27.34
CA ALA N 65 -18.71 21.89 28.49
C ALA N 65 -17.29 21.29 28.40
N GLU N 66 -17.20 20.00 28.14
CA GLU N 66 -15.92 19.30 28.03
C GLU N 66 -15.11 19.80 26.83
N GLU N 67 -15.67 20.75 26.08
CA GLU N 67 -15.01 21.31 24.90
C GLU N 67 -14.60 22.74 25.16
N GLU N 68 -15.59 23.61 25.31
CA GLU N 68 -15.33 25.03 25.56
C GLU N 68 -14.56 25.19 26.86
N ALA N 69 -14.71 24.24 27.79
CA ALA N 69 -13.98 24.31 29.05
C ALA N 69 -12.62 23.68 28.83
N ASP N 70 -12.53 22.88 27.77
CA ASP N 70 -11.28 22.20 27.43
C ASP N 70 -10.25 23.21 26.93
N LYS N 71 -10.54 23.84 25.79
CA LYS N 71 -9.64 24.82 25.20
C LYS N 71 -9.27 25.89 26.23
N LEU N 72 -10.18 26.14 27.17
CA LEU N 72 -10.00 27.15 28.22
C LEU N 72 -8.83 26.85 29.13
N ASN N 73 -8.76 25.61 29.59
CA ASN N 73 -7.70 25.20 30.49
C ASN N 73 -6.40 24.91 29.76
N LYS N 74 -6.44 24.87 28.44
CA LYS N 74 -5.24 24.64 27.66
C LYS N 74 -4.56 25.98 27.40
N GLU N 75 -5.36 27.02 27.23
CA GLU N 75 -4.80 28.35 27.00
C GLU N 75 -4.24 28.83 28.33
N VAL N 76 -4.55 28.10 29.40
CA VAL N 76 -4.05 28.43 30.72
C VAL N 76 -2.67 27.81 30.85
N GLU N 77 -2.34 26.96 29.89
CA GLU N 77 -1.04 26.30 29.88
C GLU N 77 0.02 27.33 29.51
N ASP N 78 0.19 27.57 28.22
CA ASP N 78 1.15 28.53 27.72
C ASP N 78 1.13 29.78 28.60
N LEU N 79 -0.07 30.19 28.99
CA LEU N 79 -0.23 31.37 29.83
C LEU N 79 0.57 31.20 31.12
N THR N 80 0.97 29.97 31.41
CA THR N 80 1.74 29.70 32.62
C THR N 80 3.09 29.09 32.28
N ALA N 81 3.09 28.11 31.39
CA ALA N 81 4.32 27.45 30.98
C ALA N 81 5.32 28.47 30.47
N SER N 82 4.79 29.54 29.88
CA SER N 82 5.60 30.63 29.34
C SER N 82 5.98 31.62 30.43
N LEU N 83 5.01 31.94 31.28
CA LEU N 83 5.25 32.84 32.37
C LEU N 83 6.35 32.27 33.24
N PHE N 84 6.62 30.98 33.06
CA PHE N 84 7.66 30.28 33.80
C PHE N 84 8.98 30.35 33.03
N ASP N 85 9.06 29.69 31.88
CA ASP N 85 10.28 29.69 31.05
C ASP N 85 10.82 31.08 30.88
N GLU N 86 9.95 32.07 30.93
CA GLU N 86 10.36 33.45 30.81
C GLU N 86 11.22 33.82 32.01
N ALA N 87 10.77 33.50 33.21
CA ALA N 87 11.51 33.82 34.44
C ALA N 87 12.90 33.19 34.45
N ASN N 88 13.00 31.94 34.00
CA ASN N 88 14.29 31.27 33.94
C ASN N 88 15.21 32.02 32.97
N ASN N 89 14.80 32.15 31.72
CA ASN N 89 15.60 32.85 30.74
C ASN N 89 15.81 34.35 31.07
N LEU N 90 15.11 34.84 32.10
CA LEU N 90 15.22 36.24 32.51
C LEU N 90 16.18 36.31 33.65
N VAL N 91 16.36 35.17 34.34
CA VAL N 91 17.28 35.09 35.46
C VAL N 91 18.62 34.51 34.99
N ALA N 92 18.56 33.73 33.91
CA ALA N 92 19.74 33.08 33.33
C ALA N 92 20.65 34.12 32.72
N ASP N 93 20.05 35.11 32.07
CA ASP N 93 20.82 36.18 31.46
C ASP N 93 21.22 37.17 32.56
N ALA N 94 20.60 37.06 33.73
CA ALA N 94 20.92 37.94 34.87
C ALA N 94 22.25 37.52 35.49
N ARG N 95 22.43 36.22 35.67
CA ARG N 95 23.67 35.67 36.22
C ARG N 95 24.84 35.97 35.28
N GLU N 97 24.79 38.79 32.76
CA GLU N 97 24.96 40.23 32.59
C GLU N 97 25.83 40.77 33.72
N LYS N 98 26.11 39.91 34.71
CA LYS N 98 26.96 40.30 35.84
C LYS N 98 28.45 40.13 35.50
N TYR N 99 28.80 38.99 34.91
CA TYR N 99 30.19 38.71 34.53
C TYR N 99 30.87 39.93 33.93
N ALA N 100 30.18 40.59 33.02
CA ALA N 100 30.69 41.78 32.34
C ALA N 100 30.86 42.96 33.29
N ILE N 101 29.75 43.45 33.81
CA ILE N 101 29.76 44.60 34.70
C ILE N 101 30.45 44.36 36.05
N GLU N 102 30.46 43.11 36.51
CA GLU N 102 31.12 42.80 37.78
C GLU N 102 32.64 42.95 37.62
N ILE N 103 33.15 42.53 36.46
CA ILE N 103 34.57 42.58 36.14
C ILE N 103 34.98 43.97 35.67
N LEU N 104 34.24 44.52 34.71
CA LEU N 104 34.54 45.86 34.19
C LEU N 104 34.64 46.86 35.32
N ASN N 105 34.06 46.49 36.46
CA ASN N 105 34.09 47.34 37.63
C ASN N 105 35.08 46.80 38.65
N LYS N 106 35.29 45.49 38.64
CA LYS N 106 36.26 44.89 39.55
C LYS N 106 37.61 45.42 39.10
N ARG N 107 37.77 45.56 37.78
CA ARG N 107 38.99 46.08 37.23
C ARG N 107 38.98 47.59 37.32
N LEU N 108 37.98 48.13 37.99
CA LEU N 108 37.89 49.58 38.21
C LEU N 108 38.51 49.82 39.58
N THR N 109 37.97 49.17 40.60
CA THR N 109 38.50 49.31 41.96
C THR N 109 39.97 48.92 41.92
N GLU N 110 40.32 48.11 40.92
CA GLU N 110 41.71 47.68 40.72
C GLU N 110 42.42 48.76 39.93
N GLN N 111 41.72 49.38 38.97
CA GLN N 111 42.27 50.45 38.16
C GLN N 111 42.10 51.75 38.94
N LEU N 112 41.40 51.63 40.06
CA LEU N 112 41.17 52.76 40.94
C LEU N 112 42.23 52.60 42.02
N ARG N 113 42.62 51.34 42.28
CA ARG N 113 43.66 51.03 43.27
C ARG N 113 45.03 50.95 42.57
N GLU N 114 45.01 50.79 41.24
CA GLU N 114 46.25 50.75 40.45
C GLU N 114 46.71 52.20 40.24
N LYS N 115 45.82 53.13 40.56
CA LYS N 115 46.07 54.58 40.46
C LYS N 115 46.23 55.16 41.87
N ASP N 116 45.79 54.41 42.88
CA ASP N 116 45.90 54.83 44.27
C ASP N 116 47.09 54.14 44.95
N LEU O 6 -78.28 31.75 117.03
CA LEU O 6 -77.28 30.80 116.43
C LEU O 6 -77.00 31.08 114.95
N GLU O 7 -77.97 31.67 114.27
CA GLU O 7 -77.80 31.98 112.86
C GLU O 7 -77.14 33.35 112.69
N GLU O 8 -77.56 34.29 113.53
CA GLU O 8 -77.03 35.65 113.51
C GLU O 8 -75.54 35.66 113.86
N GLN O 9 -75.02 34.50 114.32
CA GLN O 9 -73.61 34.39 114.71
C GLN O 9 -72.66 33.85 113.64
N LEU O 10 -72.95 32.67 113.09
CA LEU O 10 -72.04 32.14 112.09
C LEU O 10 -72.15 32.86 110.76
N ASN O 11 -72.84 33.99 110.74
CA ASN O 11 -72.98 34.80 109.53
C ASN O 11 -71.89 35.87 109.59
N LYS O 12 -71.84 36.61 110.69
CA LYS O 12 -70.82 37.62 110.86
C LYS O 12 -69.51 36.86 111.00
N SER O 13 -69.59 35.72 111.69
CA SER O 13 -68.42 34.87 111.91
C SER O 13 -67.76 34.65 110.57
N LEU O 14 -68.54 34.15 109.62
CA LEU O 14 -68.03 33.88 108.29
C LEU O 14 -67.62 35.16 107.54
N LYS O 15 -68.48 36.17 107.55
CA LYS O 15 -68.20 37.44 106.87
C LYS O 15 -66.86 37.99 107.31
N THR O 16 -66.48 37.68 108.55
CA THR O 16 -65.22 38.15 109.10
C THR O 16 -64.08 37.18 108.77
N ILE O 17 -64.36 35.89 108.72
CA ILE O 17 -63.35 34.88 108.39
C ILE O 17 -62.84 35.09 106.99
N ALA O 18 -63.76 35.39 106.07
CA ALA O 18 -63.37 35.65 104.69
C ALA O 18 -62.59 36.97 104.66
N SER O 19 -62.94 37.86 105.58
CA SER O 19 -62.27 39.14 105.68
C SER O 19 -60.84 38.87 106.11
N GLN O 20 -60.60 37.69 106.66
CA GLN O 20 -59.27 37.28 107.13
C GLN O 20 -58.50 36.58 106.02
N LYS O 21 -59.22 35.80 105.21
CA LYS O 21 -58.61 35.09 104.10
C LYS O 21 -58.35 36.15 103.05
N ALA O 22 -59.43 36.82 102.65
CA ALA O 22 -59.36 37.87 101.67
C ALA O 22 -58.21 38.80 101.99
N ALA O 23 -57.90 38.95 103.26
CA ALA O 23 -56.81 39.82 103.62
C ALA O 23 -55.48 39.19 103.23
N ILE O 24 -55.21 37.98 103.72
CA ILE O 24 -53.96 37.29 103.41
C ILE O 24 -53.86 37.10 101.93
N GLU O 25 -54.91 36.52 101.37
CA GLU O 25 -54.99 36.28 99.95
C GLU O 25 -54.55 37.49 99.13
N ASN O 26 -54.38 38.65 99.75
CA ASN O 26 -53.98 39.88 99.04
C ASN O 26 -52.48 40.06 99.13
N TYR O 27 -51.92 39.91 100.34
CA TYR O 27 -50.48 40.03 100.53
C TYR O 27 -49.85 38.89 99.74
N ASN O 28 -50.49 37.74 99.71
CA ASN O 28 -49.91 36.66 98.95
C ASN O 28 -49.96 36.96 97.47
N GLN O 29 -50.86 37.82 97.03
CA GLN O 29 -50.94 38.13 95.61
C GLN O 29 -50.13 39.33 95.21
N LEU O 30 -49.90 40.23 96.15
CA LEU O 30 -49.10 41.43 95.90
C LEU O 30 -47.66 41.04 96.08
N LYS O 31 -47.36 40.35 97.16
CA LYS O 31 -46.00 39.92 97.41
C LYS O 31 -45.61 38.96 96.31
N GLU O 32 -46.60 38.48 95.53
CA GLU O 32 -46.28 37.57 94.45
C GLU O 32 -45.89 38.44 93.26
N ASP O 33 -46.46 39.64 93.20
CA ASP O 33 -46.15 40.59 92.12
C ASP O 33 -44.76 41.16 92.43
N TYR O 34 -44.48 41.41 93.70
CA TYR O 34 -43.19 41.92 94.14
C TYR O 34 -42.12 40.91 93.74
N ASN O 35 -42.37 39.62 93.96
CA ASN O 35 -41.36 38.62 93.61
C ASN O 35 -41.08 38.79 92.14
N THR O 36 -42.11 38.55 91.34
CA THR O 36 -42.03 38.68 89.89
C THR O 36 -41.31 39.94 89.40
N LEU O 37 -41.52 41.05 90.09
CA LEU O 37 -40.88 42.29 89.68
C LEU O 37 -39.39 42.28 89.94
N LYS O 38 -38.98 42.10 91.20
CA LYS O 38 -37.56 42.10 91.54
C LYS O 38 -36.81 41.19 90.56
N ARG O 39 -37.52 40.22 89.97
CA ARG O 39 -36.90 39.31 89.00
C ARG O 39 -36.59 40.11 87.75
N GLU O 40 -37.59 40.73 87.15
CA GLU O 40 -37.35 41.53 85.96
C GLU O 40 -36.26 42.54 86.20
N LEU O 41 -36.36 43.27 87.31
CA LEU O 41 -35.36 44.27 87.65
C LEU O 41 -33.98 43.65 87.73
N SER O 42 -33.87 42.48 88.33
CA SER O 42 -32.60 41.80 88.45
C SER O 42 -32.18 41.23 87.09
N ASP O 43 -33.02 41.45 86.09
CA ASP O 43 -32.75 40.99 84.73
C ASP O 43 -32.50 42.18 83.83
N ARG O 44 -33.19 43.28 84.07
CA ARG O 44 -32.95 44.45 83.25
C ARG O 44 -31.53 44.86 83.51
N ASP O 45 -31.06 44.61 84.73
CA ASP O 45 -29.68 44.95 85.05
C ASP O 45 -28.74 44.02 84.28
N ASP O 46 -29.12 42.76 84.11
CA ASP O 46 -28.29 41.83 83.37
C ASP O 46 -28.20 42.29 81.92
N GLU O 47 -29.35 42.68 81.37
CA GLU O 47 -29.41 43.16 79.99
C GLU O 47 -28.58 44.42 79.83
N VAL O 48 -28.93 45.51 80.52
CA VAL O 48 -28.16 46.73 80.40
C VAL O 48 -26.67 46.47 80.63
N LYS O 49 -26.35 45.49 81.45
CA LYS O 49 -24.93 45.15 81.70
C LYS O 49 -24.28 44.81 80.38
N ARG O 50 -24.92 43.90 79.65
CA ARG O 50 -24.44 43.47 78.36
C ARG O 50 -24.51 44.57 77.30
N LEU O 51 -25.53 45.41 77.35
CA LEU O 51 -25.63 46.49 76.37
C LEU O 51 -24.45 47.42 76.54
N ARG O 52 -24.07 47.67 77.78
CA ARG O 52 -22.95 48.56 78.09
C ARG O 52 -21.59 47.99 77.66
N GLU O 53 -21.45 46.68 77.81
CA GLU O 53 -20.20 46.01 77.43
C GLU O 53 -20.13 45.82 75.91
N ASP O 54 -21.26 45.46 75.29
CA ASP O 54 -21.32 45.22 73.84
C ASP O 54 -21.11 46.46 72.98
N ILE O 55 -21.35 47.65 73.53
CA ILE O 55 -21.13 48.87 72.78
C ILE O 55 -19.64 49.14 72.72
N ALA O 56 -18.94 48.70 73.76
CA ALA O 56 -17.50 48.90 73.86
C ALA O 56 -16.74 48.04 72.84
N LYS O 57 -16.74 46.73 73.06
CA LYS O 57 -16.06 45.80 72.17
C LYS O 57 -16.47 46.02 70.73
N GLU O 58 -17.46 46.90 70.51
CA GLU O 58 -17.90 47.21 69.17
C GLU O 58 -17.08 48.39 68.66
N ASN O 59 -16.96 49.42 69.49
CA ASN O 59 -16.17 50.56 69.10
C ASN O 59 -14.73 50.07 68.87
N GLU O 60 -14.31 49.13 69.70
CA GLU O 60 -12.96 48.54 69.60
C GLU O 60 -12.73 48.11 68.17
N LEU O 61 -13.60 47.24 67.68
CA LEU O 61 -13.48 46.76 66.32
C LEU O 61 -13.83 47.86 65.34
N ARG O 62 -14.76 48.75 65.71
CA ARG O 62 -15.12 49.84 64.82
C ARG O 62 -14.02 50.89 64.83
N THR O 63 -13.00 50.65 65.65
CA THR O 63 -11.84 51.52 65.75
C THR O 63 -10.78 50.87 64.89
N LYS O 64 -10.52 49.59 65.11
CA LYS O 64 -9.55 48.84 64.32
C LYS O 64 -9.85 49.09 62.85
N ALA O 65 -11.14 49.07 62.52
CA ALA O 65 -11.58 49.29 61.16
C ALA O 65 -11.41 50.75 60.76
N GLU O 66 -11.85 51.67 61.63
CA GLU O 66 -11.71 53.09 61.35
C GLU O 66 -10.22 53.46 61.24
N GLU O 67 -9.36 52.54 61.68
CA GLU O 67 -7.90 52.71 61.64
C GLU O 67 -7.33 52.16 60.32
N GLU O 68 -7.77 50.97 59.93
CA GLU O 68 -7.31 50.33 58.70
C GLU O 68 -8.15 50.73 57.49
N ALA O 69 -8.91 51.80 57.63
CA ALA O 69 -9.72 52.28 56.52
C ALA O 69 -9.06 53.52 55.99
N ASP O 70 -8.08 54.03 56.73
CA ASP O 70 -7.34 55.23 56.32
C ASP O 70 -6.03 54.81 55.69
N LYS O 71 -5.64 53.55 55.93
CA LYS O 71 -4.43 53.01 55.35
C LYS O 71 -4.82 52.68 53.92
N LEU O 72 -5.95 52.01 53.79
CA LEU O 72 -6.47 51.60 52.51
C LEU O 72 -6.66 52.78 51.57
N ASN O 73 -7.06 53.93 52.13
CA ASN O 73 -7.27 55.14 51.33
C ASN O 73 -5.96 55.61 50.70
N LYS O 74 -4.85 55.30 51.37
CA LYS O 74 -3.53 55.68 50.87
C LYS O 74 -3.06 54.62 49.85
N GLU O 75 -3.03 53.35 50.24
CA GLU O 75 -2.59 52.28 49.34
C GLU O 75 -3.28 52.38 48.02
N VAL O 76 -4.59 52.57 48.05
CA VAL O 76 -5.36 52.70 46.82
C VAL O 76 -5.07 54.02 46.14
N GLU O 77 -5.14 55.12 46.86
CA GLU O 77 -4.86 56.41 46.25
C GLU O 77 -3.51 56.42 45.53
N ASP O 78 -2.45 55.98 46.19
CA ASP O 78 -1.13 56.00 45.57
C ASP O 78 -0.92 54.99 44.45
N LEU O 79 -1.43 53.79 44.58
CA LEU O 79 -1.27 52.84 43.50
C LEU O 79 -1.81 53.54 42.30
N THR O 80 -3.07 53.95 42.41
CA THR O 80 -3.78 54.64 41.35
C THR O 80 -2.99 55.77 40.76
N ALA O 81 -2.40 56.59 41.63
CA ALA O 81 -1.59 57.70 41.19
C ALA O 81 -0.52 57.19 40.24
N SER O 82 0.19 56.15 40.68
CA SER O 82 1.25 55.53 39.88
C SER O 82 0.70 54.76 38.68
N LEU O 83 -0.46 54.15 38.81
CA LEU O 83 -1.04 53.42 37.68
C LEU O 83 -1.62 54.37 36.65
N PHE O 84 -1.95 55.58 37.07
CA PHE O 84 -2.47 56.56 36.14
C PHE O 84 -1.28 57.04 35.33
N ASP O 85 -0.28 57.58 36.02
CA ASP O 85 0.93 58.11 35.41
C ASP O 85 1.76 57.03 34.72
N GLU O 86 1.48 55.77 35.04
CA GLU O 86 2.18 54.61 34.49
C GLU O 86 1.67 54.32 33.10
N ALA O 87 0.36 54.35 32.98
CA ALA O 87 -0.27 54.10 31.71
C ALA O 87 0.34 55.06 30.74
N ASN O 88 -0.13 56.30 30.77
CA ASN O 88 0.34 57.38 29.89
C ASN O 88 1.67 57.13 29.18
N ASN O 89 2.71 56.76 29.94
CA ASN O 89 4.02 56.47 29.38
C ASN O 89 3.87 55.55 28.19
N LEU O 90 2.95 54.60 28.26
CA LEU O 90 2.73 53.66 27.18
C LEU O 90 2.26 54.33 25.94
N VAL O 91 1.08 54.95 26.01
CA VAL O 91 0.52 55.64 24.84
C VAL O 91 1.45 56.76 24.37
N ALA O 92 2.10 57.44 25.32
CA ALA O 92 3.04 58.52 25.00
C ALA O 92 4.25 57.96 24.24
N ASP O 93 4.56 56.70 24.50
CA ASP O 93 5.65 56.00 23.84
C ASP O 93 5.08 55.29 22.61
N ALA O 94 3.76 55.33 22.46
CA ALA O 94 3.06 54.71 21.35
C ALA O 94 2.93 55.69 20.21
N ARG O 95 2.62 56.94 20.53
CA ARG O 95 2.48 57.98 19.52
C ARG O 95 3.91 58.38 19.15
N GLU O 97 7.08 55.94 18.68
CA GLU O 97 7.55 55.09 17.61
C GLU O 97 6.69 55.25 16.38
N LYS O 98 5.43 55.65 16.54
CA LYS O 98 4.58 55.85 15.36
C LYS O 98 5.21 56.93 14.50
N TYR O 99 5.19 58.18 14.96
CA TYR O 99 5.78 59.27 14.17
C TYR O 99 7.13 58.83 13.63
N ALA O 100 8.05 58.56 14.54
CA ALA O 100 9.41 58.13 14.19
C ALA O 100 9.52 57.21 12.97
N ILE O 101 8.77 56.11 13.00
CA ILE O 101 8.80 55.13 11.93
C ILE O 101 7.80 55.39 10.81
N GLU O 102 7.02 56.45 10.97
CA GLU O 102 6.07 56.84 9.92
C GLU O 102 6.70 58.06 9.25
N ILE O 103 7.84 58.50 9.80
CA ILE O 103 8.62 59.63 9.28
C ILE O 103 9.82 59.07 8.51
N LEU O 104 10.06 57.77 8.67
CA LEU O 104 11.12 57.11 7.92
C LEU O 104 10.47 56.62 6.61
N ASN O 105 9.14 56.69 6.56
CA ASN O 105 8.36 56.34 5.37
C ASN O 105 8.16 57.66 4.64
N LYS O 106 8.41 58.75 5.37
CA LYS O 106 8.32 60.10 4.84
C LYS O 106 9.61 60.36 4.07
N ARG O 107 10.75 59.99 4.67
CA ARG O 107 12.05 60.18 4.02
C ARG O 107 12.26 59.10 2.96
N LEU O 108 11.82 57.89 3.23
CA LEU O 108 12.00 56.81 2.26
C LEU O 108 11.16 57.08 1.02
N THR O 109 10.39 58.18 1.04
CA THR O 109 9.57 58.57 -0.11
C THR O 109 10.19 59.83 -0.73
N GLU O 110 11.03 60.52 0.05
CA GLU O 110 11.74 61.70 -0.41
C GLU O 110 13.07 61.18 -0.99
N GLN O 111 13.44 59.96 -0.57
CA GLN O 111 14.65 59.29 -1.04
C GLN O 111 14.27 58.55 -2.32
N LEU O 112 12.97 58.55 -2.62
CA LEU O 112 12.46 57.89 -3.82
C LEU O 112 11.86 58.87 -4.82
N ARG O 113 11.38 60.02 -4.35
CA ARG O 113 10.83 61.03 -5.26
C ARG O 113 11.99 61.71 -5.97
N GLU O 114 13.10 61.83 -5.24
CA GLU O 114 14.32 62.44 -5.78
C GLU O 114 15.13 61.35 -6.49
N LYS O 115 14.45 60.25 -6.85
CA LYS O 115 15.09 59.13 -7.55
C LYS O 115 14.19 58.64 -8.68
N ASP O 116 12.94 59.11 -8.69
CA ASP O 116 11.96 58.75 -9.72
C ASP O 116 11.94 59.81 -10.83
N LEU O 118 14.64 61.67 -11.40
CA LEU O 118 16.06 61.83 -11.76
C LEU O 118 16.48 60.72 -12.72
N LEU O 119 15.84 59.57 -12.60
CA LEU O 119 16.12 58.45 -13.48
C LEU O 119 15.47 58.77 -14.82
N ASP O 120 14.40 59.57 -14.77
CA ASP O 120 13.66 60.01 -15.98
C ASP O 120 14.32 61.29 -16.50
N THR O 121 15.35 61.74 -15.78
CA THR O 121 16.13 62.92 -16.15
C THR O 121 17.51 62.48 -16.66
N LEU O 122 18.01 61.34 -16.18
CA LEU O 122 19.29 60.81 -16.66
C LEU O 122 19.02 60.25 -18.04
N THR O 123 17.77 59.84 -18.26
CA THR O 123 17.31 59.31 -19.55
C THR O 123 16.57 60.42 -20.33
N LEU O 124 16.83 61.67 -19.92
CA LEU O 124 16.29 62.89 -20.54
C LEU O 124 17.52 63.67 -20.96
N GLN O 125 18.67 63.15 -20.51
CA GLN O 125 20.00 63.69 -20.79
C GLN O 125 20.79 62.58 -21.51
N LEU O 126 20.24 61.36 -21.47
CA LEU O 126 20.80 60.20 -22.17
C LEU O 126 19.89 59.97 -23.40
N LYS O 127 18.81 60.76 -23.44
CA LYS O 127 17.82 60.76 -24.53
C LYS O 127 18.02 62.10 -25.27
N ASN O 128 19.14 62.74 -24.93
CA ASN O 128 19.58 64.02 -25.47
C ASN O 128 21.11 63.96 -25.68
N LEU O 129 21.68 62.75 -25.58
CA LEU O 129 23.11 62.49 -25.75
C LEU O 129 23.40 61.62 -26.98
N LEU P 6 -69.93 41.28 130.10
CA LEU P 6 -69.60 41.97 128.84
C LEU P 6 -68.21 42.58 128.90
N GLU P 7 -67.52 42.39 130.02
CA GLU P 7 -66.18 42.92 130.18
C GLU P 7 -65.25 42.19 129.21
N GLU P 8 -65.48 40.88 129.10
CA GLU P 8 -64.70 40.04 128.21
C GLU P 8 -65.07 40.31 126.76
N GLN P 9 -66.21 40.97 126.55
CA GLN P 9 -66.69 41.29 125.21
C GLN P 9 -66.12 42.60 124.65
N LEU P 10 -65.94 43.60 125.51
CA LEU P 10 -65.43 44.88 125.06
C LEU P 10 -63.91 44.88 124.99
N ASN P 11 -63.35 43.68 124.97
CA ASN P 11 -61.91 43.54 124.91
C ASN P 11 -61.42 42.91 123.61
N LYS P 12 -61.96 41.75 123.25
CA LYS P 12 -61.56 41.08 122.02
C LYS P 12 -61.90 41.94 120.82
N SER P 13 -62.40 43.14 121.10
CA SER P 13 -62.73 44.09 120.05
C SER P 13 -61.46 44.88 119.75
N LEU P 14 -60.64 45.03 120.79
CA LEU P 14 -59.35 45.72 120.69
C LEU P 14 -58.39 44.75 120.02
N LYS P 15 -58.57 43.47 120.27
CA LYS P 15 -57.74 42.43 119.69
C LYS P 15 -58.08 42.32 118.23
N THR P 16 -59.22 42.91 117.87
CA THR P 16 -59.71 42.90 116.50
C THR P 16 -59.19 44.09 115.73
N ILE P 17 -59.11 45.22 116.41
CA ILE P 17 -58.61 46.44 115.78
C ILE P 17 -57.12 46.39 115.58
N ALA P 18 -56.40 45.77 116.51
CA ALA P 18 -54.95 45.67 116.42
C ALA P 18 -54.63 44.64 115.36
N SER P 19 -55.67 43.94 114.93
CA SER P 19 -55.56 42.93 113.90
C SER P 19 -55.69 43.61 112.55
N GLN P 20 -56.77 44.38 112.34
CA GLN P 20 -57.03 45.12 111.10
C GLN P 20 -55.96 46.16 110.85
N LYS P 21 -55.55 46.83 111.92
CA LYS P 21 -54.51 47.86 111.83
C LYS P 21 -53.17 47.26 111.48
N ALA P 22 -52.98 45.98 111.83
CA ALA P 22 -51.74 45.28 111.55
C ALA P 22 -51.74 44.76 110.11
N ALA P 23 -52.69 43.90 109.78
CA ALA P 23 -52.71 43.36 108.44
C ALA P 23 -52.64 44.40 107.36
N ILE P 24 -53.17 45.59 107.65
CA ILE P 24 -53.15 46.68 106.68
C ILE P 24 -51.74 47.26 106.58
N GLU P 25 -51.14 47.66 107.70
CA GLU P 25 -49.78 48.17 107.67
C GLU P 25 -48.86 47.25 106.87
N ASN P 26 -48.93 45.95 107.10
CA ASN P 26 -48.07 45.05 106.37
C ASN P 26 -48.33 45.03 104.90
N TYR P 27 -49.52 45.44 104.49
CA TYR P 27 -49.82 45.48 103.05
C TYR P 27 -49.28 46.81 102.51
N ASN P 28 -49.08 47.78 103.39
CA ASN P 28 -48.53 49.07 102.99
C ASN P 28 -47.04 49.00 103.15
N GLN P 29 -46.59 48.20 104.11
CA GLN P 29 -45.16 48.01 104.37
C GLN P 29 -44.61 47.42 103.05
N LEU P 30 -45.29 46.41 102.51
CA LEU P 30 -44.88 45.75 101.29
C LEU P 30 -45.20 46.50 100.03
N LYS P 31 -46.43 47.02 99.89
CA LYS P 31 -46.79 47.71 98.67
C LYS P 31 -46.00 48.97 98.45
N GLU P 32 -45.55 49.60 99.51
CA GLU P 32 -44.73 50.79 99.31
C GLU P 32 -43.41 50.37 98.61
N ASP P 33 -43.00 49.11 98.81
CA ASP P 33 -41.77 48.57 98.22
C ASP P 33 -42.07 47.97 96.87
N TYR P 34 -43.30 47.50 96.68
CA TYR P 34 -43.70 46.95 95.40
C TYR P 34 -43.62 48.03 94.35
N ASN P 35 -43.35 49.26 94.78
CA ASN P 35 -43.25 50.36 93.84
C ASN P 35 -41.84 50.87 93.70
N THR P 36 -41.16 51.08 94.82
CA THR P 36 -39.77 51.54 94.74
C THR P 36 -39.07 50.56 93.76
N LEU P 37 -39.60 49.34 93.69
CA LEU P 37 -39.07 48.30 92.85
C LEU P 37 -39.68 48.51 91.48
N LYS P 38 -40.91 48.98 91.47
CA LYS P 38 -41.62 49.25 90.21
C LYS P 38 -41.06 50.51 89.56
N ARG P 39 -40.26 51.28 90.31
CA ARG P 39 -39.66 52.51 89.78
C ARG P 39 -38.32 52.18 89.13
N GLU P 40 -37.34 51.81 89.94
CA GLU P 40 -36.05 51.44 89.40
C GLU P 40 -36.21 50.59 88.14
N LEU P 41 -37.29 49.82 88.04
CA LEU P 41 -37.52 48.97 86.89
C LEU P 41 -37.89 49.80 85.67
N SER P 42 -38.48 50.97 85.88
CA SER P 42 -38.82 51.87 84.77
C SER P 42 -37.51 52.54 84.30
N ASP P 43 -36.60 52.82 85.23
CA ASP P 43 -35.30 53.43 84.91
C ASP P 43 -34.40 52.48 84.11
N ARG P 44 -34.54 51.17 84.34
CA ARG P 44 -33.75 50.18 83.63
C ARG P 44 -34.46 49.87 82.32
N ASP P 45 -35.73 50.24 82.21
CA ASP P 45 -36.46 49.99 80.97
C ASP P 45 -36.21 51.13 80.01
N ASP P 46 -35.47 52.15 80.46
CA ASP P 46 -35.15 53.27 79.60
C ASP P 46 -33.75 53.14 79.06
N GLU P 47 -32.87 52.53 79.83
CA GLU P 47 -31.54 52.33 79.33
C GLU P 47 -31.65 51.29 78.25
N VAL P 48 -32.38 50.22 78.53
CA VAL P 48 -32.59 49.15 77.55
C VAL P 48 -33.33 49.70 76.34
N LYS P 49 -33.95 50.87 76.52
CA LYS P 49 -34.68 51.52 75.44
C LYS P 49 -33.72 52.33 74.56
N ARG P 50 -33.24 53.46 75.10
CA ARG P 50 -32.33 54.31 74.36
C ARG P 50 -31.08 53.58 73.92
N LEU P 51 -30.44 52.84 74.80
CA LEU P 51 -29.23 52.11 74.41
C LEU P 51 -29.52 51.18 73.23
N ARG P 52 -30.63 50.45 73.29
CA ARG P 52 -30.96 49.57 72.19
C ARG P 52 -31.26 50.40 70.94
N GLU P 53 -31.19 51.72 71.07
CA GLU P 53 -31.44 52.62 69.94
C GLU P 53 -30.14 53.30 69.53
N ASP P 54 -29.15 53.26 70.41
CA ASP P 54 -27.85 53.87 70.15
C ASP P 54 -26.95 52.81 69.55
N ILE P 55 -27.38 51.56 69.68
CA ILE P 55 -26.64 50.44 69.14
C ILE P 55 -27.09 50.23 67.73
N ALA P 56 -28.39 50.03 67.54
CA ALA P 56 -28.94 49.83 66.22
C ALA P 56 -28.58 51.00 65.31
N LYS P 57 -28.18 52.11 65.92
CA LYS P 57 -27.79 53.28 65.14
C LYS P 57 -26.45 53.02 64.47
N GLU P 58 -25.43 52.71 65.27
CA GLU P 58 -24.11 52.43 64.76
C GLU P 58 -24.14 51.15 63.91
N ASN P 59 -24.80 50.11 64.42
CA ASN P 59 -24.90 48.82 63.71
C ASN P 59 -25.39 49.00 62.28
N GLU P 60 -26.49 49.73 62.12
CA GLU P 60 -27.08 49.99 60.81
C GLU P 60 -26.40 51.17 60.11
N LEU P 61 -25.57 51.89 60.85
CA LEU P 61 -24.82 53.02 60.29
C LEU P 61 -23.56 52.47 59.65
N ARG P 62 -22.97 51.46 60.30
CA ARG P 62 -21.77 50.81 59.80
C ARG P 62 -22.14 49.92 58.64
N THR P 63 -23.42 49.58 58.53
CA THR P 63 -23.93 48.73 57.44
C THR P 63 -23.91 49.50 56.14
N LYS P 64 -24.35 50.74 56.19
CA LYS P 64 -24.36 51.57 55.00
C LYS P 64 -22.93 52.03 54.75
N ALA P 65 -22.14 52.09 55.82
CA ALA P 65 -20.75 52.49 55.71
C ALA P 65 -20.00 51.36 55.00
N GLU P 66 -20.24 50.13 55.43
CA GLU P 66 -19.59 48.97 54.84
C GLU P 66 -20.15 48.71 53.44
N GLU P 67 -21.35 49.21 53.19
CA GLU P 67 -22.01 49.03 51.90
C GLU P 67 -21.46 49.94 50.80
N GLU P 68 -21.37 51.24 51.09
CA GLU P 68 -20.86 52.19 50.11
C GLU P 68 -19.42 51.87 49.71
N ALA P 69 -18.52 51.86 50.68
CA ALA P 69 -17.13 51.56 50.41
C ALA P 69 -17.02 50.29 49.59
N ASP P 70 -17.89 49.32 49.86
CA ASP P 70 -17.87 48.04 49.14
C ASP P 70 -18.00 48.28 47.63
N LYS P 71 -18.89 49.20 47.24
CA LYS P 71 -19.08 49.50 45.82
C LYS P 71 -17.79 50.11 45.24
N LEU P 72 -17.19 51.03 45.97
CA LEU P 72 -15.95 51.65 45.53
C LEU P 72 -14.93 50.54 45.31
N ASN P 73 -14.78 49.69 46.31
CA ASN P 73 -13.84 48.57 46.29
C ASN P 73 -14.07 47.68 45.09
N LYS P 74 -15.22 47.88 44.45
CA LYS P 74 -15.59 47.08 43.30
C LYS P 74 -15.75 47.89 42.01
N GLU P 75 -15.82 49.21 42.12
CA GLU P 75 -15.95 50.04 40.92
C GLU P 75 -14.54 50.30 40.44
N VAL P 76 -13.66 50.50 41.40
CA VAL P 76 -12.28 50.75 41.12
C VAL P 76 -11.66 49.55 40.44
N GLU P 77 -11.78 48.37 41.05
CA GLU P 77 -11.22 47.17 40.46
C GLU P 77 -11.66 47.01 39.02
N ASP P 78 -12.89 47.46 38.75
CA ASP P 78 -13.43 47.36 37.40
C ASP P 78 -12.68 48.36 36.52
N LEU P 79 -12.73 49.62 36.92
CA LEU P 79 -12.08 50.70 36.19
C LEU P 79 -10.59 50.50 35.93
N THR P 80 -9.91 49.81 36.83
CA THR P 80 -8.48 49.56 36.62
C THR P 80 -8.30 48.29 35.80
N ALA P 81 -9.11 47.27 36.05
CA ALA P 81 -9.00 46.02 35.30
C ALA P 81 -9.43 46.25 33.87
N SER P 82 -10.21 47.30 33.67
CA SER P 82 -10.70 47.66 32.33
C SER P 82 -9.76 48.67 31.67
N LEU P 83 -8.94 49.31 32.51
CA LEU P 83 -7.96 50.28 32.06
C LEU P 83 -6.74 49.49 31.64
N PHE P 84 -6.56 48.34 32.30
CA PHE P 84 -5.48 47.40 32.06
C PHE P 84 -5.67 46.71 30.74
N ASP P 85 -6.74 45.95 30.65
CA ASP P 85 -7.01 45.24 29.41
C ASP P 85 -6.80 46.18 28.21
N GLU P 86 -7.18 47.44 28.35
CA GLU P 86 -7.03 48.40 27.25
C GLU P 86 -5.57 48.73 26.99
N ALA P 87 -4.70 48.25 27.86
CA ALA P 87 -3.28 48.49 27.69
C ALA P 87 -2.73 47.38 26.84
N ASN P 88 -3.14 46.16 27.12
CA ASN P 88 -2.69 45.01 26.34
C ASN P 88 -3.27 45.19 24.95
N ASN P 89 -4.48 45.72 24.90
CA ASN P 89 -5.21 45.99 23.65
C ASN P 89 -4.38 46.94 22.76
N LEU P 90 -3.79 47.97 23.36
CA LEU P 90 -3.00 48.94 22.61
C LEU P 90 -1.54 48.57 22.45
N VAL P 91 -0.95 47.85 23.41
CA VAL P 91 0.46 47.47 23.28
C VAL P 91 0.64 46.59 22.05
N ALA P 92 -0.16 45.54 21.92
CA ALA P 92 -0.03 44.68 20.76
C ALA P 92 -0.44 45.45 19.50
N ASP P 93 -1.44 46.31 19.64
CA ASP P 93 -1.96 47.15 18.54
C ASP P 93 -0.84 47.85 17.76
N ALA P 94 0.13 48.40 18.47
CA ALA P 94 1.23 49.09 17.85
C ALA P 94 2.34 48.14 17.49
N ARG P 95 2.65 47.17 18.35
CA ARG P 95 3.72 46.21 18.04
C ARG P 95 3.38 45.51 16.75
N GLU P 97 1.15 46.92 14.03
CA GLU P 97 1.26 47.91 12.97
C GLU P 97 2.72 48.35 12.82
N LYS P 98 3.52 48.31 13.89
CA LYS P 98 4.94 48.72 13.84
C LYS P 98 5.72 47.91 12.85
N TYR P 99 5.69 46.60 13.03
CA TYR P 99 6.41 45.76 12.12
C TYR P 99 5.91 45.91 10.70
N ALA P 100 4.66 46.30 10.53
CA ALA P 100 4.13 46.48 9.17
C ALA P 100 4.84 47.68 8.52
N ILE P 101 4.71 48.85 9.14
CA ILE P 101 5.34 50.09 8.64
C ILE P 101 6.86 49.96 8.65
N GLU P 102 7.41 49.34 9.69
CA GLU P 102 8.86 49.14 9.81
C GLU P 102 9.36 48.18 8.71
N ILE P 103 8.44 47.42 8.11
CA ILE P 103 8.77 46.49 7.04
C ILE P 103 8.64 47.17 5.68
N LEU P 104 7.69 48.09 5.56
CA LEU P 104 7.55 48.80 4.31
C LEU P 104 8.87 49.50 4.09
N ASN P 105 9.40 50.08 5.16
CA ASN P 105 10.66 50.79 5.12
C ASN P 105 11.82 49.85 4.77
N LYS P 106 11.69 48.58 5.14
CA LYS P 106 12.71 47.57 4.85
C LYS P 106 12.56 47.06 3.41
N ARG P 107 11.34 46.70 3.02
CA ARG P 107 11.08 46.24 1.65
C ARG P 107 11.42 47.39 0.70
N LEU P 108 11.37 48.62 1.24
CA LEU P 108 11.66 49.82 0.48
C LEU P 108 13.14 50.20 0.64
N THR P 109 13.76 49.79 1.73
CA THR P 109 15.17 50.03 1.95
C THR P 109 15.87 49.31 0.81
N GLU P 110 15.38 48.12 0.50
CA GLU P 110 15.92 47.26 -0.56
C GLU P 110 15.31 47.58 -1.94
N GLN P 111 14.03 47.96 -1.95
CA GLN P 111 13.35 48.31 -3.20
C GLN P 111 14.00 49.53 -3.83
N LEU P 112 14.85 50.19 -3.06
CA LEU P 112 15.55 51.38 -3.53
C LEU P 112 17.04 51.12 -3.62
N ARG P 113 17.42 49.86 -3.48
CA ARG P 113 18.80 49.41 -3.61
C ARG P 113 18.85 48.94 -5.07
N GLU P 114 17.68 48.49 -5.54
CA GLU P 114 17.50 48.02 -6.90
C GLU P 114 17.32 49.22 -7.81
N LYS P 115 17.50 50.42 -7.26
CA LYS P 115 17.37 51.65 -8.03
C LYS P 115 18.67 52.47 -7.94
N ASP P 116 19.64 51.92 -7.21
CA ASP P 116 20.96 52.54 -7.03
C ASP P 116 21.97 51.79 -7.91
N LEU P 118 21.13 50.05 -10.47
CA LEU P 118 20.68 50.23 -11.85
C LEU P 118 21.01 51.61 -12.44
N LEU P 119 21.67 52.46 -11.65
CA LEU P 119 22.04 53.79 -12.12
C LEU P 119 23.49 54.14 -11.77
N LEU Q 6 -6.63 -31.92 -62.78
CA LEU Q 6 -6.55 -32.70 -61.52
C LEU Q 6 -5.70 -32.02 -60.48
N GLU Q 7 -4.63 -31.36 -60.93
CA GLU Q 7 -3.73 -30.66 -60.02
C GLU Q 7 -4.49 -29.57 -59.26
N GLU Q 8 -5.65 -29.17 -59.81
CA GLU Q 8 -6.47 -28.15 -59.18
C GLU Q 8 -6.99 -28.63 -57.84
N GLN Q 9 -6.90 -29.94 -57.61
CA GLN Q 9 -7.34 -30.54 -56.35
C GLN Q 9 -6.20 -30.44 -55.33
N LEU Q 10 -5.00 -30.84 -55.75
CA LEU Q 10 -3.85 -30.76 -54.88
C LEU Q 10 -3.76 -29.38 -54.26
N ASN Q 11 -3.97 -28.37 -55.08
CA ASN Q 11 -3.91 -26.98 -54.64
C ASN Q 11 -4.98 -26.65 -53.61
N LYS Q 12 -6.17 -27.22 -53.76
CA LYS Q 12 -7.26 -26.96 -52.83
C LYS Q 12 -6.97 -27.55 -51.46
N SER Q 13 -6.27 -28.67 -51.44
CA SER Q 13 -5.90 -29.34 -50.20
C SER Q 13 -4.86 -28.50 -49.48
N LEU Q 14 -3.72 -28.30 -50.14
CA LEU Q 14 -2.63 -27.52 -49.57
C LEU Q 14 -3.16 -26.26 -48.90
N LYS Q 15 -4.25 -25.71 -49.42
CA LYS Q 15 -4.89 -24.51 -48.86
C LYS Q 15 -5.57 -24.90 -47.56
N THR Q 16 -6.55 -25.79 -47.65
CA THR Q 16 -7.28 -26.24 -46.48
C THR Q 16 -6.31 -26.62 -45.39
N ILE Q 17 -5.38 -27.51 -45.71
CA ILE Q 17 -4.39 -27.98 -44.75
C ILE Q 17 -3.50 -26.90 -44.16
N ALA Q 18 -2.86 -26.13 -45.01
CA ALA Q 18 -2.02 -25.04 -44.57
C ALA Q 18 -2.84 -24.21 -43.60
N SER Q 19 -4.15 -24.17 -43.84
CA SER Q 19 -5.07 -23.41 -43.00
C SER Q 19 -5.29 -24.11 -41.68
N GLN Q 20 -5.81 -25.32 -41.73
CA GLN Q 20 -6.05 -26.08 -40.53
C GLN Q 20 -4.81 -26.00 -39.68
N LYS Q 21 -3.67 -25.77 -40.30
CA LYS Q 21 -2.40 -25.66 -39.58
C LYS Q 21 -2.20 -24.30 -38.90
N ALA Q 22 -2.31 -23.23 -39.68
CA ALA Q 22 -2.16 -21.88 -39.15
C ALA Q 22 -3.28 -21.67 -38.15
N ALA Q 23 -4.48 -22.08 -38.51
CA ALA Q 23 -5.64 -21.96 -37.64
C ALA Q 23 -5.37 -22.52 -36.26
N ILE Q 24 -4.42 -23.45 -36.15
CA ILE Q 24 -4.09 -24.01 -34.86
C ILE Q 24 -2.78 -23.43 -34.42
N GLU Q 25 -1.99 -22.98 -35.37
CA GLU Q 25 -0.74 -22.33 -35.02
C GLU Q 25 -1.11 -21.13 -34.15
N ASN Q 26 -2.21 -20.46 -34.50
CA ASN Q 26 -2.68 -19.27 -33.77
C ASN Q 26 -3.30 -19.50 -32.40
N TYR Q 27 -3.89 -20.66 -32.15
CA TYR Q 27 -4.47 -20.91 -30.84
C TYR Q 27 -3.30 -21.13 -29.89
N ASN Q 28 -2.35 -21.94 -30.31
CA ASN Q 28 -1.20 -22.20 -29.47
C ASN Q 28 -0.44 -20.91 -29.12
N GLN Q 29 -0.15 -20.09 -30.12
CA GLN Q 29 0.58 -18.83 -29.92
C GLN Q 29 -0.17 -17.94 -28.93
N LEU Q 30 -1.50 -17.95 -29.00
CA LEU Q 30 -2.26 -17.12 -28.10
C LEU Q 30 -2.31 -17.71 -26.74
N LYS Q 31 -2.78 -18.95 -26.61
CA LYS Q 31 -2.85 -19.60 -25.30
C LYS Q 31 -1.48 -19.67 -24.65
N GLU Q 32 -0.43 -19.33 -25.40
CA GLU Q 32 0.92 -19.30 -24.85
C GLU Q 32 1.06 -17.98 -24.10
N ASP Q 33 0.72 -16.89 -24.78
CA ASP Q 33 0.77 -15.55 -24.21
C ASP Q 33 -0.19 -15.53 -23.03
N TYR Q 34 -1.22 -16.37 -23.11
CA TYR Q 34 -2.21 -16.50 -22.06
C TYR Q 34 -1.52 -17.10 -20.82
N ASN Q 35 -0.83 -18.23 -21.00
CA ASN Q 35 -0.14 -18.88 -19.89
C ASN Q 35 1.06 -18.08 -19.41
N THR Q 36 1.56 -17.16 -20.23
CA THR Q 36 2.67 -16.34 -19.81
C THR Q 36 2.12 -15.29 -18.85
N LEU Q 37 0.82 -15.01 -18.94
CA LEU Q 37 0.17 -14.03 -18.06
C LEU Q 37 -0.32 -14.74 -16.81
N LYS Q 38 -1.01 -15.86 -17.01
CA LYS Q 38 -1.55 -16.66 -15.92
C LYS Q 38 -0.51 -16.81 -14.80
N ARG Q 39 0.71 -17.23 -15.16
CA ARG Q 39 1.79 -17.42 -14.18
C ARG Q 39 2.28 -16.08 -13.63
N GLU Q 40 2.24 -15.04 -14.46
CA GLU Q 40 2.67 -13.72 -14.04
C GLU Q 40 1.66 -13.02 -13.14
N LEU Q 41 0.39 -13.42 -13.23
CA LEU Q 41 -0.61 -12.84 -12.38
C LEU Q 41 -0.32 -13.38 -11.00
N SER Q 42 0.14 -14.64 -10.94
CA SER Q 42 0.51 -15.27 -9.68
C SER Q 42 1.64 -14.48 -9.01
N ASP Q 43 2.65 -14.14 -9.81
CA ASP Q 43 3.80 -13.38 -9.32
C ASP Q 43 3.38 -12.04 -8.69
N ARG Q 44 2.33 -11.44 -9.24
CA ARG Q 44 1.89 -10.17 -8.73
C ARG Q 44 0.84 -10.32 -7.65
N ASP Q 45 0.08 -11.40 -7.67
CA ASP Q 45 -0.94 -11.58 -6.65
C ASP Q 45 -0.36 -11.99 -5.32
N ASP Q 46 0.86 -12.53 -5.34
CA ASP Q 46 1.53 -12.94 -4.10
C ASP Q 46 2.32 -11.74 -3.58
N GLU Q 47 2.69 -10.85 -4.48
CA GLU Q 47 3.40 -9.64 -4.12
C GLU Q 47 2.44 -8.81 -3.28
N VAL Q 48 1.19 -8.70 -3.77
CA VAL Q 48 0.13 -7.96 -3.09
C VAL Q 48 -0.06 -8.51 -1.70
N LYS Q 49 -0.45 -9.78 -1.61
CA LYS Q 49 -0.65 -10.43 -0.33
C LYS Q 49 0.47 -10.08 0.65
N ARG Q 50 1.66 -10.62 0.39
CA ARG Q 50 2.82 -10.39 1.24
C ARG Q 50 3.01 -8.94 1.66
N LEU Q 51 2.96 -8.02 0.71
CA LEU Q 51 3.13 -6.62 1.07
C LEU Q 51 2.10 -6.15 2.07
N ARG Q 52 0.82 -6.46 1.82
CA ARG Q 52 -0.25 -6.06 2.72
C ARG Q 52 0.03 -6.59 4.13
N GLU Q 53 0.64 -7.78 4.18
CA GLU Q 53 0.99 -8.45 5.43
C GLU Q 53 2.19 -7.82 6.13
N ASP Q 54 3.27 -7.62 5.39
CA ASP Q 54 4.49 -7.05 5.93
C ASP Q 54 4.35 -5.55 6.25
N ILE Q 55 3.16 -5.01 6.03
CA ILE Q 55 2.91 -3.62 6.35
C ILE Q 55 2.47 -3.59 7.80
N ALA Q 56 1.53 -4.46 8.15
CA ALA Q 56 1.00 -4.53 9.52
C ALA Q 56 2.06 -5.02 10.51
N LYS Q 57 2.91 -5.95 10.06
CA LYS Q 57 3.97 -6.47 10.92
C LYS Q 57 4.88 -5.33 11.31
N GLU Q 58 5.44 -4.65 10.31
CA GLU Q 58 6.33 -3.52 10.58
C GLU Q 58 5.50 -2.43 11.21
N ASN Q 59 4.17 -2.54 11.05
CA ASN Q 59 3.24 -1.57 11.61
C ASN Q 59 2.94 -1.98 13.03
N GLU Q 60 3.33 -3.21 13.39
CA GLU Q 60 3.12 -3.71 14.73
C GLU Q 60 4.29 -3.26 15.62
N LEU Q 61 5.47 -3.22 15.03
CA LEU Q 61 6.68 -2.78 15.74
C LEU Q 61 6.37 -1.43 16.37
N ARG Q 62 6.02 -0.47 15.52
CA ARG Q 62 5.70 0.88 15.94
C ARG Q 62 4.77 0.91 17.16
N THR Q 63 3.76 0.06 17.19
CA THR Q 63 2.83 0.03 18.31
C THR Q 63 3.55 -0.31 19.60
N LYS Q 64 4.22 -1.47 19.63
CA LYS Q 64 4.96 -1.86 20.82
C LYS Q 64 6.19 -0.96 20.97
N ALA Q 65 6.52 -0.24 19.90
CA ALA Q 65 7.65 0.68 19.92
C ALA Q 65 7.13 1.99 20.48
N GLU Q 66 5.81 2.13 20.51
CA GLU Q 66 5.16 3.32 21.05
C GLU Q 66 4.83 3.04 22.50
N GLU Q 67 4.61 1.77 22.82
CA GLU Q 67 4.28 1.36 24.19
C GLU Q 67 5.44 1.75 25.12
N GLU Q 68 6.61 1.15 24.89
CA GLU Q 68 7.78 1.45 25.70
C GLU Q 68 8.10 2.93 25.61
N ALA Q 69 7.89 3.52 24.43
CA ALA Q 69 8.17 4.94 24.20
C ALA Q 69 7.31 5.88 25.03
N ASP Q 70 6.01 5.65 25.04
CA ASP Q 70 5.12 6.52 25.81
C ASP Q 70 5.27 6.26 27.30
N LYS Q 71 5.80 5.11 27.67
CA LYS Q 71 6.03 4.80 29.08
C LYS Q 71 7.32 5.47 29.50
N LEU Q 72 8.35 5.38 28.64
CA LEU Q 72 9.64 6.02 28.92
C LEU Q 72 9.42 7.51 28.99
N ASN Q 73 8.33 7.97 28.35
CA ASN Q 73 7.99 9.38 28.34
C ASN Q 73 7.47 9.76 29.72
N LYS Q 74 6.39 9.12 30.16
CA LYS Q 74 5.82 9.42 31.49
C LYS Q 74 6.75 9.00 32.65
N GLU Q 75 7.77 8.23 32.35
CA GLU Q 75 8.71 7.82 33.39
C GLU Q 75 9.50 9.06 33.76
N VAL Q 76 10.33 9.55 32.84
CA VAL Q 76 11.14 10.73 33.08
C VAL Q 76 10.27 11.93 33.37
N GLU Q 77 9.12 12.00 32.71
CA GLU Q 77 8.16 13.10 32.91
C GLU Q 77 7.74 13.14 34.36
N ASP Q 78 7.15 12.03 34.83
CA ASP Q 78 6.68 11.93 36.20
C ASP Q 78 7.83 11.84 37.20
N LEU Q 79 9.02 11.48 36.73
CA LEU Q 79 10.16 11.38 37.63
C LEU Q 79 10.86 12.71 37.67
N THR Q 80 11.32 13.16 36.51
CA THR Q 80 11.99 14.44 36.41
C THR Q 80 11.25 15.52 37.16
N ALA Q 81 9.98 15.68 36.82
CA ALA Q 81 9.15 16.71 37.44
C ALA Q 81 8.94 16.55 38.93
N SER Q 82 8.90 15.32 39.45
CA SER Q 82 8.68 15.07 40.89
C SER Q 82 9.97 15.31 41.68
N LEU Q 83 11.11 15.18 41.00
CA LEU Q 83 12.38 15.47 41.64
C LEU Q 83 12.19 16.94 41.98
N PHE Q 84 12.02 17.74 40.93
CA PHE Q 84 11.80 19.17 41.01
C PHE Q 84 10.84 19.54 42.11
N ASP Q 85 9.81 18.74 42.32
CA ASP Q 85 8.82 19.01 43.37
C ASP Q 85 9.47 18.97 44.73
N GLU Q 86 10.27 17.92 44.93
CA GLU Q 86 10.97 17.72 46.20
C GLU Q 86 12.20 18.62 46.28
N ALA Q 87 12.49 19.34 45.22
CA ALA Q 87 13.61 20.26 45.24
C ALA Q 87 13.10 21.57 45.77
N ASN Q 88 11.88 21.92 45.39
CA ASN Q 88 11.27 23.15 45.88
C ASN Q 88 10.99 22.90 47.34
N ASN Q 89 10.29 21.80 47.57
CA ASN Q 89 9.92 21.39 48.91
C ASN Q 89 11.14 21.38 49.83
N LEU Q 90 12.34 21.12 49.27
CA LEU Q 90 13.56 21.09 50.06
C LEU Q 90 14.11 22.48 50.36
N VAL Q 91 14.00 23.41 49.42
CA VAL Q 91 14.48 24.77 49.66
C VAL Q 91 13.54 25.42 50.63
N ALA Q 92 12.37 24.81 50.80
CA ALA Q 92 11.38 25.32 51.74
C ALA Q 92 11.82 24.83 53.13
N ASP Q 93 12.73 23.85 53.14
CA ASP Q 93 13.30 23.26 54.36
C ASP Q 93 14.28 24.28 54.95
N ALA Q 94 15.42 24.46 54.29
CA ALA Q 94 16.43 25.41 54.74
C ALA Q 94 15.83 26.80 54.84
N ARG Q 95 14.56 26.92 54.48
CA ARG Q 95 13.87 28.20 54.55
C ARG Q 95 13.30 28.34 55.94
N GLU Q 97 13.75 25.89 58.58
CA GLU Q 97 14.79 25.46 59.51
C GLU Q 97 15.65 26.62 60.00
N LYS Q 98 16.53 27.10 59.13
CA LYS Q 98 17.44 28.18 59.48
C LYS Q 98 16.83 29.36 60.22
N TYR Q 99 15.60 29.73 59.90
CA TYR Q 99 14.98 30.87 60.59
C TYR Q 99 14.71 30.53 62.05
N ALA Q 100 13.87 29.53 62.27
CA ALA Q 100 13.53 29.13 63.62
C ALA Q 100 14.79 28.92 64.43
N ILE Q 101 15.90 28.65 63.75
CA ILE Q 101 17.17 28.45 64.43
C ILE Q 101 17.82 29.77 64.73
N GLU Q 102 17.61 30.76 63.86
CA GLU Q 102 18.20 32.07 64.10
C GLU Q 102 17.45 32.69 65.27
N ILE Q 103 16.34 32.06 65.66
CA ILE Q 103 15.52 32.53 66.77
C ILE Q 103 16.05 31.97 68.09
N LEU Q 104 16.48 30.71 68.09
CA LEU Q 104 17.03 30.07 69.28
C LEU Q 104 18.41 30.67 69.59
N ASN Q 105 19.03 31.24 68.56
CA ASN Q 105 20.33 31.90 68.71
C ASN Q 105 20.10 33.39 68.81
N LYS Q 106 18.89 33.83 68.49
CA LYS Q 106 18.53 35.25 68.59
C LYS Q 106 18.26 35.47 70.07
N ARG Q 107 17.57 34.51 70.68
CA ARG Q 107 17.26 34.57 72.10
C ARG Q 107 18.53 34.18 72.83
N LEU Q 108 19.40 33.41 72.15
CA LEU Q 108 20.69 33.01 72.72
C LEU Q 108 21.55 34.27 72.68
N THR Q 109 21.55 34.92 71.52
CA THR Q 109 22.30 36.18 71.34
C THR Q 109 21.67 37.19 72.30
N GLU Q 110 20.38 37.01 72.57
CA GLU Q 110 19.66 37.89 73.49
C GLU Q 110 19.83 37.40 74.93
N GLN Q 111 20.09 36.10 75.11
CA GLN Q 111 20.31 35.50 76.44
C GLN Q 111 21.77 35.70 76.87
N LEU Q 112 22.70 35.60 75.92
CA LEU Q 112 24.10 35.81 76.22
C LEU Q 112 24.30 37.34 76.30
N ARG Q 113 23.30 38.11 75.85
CA ARG Q 113 23.30 39.59 75.91
C ARG Q 113 22.66 39.97 77.25
N GLU Q 114 21.51 39.35 77.54
CA GLU Q 114 20.78 39.58 78.78
C GLU Q 114 21.69 39.19 79.95
N LYS Q 115 22.57 38.21 79.70
CA LYS Q 115 23.52 37.72 80.71
C LYS Q 115 24.73 38.67 80.85
N ASP Q 116 25.41 38.94 79.75
CA ASP Q 116 26.59 39.82 79.76
C ASP Q 116 26.23 41.32 79.92
N LEU R 6 -23.29 -34.63 -55.11
CA LEU R 6 -23.84 -33.46 -54.39
C LEU R 6 -24.11 -33.75 -52.94
N GLU R 7 -24.81 -34.85 -52.66
CA GLU R 7 -25.12 -35.24 -51.29
C GLU R 7 -23.85 -35.13 -50.44
N GLU R 8 -22.73 -35.44 -51.05
CA GLU R 8 -21.45 -35.39 -50.36
C GLU R 8 -20.77 -34.01 -50.41
N GLN R 9 -20.63 -33.43 -51.59
CA GLN R 9 -19.99 -32.12 -51.71
C GLN R 9 -20.66 -31.07 -50.85
N LEU R 10 -21.93 -31.30 -50.54
CA LEU R 10 -22.70 -30.38 -49.69
C LEU R 10 -22.46 -30.77 -48.25
N ASN R 11 -22.69 -32.05 -47.95
CA ASN R 11 -22.50 -32.55 -46.60
C ASN R 11 -21.04 -32.40 -46.12
N LYS R 12 -20.07 -32.58 -47.02
CA LYS R 12 -18.66 -32.43 -46.63
C LYS R 12 -18.35 -30.96 -46.46
N SER R 13 -18.62 -30.19 -47.51
CA SER R 13 -18.38 -28.75 -47.50
C SER R 13 -18.94 -28.15 -46.21
N LEU R 14 -19.97 -28.78 -45.65
CA LEU R 14 -20.61 -28.32 -44.42
C LEU R 14 -19.81 -28.67 -43.19
N LYS R 15 -19.17 -29.83 -43.17
CA LYS R 15 -18.36 -30.19 -42.03
C LYS R 15 -16.99 -29.53 -42.11
N THR R 16 -16.79 -28.76 -43.18
CA THR R 16 -15.56 -27.99 -43.38
C THR R 16 -15.88 -26.61 -42.79
N ILE R 17 -16.94 -25.98 -43.29
CA ILE R 17 -17.37 -24.68 -42.78
C ILE R 17 -17.53 -24.76 -41.29
N ALA R 18 -18.09 -25.87 -40.80
CA ALA R 18 -18.28 -26.08 -39.35
C ALA R 18 -16.94 -26.20 -38.58
N SER R 19 -15.87 -26.60 -39.26
CA SER R 19 -14.59 -26.70 -38.59
C SER R 19 -13.92 -25.34 -38.70
N GLN R 20 -14.23 -24.61 -39.78
CA GLN R 20 -13.67 -23.29 -40.00
C GLN R 20 -14.27 -22.33 -38.99
N LYS R 21 -15.60 -22.35 -38.89
CA LYS R 21 -16.33 -21.50 -37.96
C LYS R 21 -16.05 -21.87 -36.54
N ALA R 22 -16.24 -23.14 -36.22
CA ALA R 22 -15.99 -23.61 -34.85
C ALA R 22 -14.53 -23.47 -34.50
N ALA R 23 -13.73 -23.04 -35.47
CA ALA R 23 -12.31 -22.82 -35.26
C ALA R 23 -12.00 -21.41 -34.72
N ILE R 24 -12.61 -20.38 -35.30
CA ILE R 24 -12.37 -19.01 -34.84
C ILE R 24 -13.15 -18.70 -33.57
N GLU R 25 -14.28 -19.34 -33.42
CA GLU R 25 -15.03 -19.15 -32.19
C GLU R 25 -14.10 -19.63 -31.05
N ASN R 26 -13.11 -20.48 -31.40
CA ASN R 26 -12.17 -21.04 -30.42
C ASN R 26 -11.18 -19.97 -30.02
N TYR R 27 -10.74 -19.18 -31.00
CA TYR R 27 -9.80 -18.08 -30.80
C TYR R 27 -10.57 -16.92 -30.16
N ASN R 28 -11.52 -16.39 -30.89
CA ASN R 28 -12.33 -15.29 -30.40
C ASN R 28 -12.80 -15.49 -28.97
N GLN R 29 -12.82 -16.73 -28.48
CA GLN R 29 -13.26 -16.94 -27.12
C GLN R 29 -12.10 -17.13 -26.15
N LEU R 30 -10.94 -17.54 -26.65
CA LEU R 30 -9.77 -17.68 -25.78
C LEU R 30 -9.19 -16.27 -25.69
N LYS R 31 -9.34 -15.51 -26.76
CA LYS R 31 -8.86 -14.14 -26.80
C LYS R 31 -9.72 -13.31 -25.88
N GLU R 32 -10.83 -13.86 -25.41
CA GLU R 32 -11.71 -13.17 -24.48
C GLU R 32 -11.14 -13.33 -23.09
N ASP R 33 -10.50 -14.47 -22.85
CA ASP R 33 -9.91 -14.72 -21.55
C ASP R 33 -8.54 -14.07 -21.48
N TYR R 34 -7.97 -13.74 -22.62
CA TYR R 34 -6.66 -13.08 -22.66
C TYR R 34 -6.81 -11.60 -22.42
N ASN R 35 -8.03 -11.09 -22.55
CA ASN R 35 -8.28 -9.67 -22.32
C ASN R 35 -8.59 -9.48 -20.85
N THR R 36 -9.20 -10.49 -20.25
CA THR R 36 -9.54 -10.41 -18.84
C THR R 36 -8.29 -10.63 -17.97
N LEU R 37 -7.22 -11.17 -18.55
CA LEU R 37 -5.99 -11.37 -17.79
C LEU R 37 -5.01 -10.25 -17.99
N LYS R 38 -4.89 -9.76 -19.21
CA LYS R 38 -3.97 -8.67 -19.45
C LYS R 38 -4.36 -7.43 -18.64
N ARG R 39 -5.67 -7.24 -18.41
CA ARG R 39 -6.14 -6.08 -17.63
C ARG R 39 -6.16 -6.38 -16.14
N GLU R 40 -5.84 -7.61 -15.76
CA GLU R 40 -5.79 -7.97 -14.36
C GLU R 40 -4.38 -7.76 -13.86
N LEU R 41 -3.39 -7.95 -14.73
CA LEU R 41 -2.01 -7.73 -14.34
C LEU R 41 -1.86 -6.24 -14.06
N SER R 42 -2.22 -5.42 -15.05
CA SER R 42 -2.16 -3.98 -14.89
C SER R 42 -3.02 -3.57 -13.71
N ASP R 43 -4.14 -4.26 -13.50
CA ASP R 43 -5.04 -3.96 -12.39
C ASP R 43 -4.40 -4.34 -11.04
N ARG R 44 -3.61 -5.41 -11.04
CA ARG R 44 -2.94 -5.85 -9.83
C ARG R 44 -1.71 -4.99 -9.67
N ASP R 45 -1.14 -4.56 -10.79
CA ASP R 45 0.04 -3.69 -10.74
C ASP R 45 -0.37 -2.37 -10.11
N ASP R 46 -1.67 -2.09 -10.11
CA ASP R 46 -2.23 -0.87 -9.52
C ASP R 46 -2.03 -0.96 -8.03
N GLU R 47 -2.18 -2.16 -7.49
CA GLU R 47 -1.96 -2.36 -6.08
C GLU R 47 -0.46 -2.25 -5.84
N VAL R 48 0.35 -2.83 -6.73
CA VAL R 48 1.81 -2.77 -6.60
C VAL R 48 2.24 -1.31 -6.48
N LYS R 49 1.61 -0.46 -7.26
CA LYS R 49 1.90 0.96 -7.23
C LYS R 49 1.46 1.53 -5.87
N ARG R 50 0.16 1.44 -5.59
CA ARG R 50 -0.40 1.96 -4.35
C ARG R 50 0.39 1.54 -3.13
N LEU R 51 0.62 0.23 -2.98
CA LEU R 51 1.34 -0.29 -1.83
C LEU R 51 2.84 0.02 -1.81
N ARG R 52 3.55 -0.29 -2.89
CA ARG R 52 4.98 -0.01 -2.92
C ARG R 52 5.22 1.46 -2.57
N GLU R 53 4.23 2.30 -2.86
CA GLU R 53 4.30 3.73 -2.54
C GLU R 53 4.06 3.91 -1.05
N ASP R 54 3.02 3.25 -0.54
CA ASP R 54 2.68 3.33 0.87
C ASP R 54 3.82 2.78 1.72
N ILE R 55 4.27 1.58 1.39
CA ILE R 55 5.36 0.96 2.13
C ILE R 55 6.63 1.82 2.10
N ALA R 56 7.15 2.05 0.90
CA ALA R 56 8.36 2.85 0.74
C ALA R 56 8.37 4.17 1.53
N LYS R 57 7.35 5.01 1.34
CA LYS R 57 7.26 6.28 2.04
C LYS R 57 7.32 6.15 3.55
N GLU R 58 6.60 5.16 4.08
CA GLU R 58 6.56 4.92 5.52
C GLU R 58 7.93 4.62 6.12
N ASN R 59 8.87 4.19 5.28
CA ASN R 59 10.19 3.86 5.77
C ASN R 59 11.12 5.07 5.81
N GLU R 60 10.80 6.10 5.05
CA GLU R 60 11.61 7.32 5.05
C GLU R 60 11.19 8.14 6.23
N LEU R 61 9.88 8.17 6.47
CA LEU R 61 9.29 8.91 7.58
C LEU R 61 9.21 8.05 8.84
N ARG R 62 10.09 7.05 8.93
CA ARG R 62 10.15 6.16 10.08
C ARG R 62 11.58 6.11 10.61
N THR R 63 12.57 6.08 9.70
CA THR R 63 13.98 6.04 10.05
C THR R 63 14.47 7.44 10.50
N LYS R 64 13.58 8.43 10.37
CA LYS R 64 13.86 9.81 10.78
C LYS R 64 13.26 10.00 12.17
N ALA R 65 12.41 9.05 12.55
CA ALA R 65 11.78 9.05 13.86
C ALA R 65 12.79 8.44 14.81
N GLU R 66 13.85 7.88 14.25
CA GLU R 66 14.94 7.26 15.02
C GLU R 66 16.01 8.29 15.38
N GLU R 67 16.32 9.17 14.43
CA GLU R 67 17.33 10.19 14.67
C GLU R 67 16.82 11.30 15.58
N GLU R 68 15.69 11.92 15.23
CA GLU R 68 15.18 12.99 16.08
C GLU R 68 14.76 12.46 17.43
N ALA R 69 14.63 11.13 17.53
CA ALA R 69 14.25 10.50 18.80
C ALA R 69 15.46 10.43 19.73
N ASP R 70 16.55 9.80 19.28
CA ASP R 70 17.77 9.67 20.08
C ASP R 70 18.43 11.04 20.29
N LYS R 71 18.22 11.95 19.33
CA LYS R 71 18.78 13.30 19.39
C LYS R 71 18.10 14.11 20.49
N LEU R 72 16.91 13.67 20.87
CA LEU R 72 16.18 14.34 21.93
C LEU R 72 16.14 13.47 23.18
N ASN R 73 16.68 12.26 23.10
CA ASN R 73 16.72 11.35 24.25
C ASN R 73 17.98 11.62 25.05
N LYS R 74 19.04 12.00 24.34
CA LYS R 74 20.28 12.32 25.01
C LYS R 74 19.96 13.66 25.70
N GLU R 75 19.16 14.50 25.03
CA GLU R 75 18.79 15.80 25.59
C GLU R 75 18.09 15.54 26.91
N VAL R 76 17.31 14.47 26.95
CA VAL R 76 16.59 14.08 28.15
C VAL R 76 17.62 13.74 29.21
N GLU R 77 18.77 13.25 28.74
CA GLU R 77 19.85 12.89 29.63
C GLU R 77 20.52 14.16 30.16
N ASP R 78 21.02 14.98 29.25
CA ASP R 78 21.68 16.24 29.62
C ASP R 78 20.89 16.93 30.71
N LEU R 79 19.75 17.48 30.32
CA LEU R 79 18.89 18.20 31.22
C LEU R 79 18.66 17.42 32.52
N THR R 80 18.16 16.20 32.41
CA THR R 80 17.92 15.41 33.61
C THR R 80 19.23 15.05 34.32
N ALA R 81 20.33 15.10 33.58
CA ALA R 81 21.66 14.82 34.15
C ALA R 81 22.03 16.07 34.89
N SER R 82 21.56 17.20 34.38
CA SER R 82 21.80 18.47 35.01
C SER R 82 20.94 18.48 36.26
N LEU R 83 19.66 18.08 36.12
CA LEU R 83 18.77 18.02 37.27
C LEU R 83 19.38 17.02 38.23
N PHE R 84 19.76 15.87 37.69
CA PHE R 84 20.38 14.83 38.49
C PHE R 84 21.56 15.44 39.26
N ASP R 85 22.28 16.31 38.58
CA ASP R 85 23.43 16.99 39.16
C ASP R 85 22.95 18.07 40.15
N GLU R 86 22.41 19.17 39.60
CA GLU R 86 21.94 20.29 40.41
C GLU R 86 21.02 19.86 41.51
N ALA R 87 20.47 18.66 41.38
CA ALA R 87 19.59 18.15 42.41
C ALA R 87 20.41 17.99 43.68
N ASN R 88 21.31 17.00 43.68
CA ASN R 88 22.16 16.74 44.85
C ASN R 88 23.07 17.94 45.09
N ASN R 89 23.46 18.60 44.00
CA ASN R 89 24.30 19.77 44.07
C ASN R 89 23.66 20.78 45.01
N LEU R 90 22.33 20.72 45.09
CA LEU R 90 21.57 21.59 45.97
C LEU R 90 21.72 21.10 47.40
N VAL R 91 21.60 19.78 47.60
CA VAL R 91 21.74 19.22 48.94
C VAL R 91 23.19 19.37 49.39
N ALA R 92 24.09 19.48 48.40
CA ALA R 92 25.51 19.64 48.66
C ALA R 92 25.69 20.95 49.41
N ASP R 93 24.80 21.90 49.14
CA ASP R 93 24.82 23.21 49.78
C ASP R 93 23.90 23.24 51.01
N ALA R 94 22.76 22.57 50.90
CA ALA R 94 21.81 22.52 51.99
C ALA R 94 22.43 21.76 53.13
N ARG R 95 23.41 20.91 52.82
CA ARG R 95 24.11 20.11 53.83
C ARG R 95 25.20 20.91 54.51
N GLU R 97 25.22 23.61 55.09
CA GLU R 97 24.55 24.66 55.85
C GLU R 97 23.62 24.03 56.89
N LYS R 98 23.61 22.70 56.94
CA LYS R 98 22.82 21.96 57.91
C LYS R 98 23.77 21.62 59.04
N TYR R 99 25.00 22.14 58.93
CA TYR R 99 26.06 21.93 59.93
C TYR R 99 26.40 23.25 60.59
N ALA R 100 26.27 24.34 59.84
CA ALA R 100 26.56 25.68 60.34
C ALA R 100 25.79 25.94 61.63
N ILE R 101 24.54 25.50 61.66
CA ILE R 101 23.71 25.69 62.83
C ILE R 101 24.17 24.78 63.97
N GLU R 102 24.63 23.58 63.63
CA GLU R 102 25.12 22.62 64.63
C GLU R 102 26.04 23.31 65.63
N ILE R 103 27.20 23.75 65.14
CA ILE R 103 28.18 24.42 65.99
C ILE R 103 27.70 25.76 66.53
N LEU R 104 26.60 26.27 65.98
CA LEU R 104 26.03 27.55 66.42
C LEU R 104 25.13 27.43 67.64
N ASN R 105 24.06 26.67 67.54
CA ASN R 105 23.18 26.51 68.69
C ASN R 105 23.91 25.71 69.76
N LYS R 106 25.04 25.09 69.38
CA LYS R 106 25.86 24.30 70.29
C LYS R 106 26.81 25.19 71.10
N ARG R 107 27.37 26.24 70.49
CA ARG R 107 28.24 27.14 71.24
C ARG R 107 27.35 27.91 72.24
N LEU R 108 26.04 27.82 72.04
CA LEU R 108 25.05 28.44 72.93
C LEU R 108 24.86 27.51 74.12
N THR R 109 25.27 26.26 73.92
CA THR R 109 25.18 25.21 74.94
C THR R 109 26.53 24.89 75.60
N GLU R 110 27.51 24.48 74.79
CA GLU R 110 28.86 24.14 75.27
C GLU R 110 29.59 25.30 75.99
N GLN R 111 29.20 26.54 75.68
CA GLN R 111 29.84 27.71 76.30
C GLN R 111 28.91 28.48 77.24
N LEU R 112 27.63 28.12 77.27
CA LEU R 112 26.68 28.76 78.17
C LEU R 112 26.44 27.83 79.37
N ARG R 113 26.82 26.55 79.24
CA ARG R 113 26.70 25.58 80.34
C ARG R 113 27.80 25.92 81.34
N GLU R 114 28.74 26.73 80.86
CA GLU R 114 29.89 27.21 81.63
C GLU R 114 29.45 28.48 82.37
N LYS R 115 28.44 29.13 81.82
CA LYS R 115 27.87 30.37 82.36
C LYS R 115 26.55 30.09 83.10
N ASP R 116 26.14 28.82 83.12
CA ASP R 116 24.92 28.40 83.79
C ASP R 116 25.26 27.48 84.98
N LEU S 6 127.04 37.61 20.38
CA LEU S 6 127.03 36.12 20.57
C LEU S 6 125.86 35.65 21.41
N GLU S 7 125.37 36.51 22.29
CA GLU S 7 124.25 36.16 23.15
C GLU S 7 123.03 35.84 22.29
N GLU S 8 122.98 36.42 21.09
CA GLU S 8 121.87 36.19 20.16
C GLU S 8 121.75 34.70 19.87
N GLN S 9 122.69 34.15 19.11
CA GLN S 9 122.67 32.73 18.77
C GLN S 9 122.60 31.82 20.00
N LEU S 10 123.11 32.29 21.14
CA LEU S 10 123.09 31.50 22.36
C LEU S 10 121.83 31.75 23.22
N ASN S 11 120.94 32.61 22.73
CA ASN S 11 119.67 32.89 23.41
C ASN S 11 118.55 32.88 22.35
N LYS S 12 118.96 32.85 21.08
CA LYS S 12 118.03 32.78 19.95
C LYS S 12 117.59 31.33 19.91
N SER S 13 118.58 30.43 19.88
CA SER S 13 118.34 28.98 19.87
C SER S 13 117.82 28.53 21.23
N LEU S 14 118.32 29.20 22.27
CA LEU S 14 117.90 28.93 23.64
C LEU S 14 116.39 29.20 23.69
N LYS S 15 115.92 29.99 22.73
CA LYS S 15 114.50 30.31 22.63
C LYS S 15 113.84 29.38 21.61
N THR S 16 114.53 29.10 20.51
CA THR S 16 114.02 28.21 19.45
C THR S 16 113.66 26.86 20.05
N ILE S 17 114.62 26.30 20.78
CA ILE S 17 114.43 25.02 21.41
C ILE S 17 113.41 25.13 22.53
N ALA S 18 113.47 26.21 23.30
CA ALA S 18 112.53 26.40 24.40
C ALA S 18 111.16 26.57 23.81
N SER S 19 111.16 26.70 22.49
CA SER S 19 109.96 26.88 21.69
C SER S 19 109.60 25.58 20.99
N GLN S 20 110.64 24.84 20.60
CA GLN S 20 110.48 23.55 19.92
C GLN S 20 109.87 22.52 20.86
N LYS S 21 110.47 22.37 22.03
CA LYS S 21 109.96 21.43 23.02
C LYS S 21 108.55 21.87 23.42
N ALA S 22 108.40 23.13 23.84
CA ALA S 22 107.09 23.66 24.24
C ALA S 22 106.08 23.43 23.12
N ALA S 23 106.59 23.23 21.91
CA ALA S 23 105.77 22.98 20.74
C ALA S 23 105.47 21.48 20.61
N ILE S 24 106.51 20.69 20.41
CA ILE S 24 106.37 19.24 20.28
C ILE S 24 105.87 18.56 21.57
N GLU S 25 106.01 19.23 22.72
CA GLU S 25 105.54 18.68 24.01
C GLU S 25 104.03 18.74 24.06
N ASN S 26 103.46 19.48 23.11
CA ASN S 26 102.01 19.60 23.05
C ASN S 26 101.38 19.05 21.77
N TYR S 27 102.20 18.60 20.81
CA TYR S 27 101.68 18.01 19.57
C TYR S 27 101.01 16.70 19.95
N ASN S 28 101.76 15.82 20.61
CA ASN S 28 101.26 14.53 21.04
C ASN S 28 100.26 14.71 22.19
N GLN S 29 100.18 15.93 22.72
CA GLN S 29 99.25 16.22 23.79
C GLN S 29 97.90 16.38 23.10
N LEU S 30 97.96 16.74 21.81
CA LEU S 30 96.77 16.91 20.98
C LEU S 30 96.31 15.51 20.56
N LYS S 31 97.26 14.66 20.16
CA LYS S 31 96.95 13.29 19.78
C LYS S 31 96.50 12.51 21.02
N GLU S 32 97.05 12.86 22.19
CA GLU S 32 96.69 12.19 23.44
C GLU S 32 95.33 12.69 23.94
N ASP S 33 94.87 13.79 23.36
CA ASP S 33 93.56 14.33 23.70
C ASP S 33 92.61 13.94 22.57
N TYR S 34 93.16 13.84 21.37
CA TYR S 34 92.40 13.47 20.16
C TYR S 34 91.82 12.07 20.34
N ASN S 35 92.62 11.19 20.92
CA ASN S 35 92.19 9.83 21.16
C ASN S 35 91.16 9.84 22.29
N THR S 36 91.35 10.74 23.27
CA THR S 36 90.42 10.83 24.39
C THR S 36 89.01 11.13 23.88
N LEU S 37 88.93 11.59 22.63
CA LEU S 37 87.65 11.91 22.01
C LEU S 37 86.97 10.67 21.45
N LYS S 38 87.73 9.89 20.69
CA LYS S 38 87.20 8.66 20.10
C LYS S 38 86.68 7.70 21.18
N ARG S 39 87.13 7.89 22.41
CA ARG S 39 86.67 7.06 23.54
C ARG S 39 85.31 7.58 23.97
N GLU S 40 85.24 8.89 24.25
CA GLU S 40 83.99 9.51 24.65
C GLU S 40 82.98 9.55 23.50
N LEU S 41 83.45 9.29 22.29
CA LEU S 41 82.58 9.24 21.13
C LEU S 41 82.01 7.82 21.11
N SER S 42 82.89 6.84 21.28
CA SER S 42 82.52 5.43 21.32
C SER S 42 81.78 5.11 22.62
N ASP S 43 82.01 5.93 23.66
CA ASP S 43 81.38 5.76 24.97
C ASP S 43 80.12 6.61 25.10
N ARG S 44 79.67 7.15 23.98
CA ARG S 44 78.47 7.96 23.97
C ARG S 44 77.68 7.67 22.70
N ASP S 45 78.33 7.06 21.70
CA ASP S 45 77.63 6.70 20.49
C ASP S 45 76.61 5.67 20.92
N ASP S 46 76.96 4.95 21.99
CA ASP S 46 76.12 3.92 22.56
C ASP S 46 75.07 4.53 23.48
N GLU S 47 75.49 5.40 24.38
CA GLU S 47 74.57 6.05 25.30
C GLU S 47 73.41 6.64 24.52
N VAL S 48 73.67 7.04 23.28
CA VAL S 48 72.64 7.62 22.40
C VAL S 48 71.55 6.58 22.14
N LYS S 49 71.97 5.41 21.67
CA LYS S 49 71.04 4.32 21.38
C LYS S 49 70.79 3.47 22.64
N ARG S 50 71.54 3.76 23.70
CA ARG S 50 71.44 3.05 24.99
C ARG S 50 70.16 3.48 25.70
N LEU S 51 69.88 4.78 25.66
CA LEU S 51 68.70 5.30 26.30
C LEU S 51 67.52 5.29 25.31
N ARG S 52 67.83 5.16 24.03
CA ARG S 52 66.78 5.11 23.01
C ARG S 52 66.01 3.81 23.17
N GLU S 53 66.74 2.71 23.30
CA GLU S 53 66.12 1.40 23.50
C GLU S 53 65.39 1.37 24.84
N ASP S 54 65.79 2.26 25.75
CA ASP S 54 65.17 2.34 27.07
C ASP S 54 63.89 3.18 27.02
N ILE S 55 63.82 4.11 26.07
CA ILE S 55 62.64 4.96 25.91
C ILE S 55 61.57 4.19 25.12
N ALA S 56 62.02 3.23 24.32
CA ALA S 56 61.12 2.41 23.53
C ALA S 56 60.58 1.28 24.39
N LYS S 57 61.44 0.72 25.25
CA LYS S 57 61.05 -0.38 26.13
C LYS S 57 60.13 0.13 27.24
N GLU S 58 60.03 1.45 27.38
CA GLU S 58 59.15 2.05 28.39
C GLU S 58 57.76 2.21 27.76
N ASN S 59 57.71 2.38 26.44
CA ASN S 59 56.45 2.51 25.71
C ASN S 59 55.74 1.15 25.67
N GLU S 60 56.53 0.08 25.75
CA GLU S 60 56.01 -1.29 25.74
C GLU S 60 55.47 -1.66 27.14
N LEU S 61 55.83 -0.85 28.13
CA LEU S 61 55.39 -1.06 29.51
C LEU S 61 54.36 -0.01 29.90
N ARG S 62 53.86 0.71 28.89
CA ARG S 62 52.84 1.74 29.09
C ARG S 62 51.51 1.18 28.56
N THR S 63 51.59 0.41 27.49
CA THR S 63 50.40 -0.20 26.86
C THR S 63 49.71 -1.10 27.88
N LYS S 64 50.48 -1.55 28.87
CA LYS S 64 49.97 -2.41 29.93
C LYS S 64 49.14 -1.60 30.93
N ALA S 65 49.47 -0.32 31.06
CA ALA S 65 48.77 0.57 31.98
C ALA S 65 47.77 1.47 31.28
N GLU S 66 47.49 1.18 30.01
CA GLU S 66 46.54 1.96 29.24
C GLU S 66 45.30 1.14 28.95
N GLU S 67 45.39 0.32 27.91
CA GLU S 67 44.28 -0.52 27.49
C GLU S 67 43.59 -1.18 28.69
N GLU S 68 44.37 -1.80 29.57
CA GLU S 68 43.80 -2.48 30.73
C GLU S 68 43.34 -1.52 31.80
N ALA S 69 44.10 -0.47 32.03
CA ALA S 69 43.75 0.52 33.04
C ALA S 69 42.35 1.08 32.78
N ASP S 70 42.04 1.37 31.52
CA ASP S 70 40.73 1.91 31.16
C ASP S 70 39.68 0.80 31.22
N LYS S 71 40.05 -0.41 30.80
CA LYS S 71 39.09 -1.51 30.87
C LYS S 71 38.75 -1.67 32.33
N LEU S 72 39.70 -1.29 33.19
CA LEU S 72 39.50 -1.34 34.63
C LEU S 72 38.56 -0.19 34.96
N ASN S 73 38.71 0.92 34.25
CA ASN S 73 37.86 2.10 34.44
C ASN S 73 36.42 1.67 34.30
N LYS S 74 36.07 1.27 33.07
CA LYS S 74 34.72 0.82 32.79
C LYS S 74 34.41 -0.44 33.60
N GLU S 75 35.43 -1.02 34.23
CA GLU S 75 35.23 -2.21 35.07
C GLU S 75 35.04 -1.69 36.49
N VAL S 76 35.62 -0.54 36.75
CA VAL S 76 35.49 0.10 38.05
C VAL S 76 34.11 0.72 38.09
N GLU S 77 33.87 1.69 37.22
CA GLU S 77 32.58 2.35 37.17
C GLU S 77 31.44 1.34 36.96
N ASP S 78 31.78 0.15 36.48
CA ASP S 78 30.77 -0.90 36.26
C ASP S 78 30.55 -1.57 37.60
N LEU S 79 31.64 -2.04 38.22
CA LEU S 79 31.53 -2.68 39.52
C LEU S 79 30.85 -1.64 40.41
N THR S 80 30.90 -0.39 39.95
CA THR S 80 30.29 0.70 40.66
C THR S 80 28.87 0.80 40.17
N ALA S 81 28.71 0.68 38.85
CA ALA S 81 27.41 0.73 38.23
C ALA S 81 26.58 -0.39 38.83
N SER S 82 27.02 -1.63 38.60
CA SER S 82 26.32 -2.80 39.13
C SER S 82 26.04 -2.50 40.61
N LEU S 83 27.07 -2.05 41.30
CA LEU S 83 26.96 -1.72 42.71
C LEU S 83 25.87 -0.69 42.87
N PHE S 84 25.98 0.35 42.06
CA PHE S 84 25.02 1.43 42.05
C PHE S 84 23.61 0.83 42.08
N ASP S 85 23.35 -0.07 41.14
CA ASP S 85 22.03 -0.70 41.02
C ASP S 85 21.72 -1.57 42.23
N GLU S 86 22.61 -2.50 42.53
CA GLU S 86 22.44 -3.42 43.65
C GLU S 86 22.03 -2.61 44.85
N ALA S 87 22.53 -1.39 44.89
CA ALA S 87 22.22 -0.50 45.97
C ALA S 87 20.71 -0.31 46.10
N ASN S 88 20.21 0.66 45.36
CA ASN S 88 18.80 1.00 45.36
C ASN S 88 17.92 -0.21 45.27
N ASN S 89 18.32 -1.16 44.44
CA ASN S 89 17.54 -2.37 44.26
C ASN S 89 17.25 -2.91 45.64
N LEU S 90 18.19 -2.72 46.54
CA LEU S 90 18.02 -3.19 47.91
C LEU S 90 17.24 -2.13 48.67
N VAL S 91 17.47 -0.87 48.34
CA VAL S 91 16.78 0.26 49.00
C VAL S 91 15.30 0.11 48.78
N ALA S 92 14.95 -0.20 47.55
CA ALA S 92 13.56 -0.40 47.18
C ALA S 92 13.02 -1.46 48.12
N ASP S 93 13.58 -2.66 48.04
CA ASP S 93 13.17 -3.78 48.90
C ASP S 93 12.95 -3.29 50.31
N ALA S 94 13.86 -2.44 50.76
CA ALA S 94 13.78 -1.88 52.10
C ALA S 94 12.42 -1.27 52.31
N ARG S 95 12.26 -0.03 51.85
CA ARG S 95 11.00 0.67 52.00
C ARG S 95 9.85 -0.20 51.50
N GLU S 97 9.40 -3.65 51.95
CA GLU S 97 8.91 -4.52 53.01
C GLU S 97 8.27 -3.66 54.10
N LYS S 98 8.77 -2.44 54.24
CA LYS S 98 8.21 -1.50 55.23
C LYS S 98 6.82 -1.17 54.71
N TYR S 99 6.79 -0.47 53.58
CA TYR S 99 5.56 -0.06 52.90
C TYR S 99 4.54 -1.20 52.98
N ALA S 100 5.00 -2.39 52.60
CA ALA S 100 4.17 -3.59 52.59
C ALA S 100 3.52 -3.89 53.94
N ILE S 101 4.33 -4.00 55.00
CA ILE S 101 3.80 -4.30 56.32
C ILE S 101 3.31 -3.08 57.08
N GLU S 102 3.83 -1.91 56.72
CA GLU S 102 3.44 -0.64 57.37
C GLU S 102 1.95 -0.48 57.10
N ILE S 103 1.52 -1.04 55.98
CA ILE S 103 0.13 -1.00 55.55
C ILE S 103 -0.58 -2.28 55.99
N LEU S 104 0.21 -3.26 56.46
CA LEU S 104 -0.34 -4.52 56.94
C LEU S 104 -0.79 -4.33 58.38
N ASN S 105 -0.68 -3.08 58.84
CA ASN S 105 -1.08 -2.72 60.19
C ASN S 105 -2.36 -1.89 60.14
N LYS S 106 -2.58 -1.24 58.99
CA LYS S 106 -3.80 -0.45 58.79
C LYS S 106 -4.95 -1.45 58.64
N ARG S 107 -4.64 -2.61 58.05
CA ARG S 107 -5.64 -3.68 57.88
C ARG S 107 -5.86 -4.35 59.23
N LEU S 108 -4.78 -4.72 59.89
CA LEU S 108 -4.86 -5.36 61.21
C LEU S 108 -5.73 -4.51 62.14
N THR S 109 -5.49 -3.20 62.13
CA THR S 109 -6.25 -2.27 62.97
C THR S 109 -7.70 -2.09 62.52
N GLU S 110 -7.94 -2.20 61.22
CA GLU S 110 -9.28 -2.05 60.67
C GLU S 110 -10.00 -3.35 60.29
N GLN S 111 -9.27 -4.48 60.23
CA GLN S 111 -9.90 -5.77 59.91
C GLN S 111 -10.53 -6.26 61.21
N LEU S 112 -10.05 -5.69 62.30
CA LEU S 112 -10.55 -5.97 63.63
C LEU S 112 -11.57 -4.88 63.96
N ARG S 113 -11.52 -3.76 63.24
CA ARG S 113 -12.48 -2.65 63.41
C ARG S 113 -13.81 -3.04 62.76
N GLU S 114 -13.75 -3.64 61.56
CA GLU S 114 -14.94 -4.10 60.84
C GLU S 114 -15.46 -5.37 61.51
N LYS S 115 -14.76 -5.75 62.59
CA LYS S 115 -15.09 -6.92 63.40
C LYS S 115 -15.23 -6.47 64.88
N ASP S 116 -15.32 -5.15 65.08
CA ASP S 116 -15.50 -4.52 66.40
C ASP S 116 -16.66 -3.51 66.37
N LEU S 118 -18.81 -3.38 63.99
CA LEU S 118 -19.90 -4.19 63.45
C LEU S 118 -20.12 -5.39 64.37
N LEU S 119 -19.27 -5.51 65.40
CA LEU S 119 -19.37 -6.59 66.40
C LEU S 119 -19.93 -5.97 67.69
N ASP S 120 -19.73 -4.66 67.86
CA ASP S 120 -20.26 -3.93 69.02
C ASP S 120 -21.70 -3.59 68.68
N THR S 121 -22.07 -3.87 67.44
CA THR S 121 -23.42 -3.65 66.93
C THR S 121 -24.30 -4.87 67.26
N LEU S 122 -23.66 -6.00 67.53
CA LEU S 122 -24.37 -7.23 67.86
C LEU S 122 -25.08 -7.09 69.21
N LEU T 6 128.50 32.34 4.00
CA LEU T 6 127.65 33.11 4.96
C LEU T 6 126.21 33.23 4.49
N GLU T 7 125.94 32.78 3.25
CA GLU T 7 124.60 32.82 2.68
C GLU T 7 123.80 31.58 3.09
N GLU T 8 124.52 30.52 3.43
CA GLU T 8 123.90 29.27 3.85
C GLU T 8 123.18 29.47 5.18
N GLN T 9 123.70 30.36 6.02
CA GLN T 9 123.12 30.66 7.33
C GLN T 9 121.78 31.37 7.20
N LEU T 10 121.45 31.77 5.97
CA LEU T 10 120.19 32.42 5.67
C LEU T 10 119.25 31.26 5.32
N ASN T 11 119.86 30.18 4.83
CA ASN T 11 119.12 28.97 4.44
C ASN T 11 119.05 27.94 5.58
N LYS T 12 120.06 27.91 6.44
CA LYS T 12 120.03 26.96 7.56
C LYS T 12 119.20 27.57 8.68
N SER T 13 119.15 28.90 8.73
CA SER T 13 118.32 29.59 9.71
C SER T 13 116.93 29.36 9.14
N LEU T 14 116.88 29.20 7.81
CA LEU T 14 115.66 28.91 7.05
C LEU T 14 115.39 27.40 7.21
N LYS T 15 116.39 26.70 7.74
CA LYS T 15 116.31 25.27 7.99
C LYS T 15 115.83 25.15 9.43
N THR T 16 116.12 26.20 10.22
CA THR T 16 115.71 26.30 11.62
C THR T 16 114.26 26.81 11.59
N ILE T 17 113.84 27.23 10.40
CA ILE T 17 112.50 27.72 10.14
C ILE T 17 111.87 26.72 9.17
N ALA T 18 112.71 25.91 8.54
CA ALA T 18 112.24 24.86 7.64
C ALA T 18 111.72 23.90 8.68
N SER T 19 112.40 23.88 9.82
CA SER T 19 112.01 23.03 10.93
C SER T 19 110.73 23.65 11.47
N GLN T 20 110.50 24.92 11.14
CA GLN T 20 109.30 25.62 11.59
C GLN T 20 108.12 25.07 10.82
N LYS T 21 108.41 24.53 9.64
CA LYS T 21 107.36 23.94 8.83
C LYS T 21 107.01 22.61 9.49
N ALA T 22 108.06 21.81 9.77
CA ALA T 22 107.95 20.49 10.40
C ALA T 22 107.44 20.53 11.85
N ALA T 23 106.81 21.64 12.20
CA ALA T 23 106.24 21.85 13.54
C ALA T 23 104.91 22.57 13.43
N ILE T 24 104.59 23.02 12.22
CA ILE T 24 103.36 23.73 11.95
C ILE T 24 102.32 22.89 11.23
N GLU T 25 102.75 22.17 10.20
CA GLU T 25 101.84 21.31 9.46
C GLU T 25 101.14 20.34 10.42
N ASN T 26 101.87 19.92 11.45
CA ASN T 26 101.34 19.00 12.44
C ASN T 26 100.09 19.52 13.13
N TYR T 27 100.31 20.46 14.04
CA TYR T 27 99.25 21.06 14.85
C TYR T 27 98.00 21.35 14.07
N ASN T 28 97.96 22.51 13.43
CA ASN T 28 96.79 22.95 12.66
C ASN T 28 95.99 21.79 12.06
N GLN T 29 96.61 21.01 11.19
CA GLN T 29 95.95 19.89 10.54
C GLN T 29 95.38 18.93 11.60
N LEU T 30 96.25 18.32 12.41
CA LEU T 30 95.82 17.39 13.45
C LEU T 30 94.85 18.12 14.37
N LYS T 31 94.95 19.43 14.39
CA LYS T 31 94.09 20.24 15.22
C LYS T 31 92.78 20.42 14.46
N GLU T 32 92.85 20.48 13.15
CA GLU T 32 91.67 20.64 12.30
C GLU T 32 90.73 19.46 12.47
N ASP T 33 91.25 18.27 12.22
CA ASP T 33 90.47 17.04 12.34
C ASP T 33 90.00 16.90 13.81
N TYR T 34 90.75 17.51 14.72
CA TYR T 34 90.43 17.46 16.12
C TYR T 34 89.12 18.17 16.41
N ASN T 35 89.07 19.45 16.04
CA ASN T 35 87.88 20.26 16.26
C ASN T 35 86.64 19.57 15.74
N THR T 36 86.81 18.71 14.75
CA THR T 36 85.68 17.99 14.18
C THR T 36 85.12 16.99 15.19
N LEU T 37 85.97 16.15 15.77
CA LEU T 37 85.48 15.17 16.75
C LEU T 37 84.86 15.93 17.90
N LYS T 38 85.60 16.93 18.36
CA LYS T 38 85.15 17.76 19.46
C LYS T 38 83.68 18.13 19.33
N ARG T 39 83.31 18.63 18.15
CA ARG T 39 81.93 19.04 17.90
C ARG T 39 80.94 17.87 17.77
N GLU T 40 81.30 16.85 17.01
CA GLU T 40 80.40 15.72 16.85
C GLU T 40 80.17 15.09 18.21
N LEU T 41 81.12 15.28 19.12
CA LEU T 41 81.01 14.73 20.45
C LEU T 41 80.00 15.53 21.25
N SER T 42 80.20 16.83 21.26
CA SER T 42 79.29 17.72 21.98
C SER T 42 77.87 17.56 21.45
N ASP T 43 77.76 17.23 20.17
CA ASP T 43 76.48 17.04 19.52
C ASP T 43 75.73 15.85 20.13
N ARG T 44 76.48 14.81 20.49
CA ARG T 44 75.87 13.63 21.08
C ARG T 44 75.20 13.97 22.38
N ASP T 45 75.80 14.92 23.11
CA ASP T 45 75.26 15.33 24.40
C ASP T 45 73.81 15.74 24.35
N ASP T 46 73.40 16.33 23.23
CA ASP T 46 72.01 16.75 23.08
C ASP T 46 71.12 15.62 23.55
N GLU T 47 71.14 14.54 22.79
CA GLU T 47 70.33 13.37 23.08
C GLU T 47 70.43 12.98 24.55
N VAL T 48 71.64 12.90 25.06
CA VAL T 48 71.82 12.55 26.46
C VAL T 48 70.84 13.34 27.29
N LYS T 49 70.91 14.66 27.18
CA LYS T 49 70.02 15.52 27.91
C LYS T 49 68.62 15.41 27.35
N ARG T 50 68.50 15.72 26.06
CA ARG T 50 67.21 15.67 25.37
C ARG T 50 66.43 14.40 25.71
N LEU T 51 66.98 13.26 25.36
CA LEU T 51 66.31 11.99 25.63
C LEU T 51 65.95 11.89 27.12
N ARG T 52 66.94 12.13 27.98
CA ARG T 52 66.69 12.09 29.42
C ARG T 52 65.65 13.12 29.83
N GLU T 53 65.65 14.24 29.13
CA GLU T 53 64.68 15.30 29.40
C GLU T 53 63.29 14.74 29.11
N ASP T 54 63.11 14.27 27.87
CA ASP T 54 61.83 13.72 27.45
C ASP T 54 61.36 12.68 28.46
N ILE T 55 62.29 11.82 28.86
CA ILE T 55 62.01 10.77 29.82
C ILE T 55 61.67 11.41 31.17
N ALA T 56 62.44 12.43 31.51
CA ALA T 56 62.26 13.16 32.76
C ALA T 56 60.83 13.69 32.92
N LYS T 57 60.36 14.46 31.94
CA LYS T 57 59.01 15.01 32.01
C LYS T 57 58.02 13.86 32.14
N GLU T 58 58.37 12.70 31.58
CA GLU T 58 57.49 11.55 31.69
C GLU T 58 57.43 11.14 33.14
N ASN T 59 58.55 11.25 33.84
CA ASN T 59 58.60 10.90 35.27
C ASN T 59 57.63 11.78 36.07
N GLU T 60 57.78 13.09 35.98
CA GLU T 60 56.89 14.00 36.69
C GLU T 60 55.45 13.68 36.32
N LEU T 61 55.15 13.78 35.04
CA LEU T 61 53.81 13.50 34.51
C LEU T 61 53.31 12.17 35.03
N ARG T 62 54.07 11.11 34.73
CA ARG T 62 53.69 9.77 35.16
C ARG T 62 53.69 9.62 36.69
N THR T 63 54.66 10.24 37.35
CA THR T 63 54.71 10.15 38.81
C THR T 63 53.53 10.92 39.40
N LYS T 64 53.33 12.15 38.95
CA LYS T 64 52.23 12.97 39.44
C LYS T 64 50.89 12.33 39.07
N ALA T 65 50.82 11.70 37.89
CA ALA T 65 49.59 11.04 37.44
C ALA T 65 49.23 9.87 38.35
N GLU T 66 50.24 9.08 38.72
CA GLU T 66 50.03 7.92 39.61
C GLU T 66 49.61 8.39 40.99
N GLU T 67 50.14 9.54 41.39
CA GLU T 67 49.83 10.13 42.69
C GLU T 67 48.47 10.78 42.65
N GLU T 68 47.94 10.97 41.44
CA GLU T 68 46.62 11.57 41.27
C GLU T 68 45.56 10.47 41.17
N ALA T 69 45.98 9.29 40.74
CA ALA T 69 45.06 8.16 40.62
C ALA T 69 44.90 7.54 42.00
N ASP T 70 45.99 7.57 42.78
CA ASP T 70 45.99 7.02 44.14
C ASP T 70 44.93 7.80 44.90
N LYS T 71 44.67 9.00 44.42
CA LYS T 71 43.66 9.87 45.02
C LYS T 71 42.27 9.30 44.69
N LEU T 72 42.00 9.10 43.40
CA LEU T 72 40.72 8.55 42.96
C LEU T 72 40.43 7.29 43.72
N ASN T 73 41.26 6.28 43.50
CA ASN T 73 41.10 5.01 44.17
C ASN T 73 40.79 5.21 45.64
N LYS T 74 41.48 6.14 46.30
CA LYS T 74 41.26 6.40 47.72
C LYS T 74 39.88 6.99 47.98
N GLU T 75 39.48 7.95 47.15
CA GLU T 75 38.18 8.57 47.30
C GLU T 75 37.16 7.52 46.85
N VAL T 76 37.52 6.82 45.80
CA VAL T 76 36.68 5.75 45.28
C VAL T 76 36.36 4.86 46.49
N GLU T 77 37.39 4.51 47.26
CA GLU T 77 37.20 3.67 48.45
C GLU T 77 36.28 4.37 49.41
N ASP T 78 36.54 5.65 49.64
CA ASP T 78 35.73 6.43 50.56
C ASP T 78 34.23 6.41 50.20
N LEU T 79 33.92 6.16 48.93
CA LEU T 79 32.52 6.09 48.49
C LEU T 79 32.05 4.64 48.59
N THR T 80 32.91 3.74 48.12
CA THR T 80 32.64 2.32 48.13
C THR T 80 32.38 1.90 49.58
N ALA T 81 33.41 2.00 50.39
CA ALA T 81 33.30 1.65 51.79
C ALA T 81 32.08 2.30 52.44
N SER T 82 31.95 3.62 52.26
CA SER T 82 30.83 4.38 52.83
C SER T 82 29.50 3.75 52.45
N LEU T 83 29.39 3.34 51.18
CA LEU T 83 28.19 2.69 50.70
C LEU T 83 27.97 1.40 51.47
N PHE T 84 28.88 0.44 51.26
CA PHE T 84 28.81 -0.87 51.92
C PHE T 84 28.57 -0.71 53.42
N ASP T 85 28.90 0.47 53.93
CA ASP T 85 28.71 0.76 55.35
C ASP T 85 27.31 1.30 55.63
N GLU T 86 26.82 2.27 54.87
CA GLU T 86 25.48 2.79 55.15
C GLU T 86 24.47 1.65 55.13
N ALA T 87 24.83 0.59 54.44
CA ALA T 87 23.99 -0.58 54.37
C ALA T 87 23.98 -1.20 55.74
N ASN T 88 24.70 -0.59 56.68
CA ASN T 88 24.75 -1.10 58.04
C ASN T 88 23.46 -0.75 58.75
N ASN T 89 23.15 0.55 58.78
CA ASN T 89 21.95 1.04 59.44
C ASN T 89 20.71 0.56 58.70
N LEU T 90 20.57 0.96 57.45
CA LEU T 90 19.40 0.56 56.69
C LEU T 90 19.10 -0.94 56.81
N VAL T 91 20.10 -1.80 56.64
CA VAL T 91 19.83 -3.24 56.76
C VAL T 91 19.53 -3.64 58.21
N ALA T 92 20.18 -2.98 59.16
CA ALA T 92 19.95 -3.27 60.57
C ALA T 92 18.59 -2.70 60.93
N ASP T 93 18.37 -1.46 60.51
CA ASP T 93 17.14 -0.73 60.72
C ASP T 93 15.96 -1.61 60.28
N ALA T 94 15.92 -1.93 59.00
CA ALA T 94 14.86 -2.75 58.43
C ALA T 94 14.48 -3.91 59.33
N ARG T 95 15.39 -4.86 59.46
CA ARG T 95 15.14 -6.02 60.29
C ARG T 95 14.64 -5.58 61.65
N GLU T 97 12.96 -2.51 62.52
CA GLU T 97 11.60 -2.02 62.35
C GLU T 97 10.71 -3.20 61.98
N LYS T 98 11.33 -4.24 61.41
CA LYS T 98 10.61 -5.44 61.00
C LYS T 98 10.40 -6.34 62.20
N TYR T 99 11.39 -6.35 63.10
CA TYR T 99 11.32 -7.16 64.31
C TYR T 99 10.13 -6.70 65.16
N ALA T 100 9.82 -5.41 65.04
CA ALA T 100 8.71 -4.82 65.78
C ALA T 100 7.37 -5.40 65.33
N ILE T 101 7.06 -5.25 64.04
CA ILE T 101 5.80 -5.73 63.47
C ILE T 101 5.56 -7.21 63.78
N GLU T 102 6.63 -7.97 64.02
CA GLU T 102 6.50 -9.38 64.34
C GLU T 102 5.52 -9.50 65.48
N ILE T 103 5.73 -8.67 66.50
CA ILE T 103 4.91 -8.68 67.69
C ILE T 103 3.58 -7.92 67.52
N LEU T 104 3.50 -7.08 66.49
CA LEU T 104 2.28 -6.28 66.23
C LEU T 104 1.13 -7.12 65.69
N ASN T 105 1.41 -7.95 64.71
CA ASN T 105 0.38 -8.79 64.12
C ASN T 105 0.16 -10.09 64.89
N LYS T 106 0.90 -10.29 65.99
CA LYS T 106 0.75 -11.50 66.81
C LYS T 106 -0.57 -11.41 67.56
N ARG T 107 -1.01 -10.19 67.81
CA ARG T 107 -2.27 -9.93 68.47
C ARG T 107 -3.36 -10.22 67.44
N LEU T 108 -3.13 -9.74 66.22
CA LEU T 108 -4.05 -9.92 65.11
C LEU T 108 -4.56 -11.36 64.92
N THR T 109 -3.63 -12.31 64.95
CA THR T 109 -3.97 -13.73 64.76
C THR T 109 -4.71 -14.38 65.95
N GLU T 110 -4.28 -14.08 67.17
CA GLU T 110 -4.90 -14.66 68.36
C GLU T 110 -6.19 -13.95 68.79
N GLN T 111 -6.24 -12.62 68.61
CA GLN T 111 -7.40 -11.82 68.99
C GLN T 111 -8.56 -11.84 68.00
N LEU T 112 -8.25 -12.00 66.71
CA LEU T 112 -9.29 -12.03 65.69
C LEU T 112 -9.82 -13.43 65.45
N ARG T 113 -8.93 -14.34 65.05
CA ARG T 113 -9.30 -15.72 64.78
C ARG T 113 -9.95 -16.45 65.97
N GLU T 114 -9.62 -16.03 67.20
CA GLU T 114 -10.21 -16.63 68.39
C GLU T 114 -11.51 -15.88 68.69
N LYS T 115 -11.56 -14.62 68.23
CA LYS T 115 -12.71 -13.73 68.38
C LYS T 115 -13.86 -14.21 67.49
N ASP T 116 -13.51 -14.89 66.41
CA ASP T 116 -14.47 -15.43 65.45
C ASP T 116 -14.85 -16.88 65.78
N LEU T 118 -14.96 -18.13 68.99
CA LEU T 118 -15.82 -18.01 70.16
C LEU T 118 -17.15 -17.42 69.68
N LEU T 119 -17.06 -16.30 68.94
CA LEU T 119 -18.24 -15.60 68.40
C LEU T 119 -18.99 -16.48 67.40
#